data_2Y84
#
_entry.id   2Y84
#
_cell.length_a   81.200
_cell.length_b   111.500
_cell.length_c   213.300
_cell.angle_alpha   90.00
_cell.angle_beta   90.00
_cell.angle_gamma   90.00
#
_symmetry.space_group_name_H-M   'P 21 21 21'
#
loop_
_entity.id
_entity.type
_entity.pdbx_description
1 polymer 'LYSR-TYPE REGULATORY PROTEIN'
2 non-polymer GLYCEROL
3 water water
#
_entity_poly.entity_id   1
_entity_poly.type   'polypeptide(L)'
_entity_poly.pdbx_seq_one_letter_code
;MQTALTTRDSFDPFASTRTFNLAMTDIGEMYFMPPLMEALAQRAPHIQISTLRPNAGNLKEDMESGAVDLALGLLPELQT
GFFQRRLFRHRYVCMFRKDHPSAKSPMSLKQFTELEHVGVVALNTGHGEVDGLLERAGIKRRMRLVVPHFIAIGPILHST
DLIATVPQRFAVRCEVPFGLTTSPHPAKLPDIAINLFWHAKYNRDPGNMWLRQLFVELFSEAHHHHHH
;
_entity_poly.pdbx_strand_id   A,B,C,D,E,F,G,H
#
# COMPACT_ATOMS: atom_id res chain seq x y z
N ASP A 9 47.11 12.69 -15.46
CA ASP A 9 45.89 13.28 -14.93
C ASP A 9 44.66 12.95 -15.77
N SER A 10 44.87 12.56 -17.02
CA SER A 10 43.76 12.20 -17.90
C SER A 10 42.88 11.15 -17.23
N PHE A 11 41.57 11.29 -17.40
CA PHE A 11 40.63 10.35 -16.80
C PHE A 11 39.68 9.76 -17.84
N ASP A 12 39.75 8.45 -18.00
CA ASP A 12 38.87 7.73 -18.90
C ASP A 12 38.06 6.69 -18.13
N PRO A 13 36.79 7.00 -17.85
CA PRO A 13 35.86 6.18 -17.06
C PRO A 13 35.84 4.69 -17.44
N PHE A 14 35.98 4.38 -18.72
CA PHE A 14 35.80 3.00 -19.18
C PHE A 14 36.96 2.06 -18.82
N ALA A 15 38.15 2.62 -18.65
CA ALA A 15 39.34 1.80 -18.41
C ALA A 15 40.07 2.18 -17.13
N SER A 16 39.61 3.22 -16.46
CA SER A 16 40.26 3.70 -15.24
C SER A 16 40.13 2.71 -14.09
N THR A 17 41.24 2.46 -13.41
CA THR A 17 41.26 1.60 -12.23
C THR A 17 41.54 2.44 -10.99
N ARG A 18 41.19 3.72 -11.07
CA ARG A 18 41.48 4.68 -10.01
C ARG A 18 40.60 4.46 -8.78
N THR A 19 41.07 4.96 -7.64
CA THR A 19 40.32 4.86 -6.39
C THR A 19 40.00 6.23 -5.83
N PHE A 20 38.70 6.55 -5.77
CA PHE A 20 38.26 7.82 -5.21
C PHE A 20 37.89 7.67 -3.73
N ASN A 21 38.31 8.63 -2.93
CA ASN A 21 38.00 8.62 -1.49
C ASN A 21 36.95 9.66 -1.13
N LEU A 22 35.80 9.17 -0.66
CA LEU A 22 34.65 10.03 -0.40
C LEU A 22 34.38 10.17 1.10
N ALA A 23 34.23 11.41 1.55
CA ALA A 23 33.88 11.68 2.94
C ALA A 23 32.38 11.99 3.05
N MET A 24 31.70 11.26 3.92
CA MET A 24 30.27 11.44 4.12
C MET A 24 29.85 10.80 5.43
N THR A 25 28.63 11.11 5.88
CA THR A 25 28.13 10.57 7.13
C THR A 25 27.48 9.21 6.91
N ASP A 26 26.94 8.64 7.98
CA ASP A 26 26.27 7.35 7.92
C ASP A 26 25.00 7.44 7.09
N ILE A 27 24.32 8.58 7.18
CA ILE A 27 23.10 8.83 6.41
C ILE A 27 23.45 9.07 4.95
N GLY A 28 24.44 9.92 4.71
CA GLY A 28 24.89 10.20 3.36
C GLY A 28 25.39 8.93 2.68
N GLU A 29 26.14 8.12 3.43
CA GLU A 29 26.67 6.88 2.91
C GLU A 29 25.54 5.95 2.47
N MET A 30 24.48 5.91 3.28
CA MET A 30 23.34 5.05 3.01
C MET A 30 22.51 5.58 1.84
N TYR A 31 22.53 6.90 1.65
CA TYR A 31 21.72 7.53 0.62
C TYR A 31 22.45 7.63 -0.72
N PHE A 32 23.75 7.92 -0.67
CA PHE A 32 24.52 8.15 -1.88
C PHE A 32 25.05 6.88 -2.55
N MET A 33 25.56 5.96 -1.73
CA MET A 33 26.27 4.78 -2.25
C MET A 33 25.45 3.89 -3.18
N PRO A 34 24.24 3.48 -2.75
CA PRO A 34 23.44 2.59 -3.61
C PRO A 34 23.25 3.13 -5.03
N PRO A 35 22.76 4.37 -5.18
CA PRO A 35 22.60 4.91 -6.54
C PRO A 35 23.95 5.06 -7.23
N LEU A 36 24.97 5.47 -6.48
CA LEU A 36 26.29 5.69 -7.05
C LEU A 36 26.86 4.40 -7.60
N MET A 37 26.87 3.35 -6.78
CA MET A 37 27.43 2.07 -7.17
C MET A 37 26.65 1.45 -8.32
N GLU A 38 25.36 1.78 -8.39
CA GLU A 38 24.51 1.29 -9.46
C GLU A 38 24.86 1.98 -10.78
N ALA A 39 25.24 3.25 -10.69
CA ALA A 39 25.60 4.04 -11.85
C ALA A 39 26.99 3.70 -12.37
N LEU A 40 27.91 3.43 -11.44
CA LEU A 40 29.30 3.16 -11.81
C LEU A 40 29.45 1.82 -12.53
N ALA A 41 28.61 0.86 -12.17
CA ALA A 41 28.65 -0.45 -12.79
C ALA A 41 28.41 -0.34 -14.29
N GLN A 42 27.77 0.75 -14.69
CA GLN A 42 27.40 0.96 -16.09
C GLN A 42 28.24 2.04 -16.78
N ARG A 43 28.97 2.83 -16.01
CA ARG A 43 29.77 3.92 -16.57
CA ARG A 43 29.76 3.93 -16.57
C ARG A 43 31.24 3.81 -16.24
N ALA A 44 31.55 3.45 -15.00
CA ALA A 44 32.93 3.28 -14.57
C ALA A 44 33.14 1.94 -13.87
N PRO A 45 33.20 0.86 -14.65
CA PRO A 45 33.22 -0.52 -14.16
C PRO A 45 34.46 -0.88 -13.33
N HIS A 46 35.58 -0.21 -13.57
CA HIS A 46 36.84 -0.64 -12.97
C HIS A 46 37.37 0.29 -11.86
N ILE A 47 36.75 1.46 -11.69
CA ILE A 47 37.15 2.36 -10.63
C ILE A 47 36.69 1.80 -9.28
N GLN A 48 37.38 2.19 -8.21
N GLN A 48 37.41 2.17 -8.22
CA GLN A 48 37.03 1.75 -6.88
CA GLN A 48 37.01 1.76 -6.87
C GLN A 48 36.61 2.94 -6.00
C GLN A 48 36.58 2.96 -6.04
N ILE A 49 35.62 2.72 -5.14
CA ILE A 49 35.15 3.75 -4.23
C ILE A 49 35.43 3.38 -2.79
N SER A 50 35.90 4.35 -2.01
CA SER A 50 36.13 4.15 -0.59
C SER A 50 35.58 5.34 0.19
N THR A 51 34.79 5.05 1.22
CA THR A 51 34.17 6.11 2.01
C THR A 51 34.80 6.21 3.39
N LEU A 52 34.68 7.40 3.98
CA LEU A 52 35.16 7.64 5.33
C LEU A 52 34.28 8.67 6.01
N ARG A 53 34.41 8.78 7.33
CA ARG A 53 33.69 9.80 8.08
C ARG A 53 34.41 11.13 7.98
N PRO A 54 33.66 12.22 7.76
CA PRO A 54 34.26 13.54 7.62
C PRO A 54 35.07 13.89 8.87
N ASN A 55 34.64 13.35 9.99
CA ASN A 55 35.22 13.66 11.29
C ASN A 55 36.42 12.79 11.64
N ALA A 56 36.76 11.86 10.75
CA ALA A 56 37.85 10.92 11.00
C ALA A 56 39.17 11.36 10.38
N GLY A 57 39.80 12.38 10.97
CA GLY A 57 41.10 12.84 10.52
C GLY A 57 41.10 14.33 10.29
N ASN A 58 42.02 14.80 9.46
CA ASN A 58 42.08 16.21 9.11
C ASN A 58 41.53 16.40 7.71
N LEU A 59 40.20 16.52 7.61
CA LEU A 59 39.54 16.60 6.32
C LEU A 59 40.13 17.68 5.43
N LYS A 60 40.38 18.86 5.99
CA LYS A 60 40.98 19.94 5.22
C LYS A 60 42.31 19.52 4.62
N GLU A 61 43.22 19.08 5.48
CA GLU A 61 44.56 18.69 5.04
C GLU A 61 44.50 17.49 4.09
N ASP A 62 43.48 16.66 4.26
CA ASP A 62 43.31 15.48 3.41
C ASP A 62 42.84 15.85 2.01
N MET A 63 41.91 16.78 1.93
CA MET A 63 41.36 17.20 0.64
C MET A 63 42.34 18.05 -0.15
N GLU A 64 43.20 18.77 0.56
CA GLU A 64 44.23 19.59 -0.10
C GLU A 64 45.30 18.70 -0.69
N SER A 65 45.74 17.71 0.09
CA SER A 65 46.76 16.77 -0.36
C SER A 65 46.23 15.85 -1.45
N GLY A 66 44.93 15.59 -1.41
CA GLY A 66 44.29 14.75 -2.42
C GLY A 66 44.05 13.33 -1.96
N ALA A 67 44.13 13.10 -0.64
CA ALA A 67 43.84 11.80 -0.07
C ALA A 67 42.33 11.62 0.05
N VAL A 68 41.61 12.73 -0.04
CA VAL A 68 40.15 12.73 -0.06
C VAL A 68 39.66 13.57 -1.23
N ASP A 69 38.99 12.93 -2.17
CA ASP A 69 38.60 13.57 -3.42
C ASP A 69 37.38 14.49 -3.27
N LEU A 70 36.37 14.01 -2.55
CA LEU A 70 35.13 14.77 -2.39
C LEU A 70 34.57 14.66 -0.98
N ALA A 71 33.80 15.68 -0.58
CA ALA A 71 33.15 15.68 0.73
C ALA A 71 31.68 16.02 0.59
N LEU A 72 30.82 15.22 1.21
CA LEU A 72 29.39 15.48 1.15
C LEU A 72 28.81 15.70 2.55
N GLY A 73 27.88 16.65 2.66
CA GLY A 73 27.24 16.93 3.92
C GLY A 73 27.15 18.41 4.22
N LEU A 74 27.10 18.75 5.50
CA LEU A 74 26.95 20.13 5.92
C LEU A 74 28.31 20.82 5.90
N LEU A 75 29.22 20.35 6.75
CA LEU A 75 30.62 20.79 6.73
C LEU A 75 30.79 22.30 6.65
N PRO A 76 30.32 23.02 7.69
CA PRO A 76 30.47 24.47 7.73
C PRO A 76 31.93 24.86 7.90
N GLU A 77 32.78 23.87 8.21
CA GLU A 77 34.19 24.13 8.46
C GLU A 77 34.94 24.46 7.18
N LEU A 78 34.54 23.82 6.08
CA LEU A 78 35.19 24.05 4.79
C LEU A 78 34.72 25.37 4.19
N GLN A 79 35.63 26.34 4.12
CA GLN A 79 35.29 27.65 3.59
C GLN A 79 36.22 28.12 2.48
N THR A 80 37.31 28.79 2.84
CA THR A 80 38.23 29.33 1.84
C THR A 80 39.15 28.24 1.28
N GLY A 81 39.20 28.14 -0.04
CA GLY A 81 40.01 27.13 -0.70
C GLY A 81 39.20 25.90 -1.06
N PHE A 82 37.89 25.98 -0.82
CA PHE A 82 37.00 24.86 -1.10
C PHE A 82 35.84 25.29 -2.00
N PHE A 83 35.69 24.61 -3.13
CA PHE A 83 34.54 24.81 -3.97
C PHE A 83 33.35 24.04 -3.41
N GLN A 84 32.14 24.49 -3.72
CA GLN A 84 30.96 23.95 -3.08
C GLN A 84 29.77 23.91 -4.04
N ARG A 85 29.04 22.80 -4.02
CA ARG A 85 27.90 22.62 -4.91
C ARG A 85 26.70 22.09 -4.14
N ARG A 86 25.59 22.83 -4.16
CA ARG A 86 24.39 22.37 -3.47
C ARG A 86 23.74 21.21 -4.22
N LEU A 87 23.32 20.20 -3.47
CA LEU A 87 22.64 19.06 -4.05
C LEU A 87 21.16 19.10 -3.71
N PHE A 88 20.84 19.32 -2.44
CA PHE A 88 19.45 19.38 -2.01
C PHE A 88 19.30 19.80 -0.55
N ARG A 89 18.09 20.19 -0.20
CA ARG A 89 17.73 20.43 1.20
C ARG A 89 16.58 19.50 1.56
N HIS A 90 16.60 18.98 2.78
CA HIS A 90 15.53 18.12 3.24
C HIS A 90 15.23 18.38 4.71
N ARG A 91 14.02 18.05 5.15
CA ARG A 91 13.59 18.41 6.49
C ARG A 91 13.61 17.21 7.44
N TYR A 92 13.48 17.50 8.73
CA TYR A 92 13.31 16.46 9.73
C TYR A 92 11.85 16.03 9.74
N VAL A 93 11.62 14.75 9.99
CA VAL A 93 10.27 14.21 10.07
C VAL A 93 10.16 13.23 11.22
N CYS A 94 8.93 12.93 11.62
CA CYS A 94 8.69 11.91 12.63
C CYS A 94 8.53 10.56 11.96
N MET A 95 9.26 9.56 12.43
CA MET A 95 9.15 8.22 11.88
C MET A 95 8.66 7.23 12.93
N PHE A 96 7.59 6.52 12.60
CA PHE A 96 7.03 5.50 13.47
C PHE A 96 6.58 4.34 12.59
N ARG A 97 6.34 3.18 13.19
CA ARG A 97 5.90 2.03 12.40
C ARG A 97 4.48 2.25 11.88
N LYS A 98 4.21 1.70 10.71
CA LYS A 98 2.94 1.93 10.02
C LYS A 98 1.73 1.48 10.83
N ASP A 99 1.91 0.47 11.68
CA ASP A 99 0.81 -0.06 12.47
C ASP A 99 0.83 0.45 13.91
N HIS A 100 1.53 1.55 14.13
CA HIS A 100 1.59 2.17 15.45
C HIS A 100 0.18 2.47 15.93
N PRO A 101 -0.12 2.13 17.19
CA PRO A 101 -1.47 2.26 17.75
C PRO A 101 -1.90 3.71 17.95
N SER A 102 -0.96 4.60 18.25
CA SER A 102 -1.30 5.99 18.56
C SER A 102 -0.92 6.99 17.47
N ALA A 103 0.35 6.94 17.05
CA ALA A 103 0.90 7.93 16.12
C ALA A 103 0.03 8.21 14.90
N LYS A 104 -0.25 9.48 14.66
CA LYS A 104 -0.99 9.91 13.48
C LYS A 104 -0.12 10.76 12.56
N SER A 105 -0.66 11.03 11.37
CA SER A 105 -0.05 11.98 10.44
C SER A 105 -1.13 12.88 9.86
N PRO A 106 -0.97 14.19 10.02
CA PRO A 106 0.18 14.81 10.69
C PRO A 106 0.13 14.66 12.21
N MET A 107 1.28 14.42 12.81
CA MET A 107 1.36 14.33 14.26
C MET A 107 1.28 15.71 14.87
N SER A 108 0.54 15.84 15.96
CA SER A 108 0.42 17.11 16.67
C SER A 108 1.60 17.33 17.60
N LEU A 109 1.88 18.59 17.91
CA LEU A 109 2.96 18.92 18.82
C LEU A 109 2.66 18.37 20.21
N LYS A 110 1.38 18.14 20.48
CA LYS A 110 0.94 17.63 21.77
C LYS A 110 1.20 16.12 21.88
N GLN A 111 0.88 15.38 20.83
CA GLN A 111 1.11 13.94 20.81
C GLN A 111 2.60 13.63 20.76
N PHE A 112 3.35 14.48 20.07
CA PHE A 112 4.80 14.33 19.96
C PHE A 112 5.45 14.29 21.33
N THR A 113 4.83 14.97 22.29
CA THR A 113 5.39 15.06 23.64
C THR A 113 4.83 13.99 24.58
N GLU A 114 3.87 13.22 24.07
CA GLU A 114 3.23 12.18 24.88
C GLU A 114 3.70 10.78 24.50
N LEU A 115 4.37 10.67 23.37
CA LEU A 115 4.90 9.40 22.91
C LEU A 115 6.35 9.26 23.35
N GLU A 116 6.83 8.03 23.44
CA GLU A 116 8.21 7.78 23.85
C GLU A 116 9.15 7.77 22.66
N HIS A 117 10.31 8.39 22.82
CA HIS A 117 11.20 8.64 21.69
C HIS A 117 12.46 7.77 21.72
N VAL A 118 13.05 7.60 20.54
CA VAL A 118 14.38 7.04 20.41
C VAL A 118 15.27 8.08 19.75
N GLY A 119 16.20 8.64 20.52
CA GLY A 119 17.00 9.74 20.04
C GLY A 119 18.35 9.33 19.49
N VAL A 120 18.83 10.09 18.51
CA VAL A 120 20.15 9.89 17.96
C VAL A 120 21.04 11.08 18.33
N VAL A 121 22.21 10.79 18.89
CA VAL A 121 23.12 11.85 19.30
C VAL A 121 23.63 12.64 18.11
N ALA A 122 24.00 11.92 17.05
CA ALA A 122 24.54 12.55 15.85
C ALA A 122 25.55 13.63 16.23
N LEU A 123 26.52 13.25 17.05
CA LEU A 123 27.52 14.19 17.54
C LEU A 123 28.33 14.76 16.39
N ASN A 124 28.74 16.01 16.53
CA ASN A 124 29.59 16.66 15.53
C ASN A 124 29.00 16.59 14.13
N THR A 125 27.67 16.67 14.05
CA THR A 125 26.97 16.79 12.78
C THR A 125 25.80 17.73 12.96
N GLY A 126 25.15 18.10 11.87
CA GLY A 126 24.01 18.98 11.93
C GLY A 126 22.84 18.33 12.65
N HIS A 127 22.71 17.01 12.50
CA HIS A 127 21.58 16.29 13.07
C HIS A 127 21.66 16.18 14.59
N GLY A 128 22.76 16.67 15.15
CA GLY A 128 22.96 16.61 16.59
C GLY A 128 22.49 17.87 17.30
N GLU A 129 22.02 18.84 16.53
CA GLU A 129 21.56 20.11 17.09
C GLU A 129 20.07 20.07 17.40
N VAL A 130 19.43 18.98 16.98
CA VAL A 130 17.99 18.82 17.13
C VAL A 130 17.53 18.83 18.59
N ASP A 131 18.13 17.95 19.40
CA ASP A 131 17.76 17.81 20.80
CA ASP A 131 17.72 17.80 20.79
C ASP A 131 17.69 19.15 21.52
N GLY A 132 18.65 20.02 21.25
CA GLY A 132 18.70 21.33 21.86
C GLY A 132 17.61 22.28 21.35
N LEU A 133 17.35 22.20 20.05
CA LEU A 133 16.31 23.01 19.43
C LEU A 133 14.94 22.76 20.07
N LEU A 134 14.65 21.50 20.36
CA LEU A 134 13.36 21.13 20.94
C LEU A 134 13.26 21.55 22.40
N GLU A 135 14.35 21.40 23.14
CA GLU A 135 14.39 21.81 24.54
C GLU A 135 14.06 23.29 24.68
N ARG A 136 14.65 24.11 23.82
CA ARG A 136 14.48 25.57 23.90
C ARG A 136 13.08 26.01 23.51
N ALA A 137 12.28 25.07 23.00
CA ALA A 137 10.88 25.34 22.69
C ALA A 137 10.00 24.88 23.84
N GLY A 138 10.64 24.42 24.92
CA GLY A 138 9.93 23.95 26.09
C GLY A 138 9.49 22.51 25.99
N ILE A 139 9.83 21.87 24.88
CA ILE A 139 9.43 20.49 24.64
C ILE A 139 10.39 19.50 25.29
N LYS A 140 9.92 18.84 26.34
CA LYS A 140 10.73 17.85 27.05
C LYS A 140 10.29 16.44 26.67
N ARG A 141 10.94 15.88 25.66
CA ARG A 141 10.59 14.55 25.16
C ARG A 141 10.92 13.45 26.17
N ARG A 142 10.17 12.36 26.12
CA ARG A 142 10.49 11.19 26.91
C ARG A 142 11.50 10.34 26.13
N MET A 143 12.78 10.55 26.44
CA MET A 143 13.86 9.87 25.75
C MET A 143 14.10 8.47 26.34
N ARG A 144 13.32 7.52 25.87
CA ARG A 144 13.40 6.16 26.39
CA ARG A 144 13.38 6.14 26.36
C ARG A 144 14.68 5.46 25.93
N LEU A 145 15.11 5.73 24.70
CA LEU A 145 16.34 5.15 24.18
C LEU A 145 17.15 6.20 23.42
N VAL A 146 18.47 6.17 23.60
CA VAL A 146 19.36 7.07 22.89
C VAL A 146 20.54 6.33 22.29
N VAL A 147 20.75 6.51 20.98
CA VAL A 147 21.83 5.85 20.27
C VAL A 147 22.72 6.87 19.56
N PRO A 148 24.00 6.51 19.35
CA PRO A 148 24.97 7.43 18.74
C PRO A 148 24.67 7.68 17.26
N HIS A 149 24.22 6.66 16.54
CA HIS A 149 24.01 6.78 15.10
C HIS A 149 22.64 6.25 14.66
N PHE A 150 22.43 6.19 13.35
CA PHE A 150 21.10 5.93 12.79
C PHE A 150 20.85 4.46 12.42
N ILE A 151 21.90 3.67 12.32
CA ILE A 151 21.82 2.32 11.77
C ILE A 151 20.66 1.47 12.32
N ALA A 152 20.43 1.53 13.63
CA ALA A 152 19.45 0.66 14.27
C ALA A 152 18.05 1.25 14.35
N ILE A 153 17.91 2.51 13.97
CA ILE A 153 16.63 3.21 14.09
C ILE A 153 15.50 2.47 13.35
N GLY A 154 15.79 1.99 12.15
CA GLY A 154 14.80 1.27 11.37
C GLY A 154 14.23 0.08 12.10
N PRO A 155 15.08 -0.89 12.46
CA PRO A 155 14.68 -2.09 13.20
C PRO A 155 14.02 -1.76 14.54
N ILE A 156 14.54 -0.77 15.25
CA ILE A 156 14.01 -0.41 16.56
C ILE A 156 12.56 0.06 16.47
N LEU A 157 12.27 0.90 15.48
CA LEU A 157 10.91 1.41 15.29
C LEU A 157 9.98 0.29 14.84
N HIS A 158 10.51 -0.64 14.05
CA HIS A 158 9.73 -1.75 13.52
C HIS A 158 9.13 -2.61 14.63
N SER A 159 9.86 -2.75 15.73
CA SER A 159 9.47 -3.65 16.80
C SER A 159 9.02 -2.95 18.08
N THR A 160 8.93 -1.62 18.04
CA THR A 160 8.50 -0.86 19.20
C THR A 160 7.48 0.21 18.85
N ASP A 161 7.04 0.95 19.86
CA ASP A 161 6.11 2.05 19.67
C ASP A 161 6.82 3.39 19.86
N LEU A 162 8.15 3.35 19.83
CA LEU A 162 8.95 4.56 19.92
C LEU A 162 8.86 5.32 18.60
N ILE A 163 8.93 6.64 18.68
CA ILE A 163 8.99 7.47 17.48
C ILE A 163 10.32 8.21 17.44
N ALA A 164 10.78 8.55 16.24
CA ALA A 164 12.09 9.18 16.10
C ALA A 164 12.06 10.41 15.21
N THR A 165 12.88 11.41 15.56
CA THR A 165 13.08 12.57 14.71
C THR A 165 14.23 12.27 13.77
N VAL A 166 13.95 12.26 12.47
CA VAL A 166 14.91 11.77 11.49
C VAL A 166 14.89 12.56 10.18
N PRO A 167 16.07 12.76 9.57
CA PRO A 167 16.20 13.39 8.26
C PRO A 167 15.37 12.66 7.21
N GLN A 168 14.67 13.42 6.38
CA GLN A 168 13.73 12.86 5.42
C GLN A 168 14.37 11.84 4.46
N ARG A 169 15.58 12.14 3.99
CA ARG A 169 16.29 11.22 3.10
C ARG A 169 16.57 9.88 3.76
N PHE A 170 16.73 9.87 5.08
CA PHE A 170 16.96 8.65 5.83
C PHE A 170 15.68 7.83 5.92
N ALA A 171 14.59 8.49 6.26
CA ALA A 171 13.29 7.83 6.38
C ALA A 171 12.89 7.15 5.07
N VAL A 172 13.21 7.82 3.95
CA VAL A 172 12.92 7.27 2.63
C VAL A 172 13.60 5.93 2.41
N ARG A 173 14.83 5.79 2.89
CA ARG A 173 15.58 4.55 2.75
C ARG A 173 15.07 3.46 3.69
N CYS A 174 14.12 3.82 4.55
CA CYS A 174 13.68 2.91 5.61
C CYS A 174 12.20 2.55 5.58
N GLU A 175 11.37 3.45 5.06
CA GLU A 175 9.92 3.25 5.09
C GLU A 175 9.47 1.87 4.61
N VAL A 176 9.73 1.56 3.34
CA VAL A 176 9.30 0.29 2.77
C VAL A 176 9.98 -0.93 3.40
N PRO A 177 11.32 -0.90 3.49
CA PRO A 177 12.05 -2.06 4.02
C PRO A 177 11.63 -2.46 5.43
N PHE A 178 11.34 -1.49 6.29
CA PHE A 178 11.04 -1.78 7.70
C PHE A 178 9.58 -1.56 8.08
N GLY A 179 8.71 -1.40 7.08
CA GLY A 179 7.30 -1.18 7.32
C GLY A 179 7.05 0.02 8.21
N LEU A 180 7.61 1.17 7.82
CA LEU A 180 7.47 2.40 8.58
C LEU A 180 6.72 3.46 7.79
N THR A 181 6.37 4.55 8.46
CA THR A 181 5.71 5.68 7.82
C THR A 181 6.11 6.96 8.53
N THR A 182 6.04 8.09 7.83
CA THR A 182 6.49 9.35 8.39
C THR A 182 5.38 10.40 8.46
N SER A 183 5.58 11.38 9.33
CA SER A 183 4.69 12.53 9.44
C SER A 183 5.52 13.80 9.37
N PRO A 184 4.95 14.87 8.80
CA PRO A 184 5.63 16.17 8.86
C PRO A 184 5.87 16.54 10.32
N HIS A 185 7.00 17.17 10.60
CA HIS A 185 7.35 17.44 11.99
C HIS A 185 6.52 18.57 12.61
N PRO A 186 5.88 18.27 13.77
CA PRO A 186 5.07 19.22 14.53
C PRO A 186 5.88 20.40 15.07
N ALA A 187 7.20 20.24 15.16
CA ALA A 187 8.05 21.26 15.75
C ALA A 187 8.75 22.10 14.69
N LYS A 188 9.25 23.26 15.12
CA LYS A 188 9.99 24.16 14.24
C LYS A 188 11.46 23.79 14.24
N LEU A 189 11.87 23.01 13.25
CA LEU A 189 13.27 22.70 13.06
C LEU A 189 13.66 23.19 11.68
N PRO A 190 14.91 23.64 11.50
CA PRO A 190 15.28 24.09 10.16
C PRO A 190 15.37 22.89 9.25
N ASP A 191 15.64 23.11 7.97
CA ASP A 191 15.89 21.98 7.07
C ASP A 191 17.40 21.83 6.85
N ILE A 192 17.79 20.72 6.24
CA ILE A 192 19.19 20.34 6.18
C ILE A 192 19.75 20.47 4.76
N ALA A 193 20.74 21.33 4.61
CA ALA A 193 21.35 21.57 3.30
C ALA A 193 22.55 20.65 3.06
N ILE A 194 22.38 19.69 2.16
CA ILE A 194 23.44 18.77 1.81
C ILE A 194 24.21 19.27 0.59
N ASN A 195 25.50 19.54 0.77
CA ASN A 195 26.33 20.04 -0.33
C ASN A 195 27.45 19.10 -0.74
N LEU A 196 28.04 19.41 -1.89
CA LEU A 196 29.19 18.67 -2.41
C LEU A 196 30.42 19.56 -2.31
N PHE A 197 31.55 18.97 -1.91
CA PHE A 197 32.77 19.74 -1.67
C PHE A 197 33.98 19.20 -2.41
N TRP A 198 34.83 20.11 -2.88
CA TRP A 198 36.12 19.73 -3.44
C TRP A 198 37.11 20.89 -3.30
N HIS A 199 38.36 20.57 -3.01
CA HIS A 199 39.38 21.59 -2.79
C HIS A 199 39.71 22.33 -4.08
N ALA A 200 40.20 23.56 -3.95
CA ALA A 200 40.51 24.39 -5.10
C ALA A 200 41.53 23.74 -6.03
N LYS A 201 42.48 23.03 -5.45
CA LYS A 201 43.57 22.42 -6.22
C LYS A 201 43.10 21.34 -7.19
N TYR A 202 41.82 21.01 -7.15
CA TYR A 202 41.29 19.93 -7.99
C TYR A 202 40.05 20.37 -8.77
N ASN A 203 39.96 21.66 -9.05
CA ASN A 203 38.86 22.18 -9.85
C ASN A 203 39.02 21.77 -11.31
N ARG A 204 40.27 21.62 -11.75
CA ARG A 204 40.58 21.26 -13.13
C ARG A 204 41.11 19.83 -13.24
N ASP A 205 40.89 19.03 -12.21
CA ASP A 205 41.25 17.62 -12.26
C ASP A 205 40.13 16.84 -12.93
N PRO A 206 40.38 16.35 -14.15
CA PRO A 206 39.39 15.64 -14.97
C PRO A 206 38.67 14.51 -14.22
N GLY A 207 39.43 13.68 -13.51
CA GLY A 207 38.85 12.59 -12.75
C GLY A 207 37.93 13.10 -11.66
N ASN A 208 38.35 14.19 -11.01
CA ASN A 208 37.57 14.80 -9.95
C ASN A 208 36.32 15.48 -10.51
N MET A 209 36.48 16.21 -11.60
CA MET A 209 35.36 16.88 -12.27
C MET A 209 34.31 15.87 -12.69
N TRP A 210 34.76 14.74 -13.23
CA TRP A 210 33.86 13.71 -13.75
C TRP A 210 32.96 13.14 -12.67
N LEU A 211 33.57 12.60 -11.61
CA LEU A 211 32.81 12.02 -10.50
C LEU A 211 31.95 13.09 -9.85
N ARG A 212 32.50 14.31 -9.81
CA ARG A 212 31.81 15.45 -9.23
C ARG A 212 30.47 15.70 -9.94
N GLN A 213 30.50 15.62 -11.27
CA GLN A 213 29.31 15.88 -12.07
C GLN A 213 28.30 14.74 -12.00
N LEU A 214 28.79 13.54 -11.69
CA LEU A 214 27.92 12.38 -11.54
C LEU A 214 27.06 12.55 -10.30
N PHE A 215 27.62 13.18 -9.27
CA PHE A 215 26.89 13.48 -8.06
C PHE A 215 25.81 14.52 -8.33
N VAL A 216 26.16 15.54 -9.10
CA VAL A 216 25.22 16.59 -9.46
C VAL A 216 24.06 16.00 -10.25
N GLU A 217 24.40 15.18 -11.23
CA GLU A 217 23.39 14.55 -12.08
C GLU A 217 22.49 13.60 -11.32
N LEU A 218 23.08 12.81 -10.42
CA LEU A 218 22.32 11.79 -9.70
C LEU A 218 21.55 12.34 -8.50
N PHE A 219 22.06 13.41 -7.89
CA PHE A 219 21.60 13.79 -6.55
C PHE A 219 21.07 15.21 -6.36
N SER A 220 21.25 16.08 -7.33
CA SER A 220 20.79 17.47 -7.14
C SER A 220 19.30 17.64 -7.41
N GLU A 221 18.56 18.01 -6.37
CA GLU A 221 17.12 18.27 -6.48
C GLU A 221 16.82 19.76 -6.59
N SER B 10 -1.86 -21.64 30.94
CA SER B 10 -2.92 -21.04 30.14
C SER B 10 -4.13 -20.72 31.01
N PHE B 11 -5.13 -20.09 30.40
CA PHE B 11 -6.33 -19.66 31.13
C PHE B 11 -7.50 -20.60 30.85
N ASP B 12 -8.24 -20.93 31.89
CA ASP B 12 -9.47 -21.72 31.73
C ASP B 12 -10.67 -20.79 31.84
N PRO B 13 -11.09 -20.19 30.72
CA PRO B 13 -12.20 -19.23 30.70
C PRO B 13 -13.52 -19.85 31.12
N PHE B 14 -13.64 -21.17 30.99
CA PHE B 14 -14.90 -21.85 31.26
C PHE B 14 -15.08 -22.15 32.74
N ALA B 15 -13.98 -22.21 33.47
CA ALA B 15 -14.03 -22.50 34.90
C ALA B 15 -13.86 -21.26 35.74
N SER B 16 -13.43 -20.17 35.12
CA SER B 16 -13.15 -18.92 35.82
C SER B 16 -14.42 -18.30 36.40
N THR B 17 -14.31 -17.81 37.63
CA THR B 17 -15.39 -17.08 38.28
C THR B 17 -14.90 -15.69 38.64
N ARG B 18 -13.86 -15.27 37.92
CA ARG B 18 -13.19 -13.99 38.17
C ARG B 18 -14.01 -12.81 37.68
N THR B 19 -13.94 -11.70 38.42
CA THR B 19 -14.64 -10.48 38.05
C THR B 19 -13.71 -9.48 37.37
N PHE B 20 -13.98 -9.21 36.10
CA PHE B 20 -13.18 -8.26 35.34
C PHE B 20 -13.81 -6.87 35.36
N ASN B 21 -13.00 -5.87 35.68
CA ASN B 21 -13.44 -4.49 35.68
C ASN B 21 -12.95 -3.74 34.45
N LEU B 22 -13.89 -3.27 33.63
CA LEU B 22 -13.55 -2.63 32.36
C LEU B 22 -13.98 -1.18 32.33
N ALA B 23 -13.07 -0.31 31.88
CA ALA B 23 -13.36 1.11 31.78
C ALA B 23 -13.74 1.50 30.35
N MET B 24 -14.83 2.24 30.22
CA MET B 24 -15.31 2.66 28.90
C MET B 24 -16.35 3.76 29.02
N THR B 25 -16.50 4.54 27.95
CA THR B 25 -17.50 5.61 27.92
C THR B 25 -18.89 5.02 27.79
N ASP B 26 -19.89 5.89 27.78
CA ASP B 26 -21.28 5.45 27.68
C ASP B 26 -21.59 4.85 26.31
N ILE B 27 -20.86 5.31 25.28
CA ILE B 27 -21.00 4.76 23.95
C ILE B 27 -20.32 3.40 23.88
N GLY B 28 -19.07 3.36 24.33
CA GLY B 28 -18.30 2.13 24.33
C GLY B 28 -19.01 1.03 25.08
N GLU B 29 -19.65 1.38 26.19
CA GLU B 29 -20.42 0.41 26.95
C GLU B 29 -21.56 -0.13 26.10
N MET B 30 -22.23 0.78 25.39
CA MET B 30 -23.35 0.41 24.54
C MET B 30 -22.93 -0.44 23.35
N TYR B 31 -21.74 -0.16 22.82
CA TYR B 31 -21.24 -0.87 21.65
C TYR B 31 -20.56 -2.18 22.00
N PHE B 32 -19.77 -2.17 23.06
CA PHE B 32 -18.96 -3.33 23.42
C PHE B 32 -19.71 -4.42 24.19
N MET B 33 -20.64 -4.02 25.05
CA MET B 33 -21.24 -4.96 26.00
C MET B 33 -22.15 -6.04 25.40
N PRO B 34 -23.08 -5.65 24.50
CA PRO B 34 -23.97 -6.68 23.95
C PRO B 34 -23.23 -7.83 23.26
N PRO B 35 -22.31 -7.53 22.32
CA PRO B 35 -21.59 -8.60 21.64
C PRO B 35 -20.70 -9.40 22.60
N LEU B 36 -20.20 -8.73 23.64
CA LEU B 36 -19.30 -9.37 24.59
C LEU B 36 -20.04 -10.36 25.49
N MET B 37 -21.10 -9.89 26.12
CA MET B 37 -21.90 -10.73 27.00
C MET B 37 -22.48 -11.90 26.22
N GLU B 38 -22.67 -11.70 24.92
CA GLU B 38 -23.17 -12.75 24.06
C GLU B 38 -22.09 -13.80 23.81
N ALA B 39 -20.85 -13.35 23.75
CA ALA B 39 -19.70 -14.23 23.54
C ALA B 39 -19.34 -14.99 24.81
N LEU B 40 -19.43 -14.29 25.94
CA LEU B 40 -19.07 -14.88 27.23
C LEU B 40 -20.07 -15.95 27.66
N ALA B 41 -21.33 -15.76 27.28
CA ALA B 41 -22.38 -16.69 27.65
C ALA B 41 -22.02 -18.12 27.29
N GLN B 42 -21.28 -18.29 26.20
CA GLN B 42 -20.94 -19.62 25.70
C GLN B 42 -19.50 -20.01 26.01
N ARG B 43 -18.66 -19.02 26.29
CA ARG B 43 -17.23 -19.28 26.43
C ARG B 43 -16.68 -19.01 27.83
N ALA B 44 -17.38 -18.18 28.60
CA ALA B 44 -16.99 -17.90 29.97
C ALA B 44 -18.24 -17.64 30.83
N PRO B 45 -19.08 -18.66 31.00
CA PRO B 45 -20.41 -18.56 31.62
C PRO B 45 -20.40 -18.13 33.09
N HIS B 46 -19.24 -18.21 33.75
CA HIS B 46 -19.20 -18.01 35.20
C HIS B 46 -18.49 -16.73 35.65
N ILE B 47 -17.75 -16.10 34.75
CA ILE B 47 -17.04 -14.86 35.08
C ILE B 47 -18.04 -13.73 35.23
N GLN B 48 -17.64 -12.68 35.95
CA GLN B 48 -18.51 -11.53 36.14
C GLN B 48 -17.88 -10.26 35.56
N ILE B 49 -18.62 -9.58 34.70
CA ILE B 49 -18.14 -8.34 34.09
C ILE B 49 -18.75 -7.13 34.79
N SER B 50 -17.90 -6.16 35.09
CA SER B 50 -18.35 -4.91 35.71
C SER B 50 -17.65 -3.74 35.04
N THR B 51 -18.42 -2.72 34.66
CA THR B 51 -17.87 -1.59 33.94
C THR B 51 -17.90 -0.31 34.74
N LEU B 52 -17.13 0.67 34.28
CA LEU B 52 -17.04 1.97 34.93
C LEU B 52 -16.58 2.99 33.90
N ARG B 53 -16.89 4.27 34.15
CA ARG B 53 -16.43 5.34 33.28
C ARG B 53 -14.97 5.64 33.53
N PRO B 54 -14.21 5.98 32.47
CA PRO B 54 -12.78 6.27 32.58
C PRO B 54 -12.48 7.44 33.52
N ASN B 55 -13.45 8.34 33.69
CA ASN B 55 -13.26 9.51 34.54
C ASN B 55 -13.31 9.18 36.03
N ALA B 56 -14.09 8.15 36.38
CA ALA B 56 -14.24 7.75 37.77
C ALA B 56 -12.91 7.29 38.37
N GLY B 57 -12.63 7.77 39.59
CA GLY B 57 -11.39 7.44 40.27
C GLY B 57 -10.19 7.78 39.41
N ASN B 58 -9.01 7.34 39.85
CA ASN B 58 -7.81 7.51 39.04
C ASN B 58 -7.55 6.25 38.23
N LEU B 59 -8.00 6.25 36.98
CA LEU B 59 -7.87 5.08 36.11
C LEU B 59 -6.43 4.58 36.06
N LYS B 60 -5.49 5.51 35.99
CA LYS B 60 -4.06 5.20 35.88
C LYS B 60 -3.64 4.43 37.14
N GLU B 61 -4.06 4.96 38.30
CA GLU B 61 -3.74 4.38 39.61
C GLU B 61 -4.40 3.01 39.78
N ASP B 62 -5.64 2.90 39.29
CA ASP B 62 -6.44 1.69 39.45
C ASP B 62 -6.06 0.55 38.48
N MET B 63 -5.64 0.90 37.25
CA MET B 63 -5.23 -0.09 36.26
C MET B 63 -3.93 -0.78 36.67
N GLU B 64 -2.99 -0.01 37.22
CA GLU B 64 -1.69 -0.54 37.67
C GLU B 64 -1.85 -1.35 38.97
N SER B 65 -2.85 -1.02 39.79
CA SER B 65 -3.05 -1.74 41.06
C SER B 65 -3.91 -3.00 40.87
N GLY B 66 -4.61 -3.09 39.73
CA GLY B 66 -5.41 -4.28 39.48
C GLY B 66 -6.90 -4.09 39.65
N ALA B 67 -7.30 -2.90 40.08
CA ALA B 67 -8.73 -2.62 40.28
C ALA B 67 -9.46 -2.51 38.95
N VAL B 68 -8.74 -2.12 37.91
CA VAL B 68 -9.27 -2.06 36.57
C VAL B 68 -8.42 -2.89 35.62
N ASP B 69 -9.03 -3.91 35.03
CA ASP B 69 -8.30 -4.83 34.16
C ASP B 69 -7.99 -4.22 32.79
N LEU B 70 -9.02 -3.75 32.11
CA LEU B 70 -8.85 -3.16 30.78
C LEU B 70 -9.56 -1.82 30.67
N ALA B 71 -9.08 -0.98 29.74
CA ALA B 71 -9.71 0.30 29.46
C ALA B 71 -9.93 0.43 27.96
N LEU B 72 -11.02 1.07 27.57
CA LEU B 72 -11.32 1.23 26.13
C LEU B 72 -11.73 2.66 25.77
N GLY B 73 -11.22 3.12 24.63
CA GLY B 73 -11.55 4.44 24.12
C GLY B 73 -10.34 5.25 23.71
N LEU B 74 -10.50 6.57 23.69
CA LEU B 74 -9.41 7.47 23.35
C LEU B 74 -8.85 8.08 24.63
N LEU B 75 -7.79 7.49 25.16
CA LEU B 75 -7.26 7.88 26.47
C LEU B 75 -5.78 8.28 26.39
N PRO B 76 -5.52 9.57 26.12
CA PRO B 76 -4.16 10.10 26.01
C PRO B 76 -3.34 9.97 27.29
N GLU B 77 -4.01 9.92 28.44
CA GLU B 77 -3.29 9.88 29.72
C GLU B 77 -2.50 8.59 29.90
N LEU B 78 -3.07 7.48 29.43
CA LEU B 78 -2.42 6.18 29.54
C LEU B 78 -1.19 6.12 28.63
N GLN B 79 -0.04 6.46 29.19
CA GLN B 79 1.19 6.55 28.40
C GLN B 79 2.24 5.54 28.85
N THR B 80 3.18 5.99 29.67
CA THR B 80 4.27 5.14 30.11
C THR B 80 3.79 4.05 31.06
N GLY B 81 4.14 2.81 30.76
CA GLY B 81 3.76 1.68 31.59
C GLY B 81 2.49 1.01 31.13
N PHE B 82 1.89 1.55 30.06
CA PHE B 82 0.64 1.02 29.54
C PHE B 82 0.82 0.42 28.15
N PHE B 83 0.40 -0.83 27.99
CA PHE B 83 0.35 -1.45 26.68
C PHE B 83 -0.92 -1.00 25.95
N GLN B 84 -0.91 -1.11 24.63
CA GLN B 84 -1.98 -0.52 23.83
C GLN B 84 -2.23 -1.31 22.56
N ARG B 85 -3.49 -1.33 22.12
CA ARG B 85 -3.87 -2.04 20.91
C ARG B 85 -4.95 -1.25 20.18
N ARG B 86 -4.78 -1.08 18.87
CA ARG B 86 -5.80 -0.41 18.08
C ARG B 86 -6.92 -1.38 17.73
N LEU B 87 -8.13 -1.06 18.15
CA LEU B 87 -9.28 -1.88 17.80
C LEU B 87 -9.86 -1.42 16.47
N PHE B 88 -10.38 -0.20 16.44
CA PHE B 88 -10.90 0.36 15.20
C PHE B 88 -10.90 1.89 15.19
N ARG B 89 -11.21 2.44 14.03
CA ARG B 89 -11.42 3.88 13.89
C ARG B 89 -12.81 4.13 13.29
N HIS B 90 -13.50 5.13 13.82
CA HIS B 90 -14.79 5.52 13.25
C HIS B 90 -14.95 7.04 13.24
N ARG B 91 -15.88 7.52 12.44
CA ARG B 91 -16.02 8.95 12.20
C ARG B 91 -17.42 9.43 12.54
N TYR B 92 -17.55 10.74 12.75
CA TYR B 92 -18.85 11.32 13.06
C TYR B 92 -19.75 11.33 11.83
N VAL B 93 -21.04 11.17 12.05
CA VAL B 93 -22.02 11.24 10.99
C VAL B 93 -23.20 12.07 11.48
N CYS B 94 -24.10 12.42 10.56
CA CYS B 94 -25.34 13.09 10.95
C CYS B 94 -26.45 12.06 11.08
N MET B 95 -27.10 12.04 12.24
CA MET B 95 -28.19 11.10 12.45
C MET B 95 -29.53 11.82 12.65
N PHE B 96 -30.56 11.29 11.99
CA PHE B 96 -31.90 11.85 12.05
C PHE B 96 -32.90 10.76 11.69
N ARG B 97 -34.17 11.01 11.93
CA ARG B 97 -35.20 10.00 11.64
C ARG B 97 -35.30 9.74 10.14
N LYS B 98 -35.66 8.51 9.79
CA LYS B 98 -35.73 8.10 8.40
C LYS B 98 -36.77 8.88 7.61
N ASP B 99 -37.76 9.42 8.31
CA ASP B 99 -38.82 10.18 7.66
C ASP B 99 -38.71 11.68 7.89
N HIS B 100 -37.50 12.14 8.17
CA HIS B 100 -37.25 13.56 8.34
C HIS B 100 -37.72 14.29 7.07
N PRO B 101 -38.37 15.45 7.25
CA PRO B 101 -38.94 16.18 6.12
C PRO B 101 -37.90 16.81 5.20
N SER B 102 -36.75 17.19 5.76
CA SER B 102 -35.75 17.92 5.00
C SER B 102 -34.40 17.20 4.86
N ALA B 103 -33.99 16.52 5.93
CA ALA B 103 -32.68 15.88 5.96
C ALA B 103 -32.44 14.95 4.78
N LYS B 104 -31.18 14.89 4.33
CA LYS B 104 -30.83 14.16 3.12
C LYS B 104 -29.40 13.62 3.18
N SER B 105 -29.20 12.41 2.68
CA SER B 105 -27.87 11.81 2.63
C SER B 105 -27.40 11.71 1.19
N PRO B 106 -26.23 12.28 0.88
CA PRO B 106 -25.34 12.96 1.84
C PRO B 106 -25.77 14.40 2.11
N MET B 107 -25.78 14.79 3.38
CA MET B 107 -26.16 16.14 3.77
C MET B 107 -25.12 17.16 3.35
N SER B 108 -25.59 18.32 2.88
CA SER B 108 -24.69 19.39 2.47
C SER B 108 -24.26 20.23 3.65
N LEU B 109 -23.13 20.91 3.51
CA LEU B 109 -22.61 21.76 4.56
C LEU B 109 -23.55 22.94 4.82
N LYS B 110 -24.36 23.27 3.82
CA LYS B 110 -25.31 24.37 3.94
C LYS B 110 -26.55 23.94 4.71
N GLN B 111 -27.06 22.76 4.40
CA GLN B 111 -28.25 22.24 5.09
C GLN B 111 -27.97 22.01 6.56
N PHE B 112 -26.73 21.66 6.87
CA PHE B 112 -26.32 21.39 8.25
C PHE B 112 -26.51 22.62 9.12
N THR B 113 -26.34 23.80 8.52
CA THR B 113 -26.44 25.05 9.26
C THR B 113 -27.87 25.57 9.39
N GLU B 114 -28.76 25.10 8.53
CA GLU B 114 -30.14 25.56 8.52
C GLU B 114 -31.06 24.66 9.34
N LEU B 115 -30.61 23.42 9.58
CA LEU B 115 -31.38 22.50 10.40
C LEU B 115 -31.15 22.80 11.88
N GLU B 116 -31.94 22.16 12.74
CA GLU B 116 -31.79 22.35 14.18
C GLU B 116 -31.22 21.12 14.85
N HIS B 117 -30.37 21.32 15.85
CA HIS B 117 -29.55 20.25 16.40
C HIS B 117 -29.82 19.95 17.86
N VAL B 118 -29.55 18.70 18.24
CA VAL B 118 -29.42 18.33 19.65
C VAL B 118 -27.96 17.93 19.89
N GLY B 119 -27.28 18.68 20.75
CA GLY B 119 -25.87 18.49 20.94
C GLY B 119 -25.51 17.78 22.24
N VAL B 120 -24.47 16.96 22.19
CA VAL B 120 -23.99 16.24 23.36
C VAL B 120 -22.68 16.84 23.85
N VAL B 121 -22.70 17.37 25.07
CA VAL B 121 -21.48 17.92 25.67
C VAL B 121 -20.38 16.86 25.70
N ALA B 122 -20.74 15.65 26.12
CA ALA B 122 -19.78 14.56 26.20
C ALA B 122 -18.49 15.03 26.84
N LEU B 123 -18.62 15.68 28.00
CA LEU B 123 -17.50 16.32 28.68
C LEU B 123 -16.34 15.36 28.95
N ASN B 124 -15.14 15.78 28.55
CA ASN B 124 -13.92 15.03 28.83
C ASN B 124 -13.88 13.61 28.26
N THR B 125 -14.52 13.44 27.11
CA THR B 125 -14.32 12.26 26.30
C THR B 125 -13.79 12.73 24.96
N GLY B 126 -13.39 11.79 24.11
CA GLY B 126 -12.86 12.17 22.81
C GLY B 126 -13.88 12.92 21.98
N HIS B 127 -15.15 12.71 22.28
CA HIS B 127 -16.24 13.21 21.45
C HIS B 127 -16.70 14.63 21.79
N GLY B 128 -16.01 15.28 22.72
CA GLY B 128 -16.40 16.61 23.16
C GLY B 128 -15.66 17.75 22.47
N GLU B 129 -14.70 17.42 21.61
CA GLU B 129 -13.93 18.43 20.90
C GLU B 129 -14.68 18.90 19.67
N VAL B 130 -15.76 18.19 19.34
CA VAL B 130 -16.55 18.47 18.14
C VAL B 130 -17.12 19.88 18.12
N ASP B 131 -17.79 20.29 19.20
CA ASP B 131 -18.48 21.57 19.25
C ASP B 131 -17.55 22.74 18.93
N GLY B 132 -16.34 22.69 19.47
CA GLY B 132 -15.37 23.74 19.24
C GLY B 132 -14.86 23.76 17.81
N LEU B 133 -14.74 22.57 17.22
CA LEU B 133 -14.26 22.44 15.86
C LEU B 133 -15.23 23.04 14.84
N LEU B 134 -16.52 22.85 15.07
CA LEU B 134 -17.54 23.40 14.18
C LEU B 134 -17.63 24.92 14.34
N GLU B 135 -17.34 25.40 15.55
CA GLU B 135 -17.36 26.83 15.82
C GLU B 135 -16.28 27.58 15.03
N ARG B 136 -15.06 27.04 15.05
CA ARG B 136 -13.94 27.70 14.39
C ARG B 136 -14.00 27.60 12.87
N ALA B 137 -14.83 26.67 12.38
CA ALA B 137 -15.03 26.55 10.94
C ALA B 137 -16.07 27.57 10.50
N GLY B 138 -16.56 28.35 11.46
CA GLY B 138 -17.57 29.36 11.18
C GLY B 138 -18.96 28.77 11.11
N ILE B 139 -19.11 27.53 11.57
CA ILE B 139 -20.41 26.87 11.57
C ILE B 139 -21.09 27.03 12.91
N LYS B 140 -22.08 27.91 12.95
CA LYS B 140 -22.85 28.12 14.17
C LYS B 140 -24.19 27.39 14.03
N ARG B 141 -24.45 26.48 14.96
CA ARG B 141 -25.63 25.64 14.89
C ARG B 141 -26.72 26.11 15.84
N ARG B 142 -27.96 25.88 15.43
CA ARG B 142 -29.10 26.15 16.30
C ARG B 142 -29.21 25.03 17.33
N MET B 143 -28.58 25.25 18.48
CA MET B 143 -28.58 24.26 19.55
C MET B 143 -29.90 24.30 20.31
N ARG B 144 -30.93 23.68 19.73
CA ARG B 144 -32.25 23.62 20.35
C ARG B 144 -32.15 22.96 21.72
N LEU B 145 -31.45 21.84 21.78
CA LEU B 145 -31.32 21.08 23.03
C LEU B 145 -29.88 20.62 23.24
N VAL B 146 -29.39 20.76 24.47
CA VAL B 146 -28.05 20.30 24.82
C VAL B 146 -28.11 19.34 25.99
N VAL B 147 -27.68 18.10 25.76
CA VAL B 147 -27.65 17.09 26.80
C VAL B 147 -26.22 16.70 27.14
N PRO B 148 -25.98 16.29 28.39
CA PRO B 148 -24.63 15.94 28.84
C PRO B 148 -24.12 14.63 28.24
N HIS B 149 -25.03 13.72 27.93
CA HIS B 149 -24.63 12.39 27.45
C HIS B 149 -25.50 11.88 26.29
N PHE B 150 -25.16 10.69 25.81
CA PHE B 150 -25.75 10.17 24.56
C PHE B 150 -27.02 9.35 24.72
N ILE B 151 -27.40 9.04 25.96
CA ILE B 151 -28.49 8.09 26.21
C ILE B 151 -29.82 8.42 25.52
N ALA B 152 -30.21 9.70 25.56
CA ALA B 152 -31.53 10.08 25.08
C ALA B 152 -31.57 10.51 23.62
N ILE B 153 -30.41 10.49 22.96
CA ILE B 153 -30.32 10.93 21.56
C ILE B 153 -31.26 10.18 20.64
N GLY B 154 -31.31 8.85 20.79
CA GLY B 154 -32.16 8.02 19.97
C GLY B 154 -33.61 8.44 20.00
N PRO B 155 -34.25 8.32 21.17
CA PRO B 155 -35.67 8.68 21.37
C PRO B 155 -35.98 10.12 20.94
N ILE B 156 -35.02 11.02 21.09
CA ILE B 156 -35.25 12.43 20.76
C ILE B 156 -35.33 12.66 19.25
N LEU B 157 -34.41 12.07 18.51
CA LEU B 157 -34.42 12.19 17.06
C LEU B 157 -35.66 11.54 16.45
N HIS B 158 -36.15 10.50 17.11
CA HIS B 158 -37.30 9.76 16.63
C HIS B 158 -38.58 10.58 16.67
N SER B 159 -38.66 11.51 17.62
CA SER B 159 -39.90 12.25 17.83
C SER B 159 -39.82 13.71 17.38
N THR B 160 -38.74 14.07 16.69
CA THR B 160 -38.56 15.45 16.27
C THR B 160 -37.90 15.57 14.91
N ASP B 161 -37.62 16.80 14.51
CA ASP B 161 -36.89 17.08 13.28
C ASP B 161 -35.47 17.51 13.61
N LEU B 162 -35.04 17.24 14.84
CA LEU B 162 -33.67 17.53 15.25
C LEU B 162 -32.70 16.58 14.56
N ILE B 163 -31.47 17.03 14.38
CA ILE B 163 -30.41 16.17 13.86
C ILE B 163 -29.26 16.17 14.86
N ALA B 164 -28.44 15.12 14.82
CA ALA B 164 -27.36 14.99 15.79
C ALA B 164 -26.04 14.58 15.14
N THR B 165 -24.94 15.08 15.71
CA THR B 165 -23.61 14.65 15.30
C THR B 165 -23.11 13.61 16.29
N VAL B 166 -23.09 12.35 15.87
CA VAL B 166 -22.74 11.25 16.76
C VAL B 166 -21.76 10.28 16.11
N PRO B 167 -20.92 9.63 16.93
CA PRO B 167 -19.98 8.62 16.44
C PRO B 167 -20.70 7.54 15.65
N GLN B 168 -20.05 7.02 14.61
CA GLN B 168 -20.67 6.03 13.74
C GLN B 168 -21.09 4.76 14.49
N ARG B 169 -20.19 4.25 15.33
CA ARG B 169 -20.48 3.08 16.15
C ARG B 169 -21.73 3.26 17.00
N PHE B 170 -22.02 4.51 17.38
CA PHE B 170 -23.22 4.81 18.15
C PHE B 170 -24.44 4.91 17.24
N ALA B 171 -24.21 5.34 16.00
CA ALA B 171 -25.27 5.41 15.01
C ALA B 171 -25.76 4.00 14.70
N VAL B 172 -24.83 3.05 14.74
CA VAL B 172 -25.12 1.66 14.41
C VAL B 172 -26.12 1.01 15.39
N ARG B 173 -25.95 1.28 16.67
CA ARG B 173 -26.81 0.71 17.69
C ARG B 173 -28.18 1.38 17.73
N CYS B 174 -28.39 2.39 16.88
CA CYS B 174 -29.57 3.24 17.01
C CYS B 174 -30.52 3.27 15.80
N GLU B 175 -29.97 3.04 14.61
CA GLU B 175 -30.74 3.21 13.38
C GLU B 175 -31.99 2.34 13.30
N VAL B 176 -31.87 1.07 13.66
CA VAL B 176 -33.00 0.14 13.55
C VAL B 176 -33.98 0.21 14.72
N PRO B 177 -33.48 0.25 15.96
CA PRO B 177 -34.37 0.33 17.12
C PRO B 177 -35.25 1.58 17.11
N PHE B 178 -34.73 2.70 16.60
CA PHE B 178 -35.46 3.96 16.67
C PHE B 178 -35.89 4.50 15.30
N GLY B 179 -35.61 3.75 14.25
CA GLY B 179 -35.97 4.17 12.91
C GLY B 179 -35.25 5.43 12.49
N LEU B 180 -33.93 5.40 12.56
CA LEU B 180 -33.11 6.55 12.18
C LEU B 180 -32.21 6.19 11.00
N THR B 181 -31.63 7.22 10.38
CA THR B 181 -30.70 7.02 9.27
C THR B 181 -29.59 8.06 9.36
N THR B 182 -28.49 7.83 8.64
CA THR B 182 -27.33 8.69 8.76
C THR B 182 -26.84 9.27 7.43
N SER B 183 -25.72 9.98 7.51
CA SER B 183 -25.09 10.58 6.34
C SER B 183 -23.66 10.96 6.71
N PRO B 184 -22.72 10.79 5.78
CA PRO B 184 -21.36 11.28 6.01
C PRO B 184 -21.40 12.75 6.43
N HIS B 185 -20.70 13.08 7.50
CA HIS B 185 -20.74 14.45 8.02
C HIS B 185 -20.14 15.45 7.03
N PRO B 186 -20.92 16.47 6.65
CA PRO B 186 -20.52 17.50 5.69
C PRO B 186 -19.28 18.27 6.13
N ALA B 187 -19.08 18.38 7.44
CA ALA B 187 -17.97 19.16 7.98
C ALA B 187 -16.69 18.34 8.06
N LYS B 188 -15.56 19.02 8.20
CA LYS B 188 -14.27 18.37 8.32
C LYS B 188 -13.97 18.04 9.78
N LEU B 189 -14.27 16.80 10.16
CA LEU B 189 -14.06 16.35 11.53
C LEU B 189 -13.10 15.16 11.59
N PRO B 190 -12.24 15.14 12.61
CA PRO B 190 -11.25 14.10 12.88
C PRO B 190 -11.88 12.73 12.96
N ASP B 191 -11.08 11.69 12.83
CA ASP B 191 -11.52 10.33 13.13
C ASP B 191 -11.35 10.04 14.61
N ILE B 192 -12.04 9.01 15.08
CA ILE B 192 -11.92 8.60 16.48
C ILE B 192 -11.28 7.22 16.58
N ALA B 193 -10.10 7.17 17.19
CA ALA B 193 -9.39 5.91 17.36
C ALA B 193 -9.74 5.26 18.70
N ILE B 194 -10.37 4.09 18.63
CA ILE B 194 -10.74 3.35 19.82
C ILE B 194 -9.72 2.25 20.11
N ASN B 195 -8.99 2.41 21.21
CA ASN B 195 -7.93 1.48 21.56
C ASN B 195 -8.23 0.65 22.81
N LEU B 196 -7.56 -0.49 22.93
CA LEU B 196 -7.68 -1.35 24.09
C LEU B 196 -6.43 -1.21 24.95
N PHE B 197 -6.61 -0.75 26.18
CA PHE B 197 -5.48 -0.47 27.07
C PHE B 197 -5.36 -1.47 28.20
N TRP B 198 -4.11 -1.80 28.55
CA TRP B 198 -3.83 -2.60 29.74
C TRP B 198 -2.45 -2.28 30.28
N HIS B 199 -2.29 -2.39 31.59
CA HIS B 199 -1.03 -2.02 32.24
C HIS B 199 0.03 -3.09 32.07
N ALA B 200 1.29 -2.67 31.96
CA ALA B 200 2.41 -3.58 31.75
C ALA B 200 2.47 -4.67 32.79
N LYS B 201 2.13 -4.34 34.04
CA LYS B 201 2.16 -5.32 35.13
C LYS B 201 1.30 -6.54 34.84
N TYR B 202 0.34 -6.38 33.93
CA TYR B 202 -0.58 -7.47 33.62
C TYR B 202 -0.46 -7.89 32.16
N ASN B 203 0.70 -7.65 31.57
CA ASN B 203 0.96 -8.04 30.18
C ASN B 203 0.98 -9.55 30.02
N ARG B 204 1.41 -10.25 31.06
CA ARG B 204 1.50 -11.71 31.02
C ARG B 204 0.55 -12.37 32.00
N ASP B 205 -0.56 -11.69 32.30
CA ASP B 205 -1.61 -12.26 33.13
C ASP B 205 -2.58 -13.04 32.24
N PRO B 206 -2.59 -14.37 32.39
CA PRO B 206 -3.41 -15.27 31.55
C PRO B 206 -4.85 -14.80 31.41
N GLY B 207 -5.46 -14.37 32.52
CA GLY B 207 -6.83 -13.89 32.50
C GLY B 207 -6.98 -12.62 31.68
N ASN B 208 -6.15 -11.64 31.97
CA ASN B 208 -6.16 -10.39 31.23
C ASN B 208 -5.84 -10.62 29.76
N MET B 209 -4.86 -11.49 29.50
CA MET B 209 -4.49 -11.85 28.14
C MET B 209 -5.68 -12.41 27.36
N TRP B 210 -6.43 -13.30 27.99
CA TRP B 210 -7.54 -13.96 27.32
C TRP B 210 -8.69 -13.00 26.99
N LEU B 211 -8.98 -12.09 27.91
CA LEU B 211 -10.08 -11.15 27.71
C LEU B 211 -9.77 -10.10 26.64
N ARG B 212 -8.52 -9.67 26.55
CA ARG B 212 -8.18 -8.65 25.57
C ARG B 212 -8.09 -9.20 24.14
N GLN B 213 -7.75 -10.48 24.01
CA GLN B 213 -7.73 -11.11 22.70
C GLN B 213 -9.15 -11.37 22.21
N LEU B 214 -10.07 -11.52 23.16
CA LEU B 214 -11.48 -11.66 22.82
C LEU B 214 -12.01 -10.32 22.30
N PHE B 215 -11.54 -9.23 22.89
CA PHE B 215 -11.87 -7.89 22.42
C PHE B 215 -11.29 -7.64 21.03
N VAL B 216 -10.07 -8.10 20.82
CA VAL B 216 -9.42 -7.98 19.51
C VAL B 216 -10.16 -8.84 18.49
N GLU B 217 -10.53 -10.05 18.91
CA GLU B 217 -11.19 -11.00 18.04
C GLU B 217 -12.62 -10.58 17.68
N LEU B 218 -13.24 -9.80 18.55
CA LEU B 218 -14.63 -9.41 18.36
C LEU B 218 -14.82 -8.03 17.73
N PHE B 219 -13.89 -7.11 17.99
CA PHE B 219 -14.10 -5.71 17.61
C PHE B 219 -12.97 -5.06 16.80
N SER B 220 -11.94 -5.83 16.44
CA SER B 220 -10.72 -5.24 15.88
C SER B 220 -10.75 -4.97 14.37
N GLU B 221 -10.00 -3.95 13.97
CA GLU B 221 -9.77 -3.62 12.56
C GLU B 221 -11.06 -3.44 11.77
N ALA B 222 -11.84 -2.42 12.15
CA ALA B 222 -13.09 -2.12 11.46
C ALA B 222 -13.39 -0.63 11.48
N SER C 10 25.61 -10.85 -29.59
CA SER C 10 26.76 -10.48 -28.77
C SER C 10 26.87 -8.97 -28.65
N PHE C 11 26.76 -8.46 -27.43
CA PHE C 11 26.68 -7.03 -27.21
C PHE C 11 27.59 -6.49 -26.12
N ASP C 12 28.44 -5.55 -26.50
CA ASP C 12 29.27 -4.81 -25.56
C ASP C 12 29.01 -3.32 -25.73
N PRO C 13 28.24 -2.74 -24.79
CA PRO C 13 27.78 -1.34 -24.88
C PRO C 13 28.90 -0.35 -25.17
N PHE C 14 30.05 -0.51 -24.53
CA PHE C 14 31.14 0.45 -24.68
C PHE C 14 31.74 0.44 -26.09
N ALA C 15 31.58 -0.66 -26.81
CA ALA C 15 32.24 -0.82 -28.10
C ALA C 15 31.27 -0.95 -29.28
N SER C 16 30.02 -1.30 -29.00
CA SER C 16 29.02 -1.54 -30.04
C SER C 16 28.88 -0.36 -31.01
N THR C 17 28.79 -0.68 -32.29
CA THR C 17 28.53 0.32 -33.33
C THR C 17 27.14 0.10 -33.93
N ARG C 18 26.38 -0.78 -33.28
CA ARG C 18 25.05 -1.17 -33.74
C ARG C 18 24.12 0.02 -33.90
N THR C 19 23.17 -0.10 -34.83
CA THR C 19 22.16 0.94 -35.05
C THR C 19 20.79 0.45 -34.63
N PHE C 20 20.19 1.11 -33.65
CA PHE C 20 18.86 0.76 -33.17
C PHE C 20 17.79 1.64 -33.79
N ASN C 21 16.71 1.02 -34.27
CA ASN C 21 15.59 1.75 -34.84
C ASN C 21 14.39 1.72 -33.90
N LEU C 22 13.95 2.90 -33.46
CA LEU C 22 12.88 3.01 -32.48
C LEU C 22 11.63 3.64 -33.07
N ALA C 23 10.48 3.10 -32.70
CA ALA C 23 9.20 3.66 -33.14
C ALA C 23 8.58 4.48 -32.02
N MET C 24 8.11 5.68 -32.35
CA MET C 24 7.51 6.56 -31.36
C MET C 24 6.87 7.78 -32.03
N THR C 25 5.82 8.30 -31.38
CA THR C 25 5.15 9.51 -31.87
C THR C 25 6.08 10.71 -31.74
N ASP C 26 5.62 11.87 -32.19
CA ASP C 26 6.41 13.09 -32.07
C ASP C 26 6.53 13.51 -30.61
N ILE C 27 5.46 13.31 -29.85
CA ILE C 27 5.47 13.57 -28.42
C ILE C 27 6.50 12.69 -27.73
N GLY C 28 6.48 11.40 -28.08
CA GLY C 28 7.41 10.45 -27.52
C GLY C 28 8.84 10.76 -27.87
N GLU C 29 9.05 11.24 -29.09
CA GLU C 29 10.39 11.61 -29.55
C GLU C 29 10.93 12.75 -28.71
N MET C 30 10.12 13.81 -28.57
CA MET C 30 10.51 14.98 -27.81
C MET C 30 10.80 14.64 -26.35
N TYR C 31 10.03 13.69 -25.81
CA TYR C 31 10.20 13.30 -24.41
C TYR C 31 11.32 12.29 -24.20
N PHE C 32 11.43 11.33 -25.11
CA PHE C 32 12.37 10.22 -24.93
C PHE C 32 13.80 10.52 -25.38
N MET C 33 13.96 11.22 -26.49
CA MET C 33 15.27 11.39 -27.11
C MET C 33 16.30 12.16 -26.29
N PRO C 34 15.95 13.35 -25.78
CA PRO C 34 16.92 14.12 -25.01
C PRO C 34 17.56 13.32 -23.86
N PRO C 35 16.74 12.68 -23.01
CA PRO C 35 17.32 11.89 -21.91
C PRO C 35 18.10 10.67 -22.43
N LEU C 36 17.61 10.05 -23.50
CA LEU C 36 18.26 8.87 -24.05
C LEU C 36 19.65 9.19 -24.60
N MET C 37 19.72 10.22 -25.43
CA MET C 37 20.99 10.60 -26.05
C MET C 37 22.00 11.06 -25.01
N GLU C 38 21.52 11.70 -23.95
CA GLU C 38 22.40 12.17 -22.90
C GLU C 38 23.01 10.99 -22.16
N ALA C 39 22.21 9.93 -22.01
CA ALA C 39 22.66 8.73 -21.32
C ALA C 39 23.63 7.91 -22.17
N LEU C 40 23.31 7.78 -23.46
CA LEU C 40 24.13 6.97 -24.36
C LEU C 40 25.53 7.56 -24.51
N ALA C 41 25.63 8.87 -24.35
CA ALA C 41 26.89 9.56 -24.51
C ALA C 41 27.96 9.03 -23.56
N GLN C 42 27.52 8.43 -22.46
CA GLN C 42 28.43 8.00 -21.41
C GLN C 42 28.29 6.51 -21.07
N ARG C 43 27.48 5.80 -21.85
CA ARG C 43 27.38 4.36 -21.69
C ARG C 43 27.73 3.63 -22.99
N ALA C 44 27.22 4.15 -24.12
CA ALA C 44 27.51 3.56 -25.41
C ALA C 44 27.74 4.65 -26.47
N PRO C 45 28.94 5.26 -26.44
CA PRO C 45 29.26 6.42 -27.27
C PRO C 45 29.34 6.13 -28.76
N HIS C 46 29.26 4.86 -29.15
CA HIS C 46 29.51 4.49 -30.54
C HIS C 46 28.29 3.96 -31.31
N ILE C 47 27.21 3.65 -30.61
CA ILE C 47 26.01 3.15 -31.27
C ILE C 47 25.24 4.25 -31.97
N GLN C 48 24.50 3.88 -33.01
CA GLN C 48 23.66 4.83 -33.75
C GLN C 48 22.18 4.61 -33.45
N ILE C 49 21.46 5.71 -33.27
CA ILE C 49 20.02 5.64 -33.01
C ILE C 49 19.24 6.27 -34.16
N SER C 50 18.18 5.59 -34.58
CA SER C 50 17.30 6.10 -35.63
C SER C 50 15.86 5.91 -35.20
N THR C 51 15.03 6.92 -35.44
CA THR C 51 13.65 6.89 -34.99
C THR C 51 12.66 6.97 -36.17
N LEU C 52 11.44 6.49 -35.94
CA LEU C 52 10.39 6.56 -36.94
C LEU C 52 9.02 6.56 -36.26
N ARG C 53 8.01 7.06 -36.98
CA ARG C 53 6.64 7.03 -36.52
C ARG C 53 6.07 5.63 -36.68
N PRO C 54 5.20 5.21 -35.75
CA PRO C 54 4.57 3.89 -35.81
C PRO C 54 3.69 3.74 -37.05
N ASN C 55 3.08 4.84 -37.49
CA ASN C 55 2.18 4.81 -38.63
C ASN C 55 2.87 4.62 -39.98
N ALA C 56 4.20 4.55 -39.99
CA ALA C 56 4.95 4.33 -41.22
C ALA C 56 5.43 2.88 -41.35
N GLY C 57 5.14 2.28 -42.51
CA GLY C 57 5.51 0.90 -42.74
C GLY C 57 4.65 -0.02 -41.92
N ASN C 58 5.00 -1.30 -41.89
CA ASN C 58 4.29 -2.27 -41.09
C ASN C 58 5.02 -2.49 -39.77
N LEU C 59 4.70 -1.67 -38.78
CA LEU C 59 5.39 -1.75 -37.49
C LEU C 59 5.42 -3.18 -36.97
N LYS C 60 4.29 -3.87 -37.10
CA LYS C 60 4.18 -5.22 -36.57
C LYS C 60 5.11 -6.17 -37.32
N GLU C 61 5.21 -5.98 -38.62
CA GLU C 61 6.08 -6.81 -39.46
C GLU C 61 7.56 -6.43 -39.33
N ASP C 62 7.82 -5.13 -39.16
CA ASP C 62 9.19 -4.63 -39.08
C ASP C 62 9.88 -5.04 -37.79
N MET C 63 9.11 -5.14 -36.71
CA MET C 63 9.66 -5.56 -35.43
C MET C 63 9.93 -7.06 -35.42
N GLU C 64 9.07 -7.82 -36.10
CA GLU C 64 9.27 -9.26 -36.20
C GLU C 64 10.52 -9.58 -37.02
N SER C 65 10.83 -8.71 -37.98
CA SER C 65 11.96 -8.94 -38.88
C SER C 65 13.27 -8.40 -38.29
N GLY C 66 13.17 -7.43 -37.41
CA GLY C 66 14.35 -6.82 -36.81
C GLY C 66 14.67 -5.47 -37.40
N ALA C 67 13.85 -5.03 -38.35
CA ALA C 67 14.02 -3.72 -38.97
C ALA C 67 13.74 -2.61 -37.96
N VAL C 68 12.87 -2.91 -36.99
CA VAL C 68 12.57 -1.99 -35.91
C VAL C 68 12.75 -2.70 -34.57
N ASP C 69 13.70 -2.24 -33.78
CA ASP C 69 14.06 -2.89 -32.54
C ASP C 69 13.02 -2.73 -31.44
N LEU C 70 12.53 -1.51 -31.25
CA LEU C 70 11.60 -1.22 -30.17
C LEU C 70 10.50 -0.25 -30.59
N ALA C 71 9.36 -0.32 -29.90
CA ALA C 71 8.25 0.60 -30.13
C ALA C 71 7.82 1.23 -28.81
N LEU C 72 7.39 2.48 -28.86
CA LEU C 72 7.05 3.22 -27.65
C LEU C 72 5.72 3.95 -27.75
N GLY C 73 4.96 3.94 -26.65
CA GLY C 73 3.70 4.64 -26.58
C GLY C 73 2.51 3.73 -26.36
N LEU C 74 1.32 4.22 -26.72
CA LEU C 74 0.10 3.46 -26.60
C LEU C 74 -0.25 2.82 -27.94
N LEU C 75 0.18 1.59 -28.13
CA LEU C 75 -0.02 0.88 -29.40
C LEU C 75 -0.87 -0.36 -29.18
N PRO C 76 -2.20 -0.24 -29.38
CA PRO C 76 -3.15 -1.31 -29.11
C PRO C 76 -2.98 -2.49 -30.07
N GLU C 77 -2.45 -2.23 -31.26
CA GLU C 77 -2.35 -3.24 -32.29
C GLU C 77 -1.34 -4.33 -31.94
N LEU C 78 -0.36 -4.00 -31.11
CA LEU C 78 0.66 -4.97 -30.73
C LEU C 78 0.17 -5.84 -29.58
N GLN C 79 -0.17 -7.08 -29.88
CA GLN C 79 -0.71 -7.99 -28.87
C GLN C 79 0.11 -9.27 -28.74
N THR C 80 -0.44 -10.37 -29.24
CA THR C 80 0.22 -11.66 -29.09
C THR C 80 1.50 -11.77 -29.92
N GLY C 81 2.59 -12.13 -29.25
CA GLY C 81 3.90 -12.23 -29.88
C GLY C 81 4.76 -11.05 -29.48
N PHE C 82 4.20 -10.17 -28.67
CA PHE C 82 4.89 -8.97 -28.24
C PHE C 82 4.95 -8.87 -26.71
N PHE C 83 6.16 -8.73 -26.18
CA PHE C 83 6.34 -8.43 -24.77
C PHE C 83 6.21 -6.92 -24.59
N GLN C 84 5.93 -6.48 -23.37
CA GLN C 84 5.81 -5.05 -23.12
C GLN C 84 5.97 -4.67 -21.64
N ARG C 85 6.49 -3.47 -21.42
CA ARG C 85 6.62 -2.90 -20.08
C ARG C 85 5.85 -1.60 -20.01
N ARG C 86 5.17 -1.35 -18.90
CA ARG C 86 4.60 -0.04 -18.67
C ARG C 86 5.70 0.87 -18.14
N LEU C 87 5.80 2.07 -18.69
CA LEU C 87 6.80 3.01 -18.24
C LEU C 87 6.20 4.04 -17.30
N PHE C 88 5.09 4.65 -17.72
CA PHE C 88 4.45 5.68 -16.92
C PHE C 88 3.05 6.01 -17.43
N ARG C 89 2.39 6.92 -16.73
CA ARG C 89 1.09 7.45 -17.14
C ARG C 89 1.06 8.96 -16.91
N HIS C 90 0.64 9.69 -17.93
CA HIS C 90 0.46 11.13 -17.77
C HIS C 90 -0.93 11.54 -18.22
N ARG C 91 -1.56 12.41 -17.45
CA ARG C 91 -2.92 12.86 -17.76
C ARG C 91 -2.87 14.04 -18.71
N TYR C 92 -4.03 14.52 -19.13
CA TYR C 92 -4.10 15.71 -19.97
C TYR C 92 -4.20 16.96 -19.11
N VAL C 93 -3.59 18.04 -19.59
CA VAL C 93 -3.57 19.30 -18.86
C VAL C 93 -3.89 20.47 -19.78
N CYS C 94 -4.30 21.58 -19.18
CA CYS C 94 -4.51 22.81 -19.92
C CYS C 94 -3.24 23.66 -19.90
N MET C 95 -2.74 23.99 -21.08
CA MET C 95 -1.51 24.78 -21.16
C MET C 95 -1.74 26.12 -21.84
N PHE C 96 -1.20 27.17 -21.24
CA PHE C 96 -1.30 28.53 -21.77
C PHE C 96 -0.12 29.35 -21.29
N ARG C 97 0.07 30.52 -21.88
CA ARG C 97 1.22 31.36 -21.54
C ARG C 97 1.10 31.95 -20.14
N LYS C 98 2.24 32.20 -19.50
CA LYS C 98 2.28 32.73 -18.15
C LYS C 98 1.40 33.97 -18.00
N ASP C 99 1.60 34.94 -18.87
CA ASP C 99 0.95 36.25 -18.75
C ASP C 99 -0.45 36.28 -19.36
N HIS C 100 -1.09 35.12 -19.49
CA HIS C 100 -2.45 35.07 -19.99
C HIS C 100 -3.32 35.94 -19.08
N PRO C 101 -4.07 36.88 -19.68
CA PRO C 101 -4.84 37.87 -18.92
C PRO C 101 -6.13 37.28 -18.36
N SER C 102 -6.44 36.05 -18.73
CA SER C 102 -7.74 35.47 -18.38
C SER C 102 -7.63 34.11 -17.69
N ALA C 103 -6.87 33.20 -18.29
CA ALA C 103 -6.81 31.81 -17.85
C ALA C 103 -6.28 31.65 -16.42
N LYS C 104 -6.94 30.78 -15.66
CA LYS C 104 -6.55 30.51 -14.28
C LYS C 104 -6.16 29.05 -14.08
N SER C 105 -5.52 28.76 -12.96
CA SER C 105 -5.18 27.40 -12.58
C SER C 105 -5.47 27.18 -11.11
N PRO C 106 -6.39 26.24 -10.79
CA PRO C 106 -7.05 25.36 -11.75
C PRO C 106 -8.07 26.10 -12.62
N MET C 107 -8.09 25.77 -13.90
CA MET C 107 -9.07 26.36 -14.80
C MET C 107 -10.42 25.67 -14.62
N SER C 108 -11.46 26.47 -14.46
CA SER C 108 -12.81 25.93 -14.28
C SER C 108 -13.31 25.31 -15.58
N LEU C 109 -14.23 24.35 -15.45
CA LEU C 109 -14.79 23.71 -16.62
C LEU C 109 -15.58 24.71 -17.46
N LYS C 110 -16.03 25.78 -16.81
CA LYS C 110 -16.80 26.82 -17.49
C LYS C 110 -15.89 27.75 -18.29
N GLN C 111 -14.73 28.06 -17.73
CA GLN C 111 -13.78 28.95 -18.39
C GLN C 111 -13.14 28.24 -19.58
N PHE C 112 -12.96 26.94 -19.46
CA PHE C 112 -12.39 26.13 -20.53
C PHE C 112 -13.20 26.30 -21.82
N THR C 113 -14.51 26.42 -21.66
CA THR C 113 -15.42 26.52 -22.79
C THR C 113 -15.52 27.95 -23.33
N GLU C 114 -15.25 28.92 -22.47
CA GLU C 114 -15.34 30.33 -22.86
C GLU C 114 -14.12 30.80 -23.63
N LEU C 115 -13.00 30.11 -23.43
CA LEU C 115 -11.75 30.48 -24.07
C LEU C 115 -11.67 29.96 -25.50
N GLU C 116 -10.71 30.48 -26.26
CA GLU C 116 -10.47 30.01 -27.62
C GLU C 116 -9.31 29.02 -27.66
N HIS C 117 -9.43 28.02 -28.53
CA HIS C 117 -8.54 26.87 -28.50
C HIS C 117 -7.69 26.67 -29.74
N VAL C 118 -6.48 26.17 -29.53
CA VAL C 118 -5.68 25.59 -30.60
C VAL C 118 -5.73 24.09 -30.42
N GLY C 119 -6.06 23.37 -31.48
CA GLY C 119 -6.25 21.93 -31.39
C GLY C 119 -5.28 21.13 -32.22
N VAL C 120 -5.01 19.91 -31.76
CA VAL C 120 -4.15 18.99 -32.49
C VAL C 120 -4.95 17.76 -32.89
N VAL C 121 -4.90 17.43 -34.18
CA VAL C 121 -5.62 16.27 -34.69
C VAL C 121 -5.06 14.98 -34.09
N ALA C 122 -3.74 14.90 -34.00
CA ALA C 122 -3.07 13.72 -33.46
C ALA C 122 -3.72 12.44 -33.99
N LEU C 123 -3.77 12.32 -35.32
CA LEU C 123 -4.44 11.20 -35.97
C LEU C 123 -3.75 9.87 -35.70
N ASN C 124 -4.55 8.84 -35.43
CA ASN C 124 -4.03 7.50 -35.20
C ASN C 124 -3.02 7.45 -34.06
N THR C 125 -3.34 8.15 -32.98
CA THR C 125 -2.55 8.09 -31.75
C THR C 125 -3.52 8.18 -30.58
N GLY C 126 -3.00 8.01 -29.37
CA GLY C 126 -3.84 8.10 -28.19
C GLY C 126 -4.47 9.47 -28.07
N HIS C 127 -3.76 10.49 -28.58
CA HIS C 127 -4.15 11.88 -28.37
C HIS C 127 -5.15 12.40 -29.42
N GLY C 128 -5.61 11.52 -30.30
CA GLY C 128 -6.55 11.92 -31.34
C GLY C 128 -8.00 11.65 -30.97
N GLU C 129 -8.22 11.11 -29.76
CA GLU C 129 -9.58 10.84 -29.29
C GLU C 129 -10.09 11.92 -28.34
N VAL C 130 -9.24 12.90 -28.05
CA VAL C 130 -9.57 14.00 -27.12
C VAL C 130 -10.82 14.80 -27.54
N ASP C 131 -10.86 15.20 -28.81
CA ASP C 131 -11.84 16.15 -29.31
C ASP C 131 -13.28 15.63 -29.43
N GLY C 132 -13.47 14.32 -29.60
CA GLY C 132 -14.82 13.74 -29.62
C GLY C 132 -15.18 13.22 -28.23
N LEU C 133 -14.20 13.30 -27.32
CA LEU C 133 -14.37 12.92 -25.91
C LEU C 133 -14.91 14.12 -25.11
N LEU C 134 -14.45 15.32 -25.47
CA LEU C 134 -14.93 16.59 -24.91
C LEU C 134 -16.35 16.87 -25.42
N GLU C 135 -16.65 16.38 -26.63
CA GLU C 135 -17.93 16.62 -27.28
C GLU C 135 -19.08 15.79 -26.68
N ARG C 136 -18.78 14.55 -26.31
CA ARG C 136 -19.76 13.68 -25.66
C ARG C 136 -20.00 14.10 -24.20
N ALA C 137 -19.27 15.13 -23.77
CA ALA C 137 -19.49 15.75 -22.46
C ALA C 137 -20.31 17.02 -22.62
N GLY C 138 -20.68 17.32 -23.86
CA GLY C 138 -21.49 18.48 -24.16
C GLY C 138 -20.69 19.76 -24.31
N ILE C 139 -19.37 19.61 -24.39
CA ILE C 139 -18.47 20.76 -24.50
C ILE C 139 -18.08 21.04 -25.94
N LYS C 140 -18.51 22.18 -26.46
CA LYS C 140 -18.12 22.62 -27.79
C LYS C 140 -17.18 23.81 -27.70
N ARG C 141 -15.88 23.54 -27.75
CA ARG C 141 -14.89 24.61 -27.64
C ARG C 141 -14.82 25.46 -28.91
N ARG C 142 -14.37 26.69 -28.75
CA ARG C 142 -14.17 27.58 -29.89
C ARG C 142 -12.81 27.28 -30.51
N MET C 143 -12.83 26.59 -31.63
CA MET C 143 -11.59 26.10 -32.24
C MET C 143 -11.00 27.11 -33.21
N ARG C 144 -10.23 28.05 -32.68
CA ARG C 144 -9.61 29.10 -33.48
C ARG C 144 -8.60 28.54 -34.47
N LEU C 145 -7.81 27.56 -34.02
CA LEU C 145 -6.77 26.98 -34.85
C LEU C 145 -6.68 25.47 -34.67
N VAL C 146 -6.44 24.75 -35.77
CA VAL C 146 -6.25 23.31 -35.73
C VAL C 146 -5.03 22.90 -36.55
N VAL C 147 -4.12 22.18 -35.90
CA VAL C 147 -2.91 21.70 -36.55
C VAL C 147 -2.83 20.19 -36.47
N PRO C 148 -2.11 19.56 -37.42
CA PRO C 148 -2.03 18.10 -37.46
C PRO C 148 -1.19 17.53 -36.31
N HIS C 149 -0.19 18.27 -35.87
CA HIS C 149 0.73 17.77 -34.85
C HIS C 149 1.14 18.83 -33.82
N PHE C 150 2.10 18.48 -32.97
CA PHE C 150 2.39 19.27 -31.77
C PHE C 150 3.53 20.29 -31.90
N ILE C 151 4.33 20.17 -32.95
CA ILE C 151 5.55 20.97 -33.06
C ILE C 151 5.40 22.47 -32.78
N ALA C 152 4.32 23.08 -33.27
CA ALA C 152 4.18 24.53 -33.21
C ALA C 152 3.38 25.05 -32.02
N ILE C 153 2.80 24.15 -31.23
CA ILE C 153 1.97 24.55 -30.10
C ILE C 153 2.71 25.47 -29.13
N GLY C 154 3.94 25.10 -28.79
CA GLY C 154 4.76 25.89 -27.88
C GLY C 154 4.81 27.35 -28.29
N PRO C 155 5.41 27.63 -29.46
CA PRO C 155 5.51 28.98 -30.00
C PRO C 155 4.14 29.66 -30.13
N ILE C 156 3.13 28.91 -30.53
CA ILE C 156 1.79 29.47 -30.72
C ILE C 156 1.20 29.97 -29.40
N LEU C 157 1.35 29.18 -28.34
CA LEU C 157 0.84 29.57 -27.03
C LEU C 157 1.58 30.80 -26.49
N HIS C 158 2.89 30.83 -26.72
CA HIS C 158 3.74 31.94 -26.31
C HIS C 158 3.17 33.27 -26.79
N SER C 159 2.89 33.35 -28.09
CA SER C 159 2.51 34.61 -28.71
C SER C 159 1.01 34.78 -28.90
N THR C 160 0.22 34.00 -28.14
CA THR C 160 -1.23 34.03 -28.31
C THR C 160 -1.99 33.83 -27.00
N ASP C 161 -3.28 34.21 -27.00
CA ASP C 161 -4.15 34.01 -25.85
C ASP C 161 -4.92 32.70 -25.96
N LEU C 162 -4.47 31.82 -26.85
CA LEU C 162 -5.12 30.52 -27.03
C LEU C 162 -4.66 29.52 -25.97
N ILE C 163 -5.53 28.59 -25.63
CA ILE C 163 -5.17 27.51 -24.72
C ILE C 163 -5.23 26.17 -25.44
N ALA C 164 -4.42 25.22 -25.01
CA ALA C 164 -4.35 23.92 -25.66
C ALA C 164 -4.57 22.78 -24.68
N THR C 165 -5.07 21.66 -25.18
CA THR C 165 -5.19 20.43 -24.41
C THR C 165 -4.06 19.49 -24.79
N VAL C 166 -3.12 19.32 -23.89
CA VAL C 166 -1.91 18.55 -24.21
C VAL C 166 -1.54 17.55 -23.11
N PRO C 167 -0.83 16.49 -23.50
CA PRO C 167 -0.26 15.53 -22.53
C PRO C 167 0.71 16.24 -21.60
N GLN C 168 0.71 15.85 -20.33
CA GLN C 168 1.53 16.53 -19.31
C GLN C 168 3.03 16.50 -19.60
N ARG C 169 3.50 15.41 -20.21
CA ARG C 169 4.93 15.30 -20.52
C ARG C 169 5.32 16.05 -21.79
N PHE C 170 4.33 16.68 -22.42
CA PHE C 170 4.62 17.65 -23.48
C PHE C 170 4.78 19.01 -22.81
N ALA C 171 3.97 19.25 -21.79
CA ALA C 171 3.99 20.51 -21.05
C ALA C 171 5.30 20.70 -20.30
N VAL C 172 5.92 19.61 -19.87
CA VAL C 172 7.19 19.69 -19.15
C VAL C 172 8.32 20.13 -20.07
N ARG C 173 8.22 19.75 -21.34
CA ARG C 173 9.22 20.13 -22.34
C ARG C 173 8.96 21.53 -22.85
N CYS C 174 7.88 22.15 -22.39
CA CYS C 174 7.45 23.43 -22.96
C CYS C 174 7.31 24.57 -21.94
N GLU C 175 6.84 24.24 -20.73
CA GLU C 175 6.57 25.26 -19.72
C GLU C 175 7.66 26.33 -19.61
N VAL C 176 8.90 25.90 -19.41
CA VAL C 176 10.01 26.83 -19.22
C VAL C 176 10.47 27.51 -20.52
N PRO C 177 10.76 26.72 -21.57
CA PRO C 177 11.28 27.28 -22.82
C PRO C 177 10.39 28.37 -23.43
N PHE C 178 9.07 28.21 -23.36
CA PHE C 178 8.16 29.14 -24.03
C PHE C 178 7.36 30.01 -23.08
N GLY C 179 7.74 30.00 -21.81
CA GLY C 179 7.04 30.81 -20.82
C GLY C 179 5.57 30.44 -20.70
N LEU C 180 5.30 29.14 -20.58
CA LEU C 180 3.94 28.65 -20.44
C LEU C 180 3.70 28.10 -19.03
N THR C 181 2.44 27.94 -18.67
CA THR C 181 2.07 27.34 -17.40
C THR C 181 0.97 26.30 -17.59
N THR C 182 0.70 25.52 -16.56
CA THR C 182 -0.20 24.38 -16.68
C THR C 182 -1.30 24.33 -15.61
N SER C 183 -2.47 23.85 -16.01
CA SER C 183 -3.57 23.63 -15.08
C SER C 183 -4.07 22.19 -15.23
N PRO C 184 -4.50 21.57 -14.11
CA PRO C 184 -5.15 20.26 -14.19
C PRO C 184 -6.41 20.36 -15.04
N HIS C 185 -6.60 19.39 -15.94
CA HIS C 185 -7.72 19.48 -16.88
C HIS C 185 -9.06 19.37 -16.15
N PRO C 186 -9.92 20.40 -16.30
CA PRO C 186 -11.26 20.45 -15.71
C PRO C 186 -12.19 19.39 -16.28
N ALA C 187 -11.84 18.84 -17.45
CA ALA C 187 -12.67 17.86 -18.12
C ALA C 187 -12.29 16.44 -17.72
N LYS C 188 -13.26 15.54 -17.77
CA LYS C 188 -13.02 14.14 -17.46
C LYS C 188 -12.36 13.43 -18.64
N LEU C 189 -11.04 13.38 -18.62
CA LEU C 189 -10.28 12.70 -19.66
C LEU C 189 -9.48 11.57 -19.05
N PRO C 190 -9.27 10.49 -19.81
CA PRO C 190 -8.56 9.31 -19.30
C PRO C 190 -7.06 9.51 -19.32
N ASP C 191 -6.35 8.79 -18.45
CA ASP C 191 -4.90 8.77 -18.50
C ASP C 191 -4.47 8.07 -19.78
N ILE C 192 -3.22 8.26 -20.17
CA ILE C 192 -2.66 7.54 -21.30
C ILE C 192 -1.41 6.80 -20.85
N ALA C 193 -1.39 5.50 -21.06
CA ALA C 193 -0.27 4.68 -20.63
C ALA C 193 0.78 4.54 -21.73
N ILE C 194 2.02 4.89 -21.41
CA ILE C 194 3.13 4.73 -22.34
C ILE C 194 3.84 3.41 -22.07
N ASN C 195 3.87 2.54 -23.08
CA ASN C 195 4.43 1.21 -22.93
C ASN C 195 5.61 0.95 -23.85
N LEU C 196 6.56 0.15 -23.37
CA LEU C 196 7.71 -0.26 -24.17
C LEU C 196 7.43 -1.62 -24.79
N PHE C 197 7.51 -1.70 -26.12
CA PHE C 197 7.18 -2.93 -26.82
C PHE C 197 8.40 -3.55 -27.51
N TRP C 198 8.45 -4.88 -27.51
CA TRP C 198 9.46 -5.60 -28.28
C TRP C 198 8.94 -6.99 -28.65
N HIS C 199 9.32 -7.46 -29.83
CA HIS C 199 8.86 -8.75 -30.33
C HIS C 199 9.47 -9.89 -29.50
N ALA C 200 8.79 -11.02 -29.49
CA ALA C 200 9.23 -12.16 -28.70
C ALA C 200 10.56 -12.73 -29.21
N LYS C 201 10.79 -12.59 -30.51
CA LYS C 201 12.01 -13.12 -31.13
C LYS C 201 13.27 -12.42 -30.63
N TYR C 202 13.09 -11.29 -29.96
CA TYR C 202 14.23 -10.52 -29.45
C TYR C 202 14.14 -10.35 -27.94
N ASN C 203 13.36 -11.22 -27.30
CA ASN C 203 13.21 -11.21 -25.86
C ASN C 203 14.51 -11.56 -25.15
N ARG C 204 15.40 -12.22 -25.88
CA ARG C 204 16.65 -12.69 -25.29
C ARG C 204 17.86 -12.23 -26.13
N ASP C 205 17.65 -11.20 -26.94
CA ASP C 205 18.74 -10.61 -27.72
C ASP C 205 19.51 -9.63 -26.86
N PRO C 206 20.83 -9.88 -26.69
CA PRO C 206 21.69 -9.08 -25.82
C PRO C 206 21.49 -7.58 -26.01
N GLY C 207 21.68 -7.09 -27.23
CA GLY C 207 21.54 -5.68 -27.53
C GLY C 207 20.16 -5.15 -27.19
N ASN C 208 19.14 -5.83 -27.70
CA ASN C 208 17.75 -5.43 -27.45
C ASN C 208 17.49 -5.32 -25.95
N MET C 209 17.86 -6.34 -25.20
CA MET C 209 17.68 -6.35 -23.75
C MET C 209 18.33 -5.14 -23.09
N TRP C 210 19.57 -4.84 -23.49
CA TRP C 210 20.31 -3.73 -22.91
C TRP C 210 19.59 -2.41 -23.07
N LEU C 211 19.37 -2.00 -24.31
CA LEU C 211 18.67 -0.75 -24.60
C LEU C 211 17.27 -0.79 -24.01
N ARG C 212 16.67 -1.97 -24.02
CA ARG C 212 15.35 -2.18 -23.44
C ARG C 212 15.35 -1.85 -21.96
N GLN C 213 16.39 -2.31 -21.27
CA GLN C 213 16.52 -2.09 -19.84
C GLN C 213 16.84 -0.63 -19.53
N LEU C 214 17.68 -0.02 -20.35
CA LEU C 214 18.04 1.38 -20.18
C LEU C 214 16.79 2.25 -20.22
N PHE C 215 15.86 1.91 -21.11
CA PHE C 215 14.60 2.62 -21.21
C PHE C 215 13.81 2.56 -19.91
N VAL C 216 13.64 1.34 -19.40
CA VAL C 216 12.96 1.15 -18.13
C VAL C 216 13.67 1.94 -17.04
N GLU C 217 15.00 1.94 -17.09
CA GLU C 217 15.79 2.60 -16.07
C GLU C 217 15.58 4.11 -16.07
N LEU C 218 15.42 4.69 -17.25
CA LEU C 218 15.32 6.14 -17.39
C LEU C 218 13.90 6.68 -17.24
N PHE C 219 12.92 5.94 -17.75
CA PHE C 219 11.58 6.50 -17.87
C PHE C 219 10.50 5.76 -17.08
N SER C 220 10.88 4.71 -16.37
CA SER C 220 9.89 3.90 -15.66
C SER C 220 9.43 4.54 -14.35
N GLU C 221 8.13 4.46 -14.08
CA GLU C 221 7.55 4.89 -12.82
C GLU C 221 6.90 3.70 -12.13
N ALA C 222 7.01 3.64 -10.81
CA ALA C 222 6.42 2.55 -10.04
C ALA C 222 5.04 2.92 -9.53
N SER D 10 -43.65 40.63 30.33
CA SER D 10 -44.27 39.41 30.81
C SER D 10 -43.53 38.18 30.27
N PHE D 11 -44.26 37.28 29.64
CA PHE D 11 -43.65 36.13 28.99
C PHE D 11 -44.45 35.68 27.78
N ASP D 12 -43.77 35.55 26.65
CA ASP D 12 -44.39 35.02 25.44
C ASP D 12 -43.64 33.77 24.98
N PRO D 13 -44.20 32.59 25.26
CA PRO D 13 -43.59 31.30 24.93
C PRO D 13 -43.04 31.33 23.52
N PHE D 14 -43.87 31.82 22.61
CA PHE D 14 -43.60 31.68 21.19
C PHE D 14 -42.46 32.58 20.70
N ALA D 15 -42.34 33.77 21.28
CA ALA D 15 -41.30 34.70 20.88
C ALA D 15 -40.01 34.48 21.66
N SER D 16 -40.13 33.86 22.83
CA SER D 16 -39.00 33.69 23.74
C SER D 16 -37.75 33.10 23.08
N THR D 17 -36.60 33.66 23.45
CA THR D 17 -35.30 33.21 22.95
C THR D 17 -34.51 32.63 24.12
N ARG D 18 -35.17 32.54 25.26
CA ARG D 18 -34.57 32.19 26.54
C ARG D 18 -34.06 30.74 26.61
N THR D 19 -33.07 30.51 27.46
CA THR D 19 -32.53 29.17 27.70
C THR D 19 -32.93 28.66 29.08
N PHE D 20 -33.53 27.47 29.11
CA PHE D 20 -33.94 26.84 30.37
C PHE D 20 -33.00 25.69 30.71
N ASN D 21 -32.50 25.70 31.94
CA ASN D 21 -31.62 24.64 32.42
C ASN D 21 -32.36 23.67 33.34
N LEU D 22 -32.41 22.41 32.95
CA LEU D 22 -33.18 21.41 33.68
C LEU D 22 -32.30 20.25 34.16
N ALA D 23 -32.46 19.87 35.42
CA ALA D 23 -31.70 18.77 36.00
C ALA D 23 -32.51 17.49 36.03
N MET D 24 -31.95 16.41 35.52
CA MET D 24 -32.62 15.12 35.49
C MET D 24 -31.61 13.98 35.55
N THR D 25 -32.08 12.80 35.93
CA THR D 25 -31.26 11.59 35.82
C THR D 25 -31.30 11.13 34.37
N ASP D 26 -30.45 10.16 34.03
CA ASP D 26 -30.41 9.65 32.66
C ASP D 26 -31.75 9.07 32.24
N ILE D 27 -32.52 8.58 33.21
CA ILE D 27 -33.84 8.02 32.94
C ILE D 27 -34.85 9.10 32.57
N GLY D 28 -34.94 10.13 33.43
CA GLY D 28 -35.84 11.23 33.19
C GLY D 28 -35.59 11.90 31.86
N GLU D 29 -34.30 12.08 31.55
CA GLU D 29 -33.90 12.71 30.30
C GLU D 29 -34.38 11.89 29.10
N MET D 30 -34.35 10.57 29.24
CA MET D 30 -34.76 9.67 28.17
C MET D 30 -36.28 9.61 28.05
N TYR D 31 -36.98 10.08 29.08
CA TYR D 31 -38.43 9.99 29.12
C TYR D 31 -39.13 11.33 28.88
N PHE D 32 -38.57 12.39 29.44
CA PHE D 32 -39.19 13.72 29.36
C PHE D 32 -38.88 14.44 28.06
N MET D 33 -37.64 14.32 27.60
CA MET D 33 -37.15 15.13 26.48
C MET D 33 -37.92 14.97 25.16
N PRO D 34 -38.05 13.74 24.67
CA PRO D 34 -38.77 13.56 23.40
C PRO D 34 -40.16 14.19 23.40
N PRO D 35 -41.00 13.89 24.41
CA PRO D 35 -42.33 14.51 24.44
C PRO D 35 -42.26 16.03 24.64
N LEU D 36 -41.22 16.51 25.31
CA LEU D 36 -41.07 17.93 25.57
C LEU D 36 -40.64 18.70 24.33
N MET D 37 -39.60 18.22 23.66
CA MET D 37 -39.13 18.84 22.43
C MET D 37 -40.23 18.80 21.38
N GLU D 38 -41.06 17.78 21.45
CA GLU D 38 -42.19 17.63 20.54
C GLU D 38 -43.21 18.73 20.80
N ALA D 39 -43.45 19.00 22.08
CA ALA D 39 -44.42 20.01 22.48
C ALA D 39 -43.89 21.42 22.28
N LEU D 40 -42.58 21.59 22.39
CA LEU D 40 -41.97 22.92 22.26
C LEU D 40 -41.85 23.36 20.80
N ALA D 41 -41.82 22.40 19.89
CA ALA D 41 -41.72 22.70 18.47
C ALA D 41 -42.90 23.57 18.03
N GLN D 42 -44.00 23.44 18.74
CA GLN D 42 -45.23 24.15 18.38
C GLN D 42 -45.51 25.35 19.29
N ARG D 43 -45.00 25.28 20.52
CA ARG D 43 -45.33 26.26 21.54
C ARG D 43 -44.24 27.31 21.78
N ALA D 44 -42.98 26.86 21.71
CA ALA D 44 -41.85 27.76 21.91
C ALA D 44 -40.69 27.39 21.00
N PRO D 45 -40.86 27.60 19.69
CA PRO D 45 -39.90 27.19 18.66
C PRO D 45 -38.52 27.85 18.80
N HIS D 46 -38.39 28.82 19.70
CA HIS D 46 -37.17 29.63 19.74
C HIS D 46 -36.34 29.51 21.02
N ILE D 47 -36.94 29.04 22.10
CA ILE D 47 -36.20 28.88 23.35
C ILE D 47 -35.10 27.84 23.18
N GLN D 48 -34.34 27.63 24.25
CA GLN D 48 -33.26 26.65 24.23
C GLN D 48 -33.26 25.82 25.50
N ILE D 49 -33.28 24.51 25.35
CA ILE D 49 -33.29 23.61 26.50
C ILE D 49 -31.92 22.99 26.74
N SER D 50 -31.47 23.04 27.99
CA SER D 50 -30.18 22.47 28.35
C SER D 50 -30.36 21.63 29.62
N THR D 51 -29.83 20.42 29.60
CA THR D 51 -30.01 19.52 30.73
C THR D 51 -28.69 19.14 31.38
N LEU D 52 -28.76 18.76 32.65
CA LEU D 52 -27.61 18.34 33.42
C LEU D 52 -28.04 17.25 34.40
N ARG D 53 -27.06 16.58 35.01
CA ARG D 53 -27.35 15.58 36.02
C ARG D 53 -27.41 16.24 37.39
N PRO D 54 -28.27 15.71 38.28
CA PRO D 54 -28.40 16.25 39.63
C PRO D 54 -27.06 16.19 40.37
N ASN D 55 -26.24 15.20 40.02
CA ASN D 55 -24.94 15.01 40.65
C ASN D 55 -23.88 15.97 40.10
N ALA D 56 -24.25 16.72 39.07
CA ALA D 56 -23.35 17.70 38.47
C ALA D 56 -23.42 19.04 39.20
N GLY D 57 -22.28 19.49 39.71
CA GLY D 57 -22.22 20.75 40.42
C GLY D 57 -23.06 20.78 41.68
N ASN D 58 -23.42 21.98 42.12
CA ASN D 58 -24.19 22.15 43.34
C ASN D 58 -25.65 22.53 43.04
N LEU D 59 -26.51 21.52 43.07
CA LEU D 59 -27.89 21.65 42.63
C LEU D 59 -28.65 22.73 43.40
N LYS D 60 -28.80 22.47 44.70
CA LYS D 60 -29.49 23.37 45.64
C LYS D 60 -29.08 24.85 45.51
N GLU D 61 -27.80 25.09 45.19
CA GLU D 61 -27.25 26.44 45.03
C GLU D 61 -27.62 27.01 43.67
N ASP D 62 -27.37 26.23 42.62
CA ASP D 62 -27.65 26.67 41.25
C ASP D 62 -29.16 26.94 41.07
N MET D 63 -30.01 26.09 41.67
CA MET D 63 -31.47 26.28 41.66
C MET D 63 -31.89 27.58 42.35
N GLU D 64 -31.31 27.87 43.52
CA GLU D 64 -31.53 29.14 44.23
C GLU D 64 -30.98 30.37 43.47
N SER D 65 -29.79 30.24 42.87
CA SER D 65 -29.16 31.38 42.19
C SER D 65 -29.78 31.61 40.81
N GLY D 66 -30.40 30.57 40.26
CA GLY D 66 -31.08 30.73 38.98
C GLY D 66 -30.41 30.01 37.82
N ALA D 67 -29.20 29.48 38.04
CA ALA D 67 -28.47 28.78 36.99
C ALA D 67 -29.25 27.55 36.52
N VAL D 68 -30.02 26.98 37.43
CA VAL D 68 -30.89 25.85 37.11
C VAL D 68 -32.35 26.22 37.38
N ASP D 69 -33.19 26.06 36.36
CA ASP D 69 -34.59 26.47 36.47
C ASP D 69 -35.47 25.44 37.18
N LEU D 70 -35.39 24.19 36.73
CA LEU D 70 -36.24 23.14 37.28
C LEU D 70 -35.47 21.85 37.54
N ALA D 71 -35.96 21.07 38.49
CA ALA D 71 -35.38 19.77 38.81
C ALA D 71 -36.43 18.68 38.66
N LEU D 72 -35.99 17.47 38.32
CA LEU D 72 -36.91 16.37 38.07
C LEU D 72 -36.37 15.05 38.61
N GLY D 73 -37.14 14.40 39.48
CA GLY D 73 -36.75 13.14 40.08
C GLY D 73 -37.21 13.03 41.52
N LEU D 74 -36.60 12.10 42.26
CA LEU D 74 -36.92 11.94 43.67
C LEU D 74 -36.29 13.09 44.47
N LEU D 75 -34.97 13.20 44.37
CA LEU D 75 -34.23 14.31 44.96
C LEU D 75 -34.67 14.63 46.39
N PRO D 76 -34.40 13.72 47.34
CA PRO D 76 -34.75 13.91 48.75
C PRO D 76 -34.03 15.11 49.35
N GLU D 77 -32.97 15.56 48.67
CA GLU D 77 -32.14 16.66 49.14
C GLU D 77 -32.89 17.98 49.09
N LEU D 78 -33.68 18.16 48.04
CA LEU D 78 -34.42 19.41 47.82
C LEU D 78 -35.66 19.48 48.70
N GLN D 79 -35.54 20.15 49.84
CA GLN D 79 -36.65 20.25 50.77
C GLN D 79 -37.04 21.70 51.10
N THR D 80 -36.13 22.42 51.75
CA THR D 80 -36.44 23.75 52.24
C THR D 80 -36.08 24.85 51.24
N GLY D 81 -37.04 25.73 50.98
CA GLY D 81 -36.86 26.78 49.99
C GLY D 81 -37.21 26.26 48.61
N PHE D 82 -37.70 25.03 48.56
CA PHE D 82 -38.02 24.38 47.30
C PHE D 82 -39.47 23.93 47.23
N PHE D 83 -40.19 24.40 46.21
CA PHE D 83 -41.52 23.91 45.91
C PHE D 83 -41.39 22.57 45.19
N GLN D 84 -42.46 21.78 45.19
CA GLN D 84 -42.45 20.51 44.48
C GLN D 84 -43.85 20.00 44.12
N ARG D 85 -43.94 19.40 42.94
CA ARG D 85 -45.17 18.79 42.45
C ARG D 85 -44.86 17.35 42.06
N ARG D 86 -45.78 16.44 42.35
CA ARG D 86 -45.59 15.06 41.93
C ARG D 86 -46.23 14.84 40.57
N LEU D 87 -45.44 14.36 39.62
CA LEU D 87 -45.93 14.11 38.26
C LEU D 87 -46.49 12.70 38.14
N PHE D 88 -45.72 11.73 38.61
CA PHE D 88 -46.16 10.34 38.60
C PHE D 88 -45.38 9.50 39.60
N ARG D 89 -45.82 8.26 39.74
CA ARG D 89 -45.22 7.29 40.64
C ARG D 89 -45.11 6.02 39.82
N HIS D 90 -43.92 5.42 39.74
CA HIS D 90 -43.82 4.19 38.97
C HIS D 90 -43.05 3.07 39.66
N ARG D 91 -43.47 1.84 39.38
CA ARG D 91 -42.94 0.66 40.02
C ARG D 91 -41.77 0.08 39.25
N TYR D 92 -41.05 -0.85 39.88
CA TYR D 92 -39.98 -1.57 39.19
C TYR D 92 -40.54 -2.78 38.47
N VAL D 93 -39.95 -3.12 37.34
CA VAL D 93 -40.38 -4.27 36.56
C VAL D 93 -39.19 -5.09 36.11
N CYS D 94 -39.45 -6.34 35.72
CA CYS D 94 -38.42 -7.19 35.14
C CYS D 94 -38.47 -7.06 33.63
N MET D 95 -37.33 -6.75 33.02
CA MET D 95 -37.28 -6.64 31.56
C MET D 95 -36.33 -7.66 30.96
N PHE D 96 -36.74 -8.22 29.83
CA PHE D 96 -35.95 -9.19 29.09
C PHE D 96 -36.47 -9.21 27.67
N ARG D 97 -35.70 -9.81 26.76
CA ARG D 97 -36.15 -9.88 25.38
C ARG D 97 -37.42 -10.71 25.26
N LYS D 98 -38.25 -10.37 24.29
CA LYS D 98 -39.56 -10.99 24.12
C LYS D 98 -39.47 -12.49 23.85
N ASP D 99 -38.49 -12.90 23.05
CA ASP D 99 -38.34 -14.31 22.66
C ASP D 99 -37.39 -15.06 23.58
N HIS D 100 -37.33 -14.63 24.84
CA HIS D 100 -36.50 -15.29 25.83
C HIS D 100 -36.90 -16.76 25.96
N PRO D 101 -35.91 -17.64 26.12
CA PRO D 101 -36.11 -19.09 26.11
C PRO D 101 -36.84 -19.65 27.33
N SER D 102 -36.84 -18.93 28.45
CA SER D 102 -37.45 -19.48 29.65
C SER D 102 -38.20 -18.47 30.53
N ALA D 103 -38.12 -17.20 30.17
CA ALA D 103 -38.74 -16.14 30.98
C ALA D 103 -40.17 -15.87 30.55
N LYS D 104 -40.99 -15.43 31.50
CA LYS D 104 -42.41 -15.22 31.24
C LYS D 104 -42.99 -14.24 32.23
N SER D 105 -44.09 -13.59 31.83
CA SER D 105 -44.82 -12.72 32.73
C SER D 105 -46.17 -13.36 33.09
N PRO D 106 -46.50 -13.41 34.39
CA PRO D 106 -45.69 -12.87 35.48
C PRO D 106 -44.52 -13.78 35.86
N MET D 107 -43.34 -13.20 36.03
CA MET D 107 -42.18 -13.95 36.46
C MET D 107 -42.28 -14.28 37.94
N SER D 108 -41.90 -15.50 38.29
CA SER D 108 -41.97 -15.95 39.68
C SER D 108 -40.72 -15.54 40.46
N LEU D 109 -40.85 -15.53 41.78
CA LEU D 109 -39.72 -15.19 42.64
C LEU D 109 -38.63 -16.26 42.52
N LYS D 110 -39.05 -17.50 42.32
CA LYS D 110 -38.13 -18.60 42.15
C LYS D 110 -37.32 -18.46 40.86
N GLN D 111 -38.01 -18.14 39.77
CA GLN D 111 -37.36 -18.01 38.47
C GLN D 111 -36.47 -16.78 38.43
N PHE D 112 -36.90 -15.73 39.12
CA PHE D 112 -36.14 -14.49 39.16
C PHE D 112 -34.74 -14.74 39.69
N THR D 113 -34.62 -15.71 40.60
CA THR D 113 -33.35 -15.98 41.25
C THR D 113 -32.51 -17.01 40.48
N GLU D 114 -33.15 -17.78 39.62
CA GLU D 114 -32.45 -18.80 38.86
C GLU D 114 -31.88 -18.23 37.55
N LEU D 115 -32.48 -17.15 37.08
CA LEU D 115 -32.03 -16.50 35.85
C LEU D 115 -30.80 -15.62 36.14
N GLU D 116 -30.17 -15.12 35.08
CA GLU D 116 -29.01 -14.24 35.26
C GLU D 116 -29.35 -12.78 35.00
N HIS D 117 -28.68 -11.89 35.72
CA HIS D 117 -29.03 -10.47 35.72
C HIS D 117 -27.92 -9.55 35.21
N VAL D 118 -28.35 -8.39 34.72
CA VAL D 118 -27.45 -7.26 34.50
C VAL D 118 -27.90 -6.13 35.41
N GLY D 119 -27.00 -5.65 36.26
CA GLY D 119 -27.38 -4.68 37.27
C GLY D 119 -26.86 -3.28 37.04
N VAL D 120 -27.70 -2.30 37.33
CA VAL D 120 -27.31 -0.89 37.25
C VAL D 120 -27.09 -0.36 38.66
N VAL D 121 -25.91 0.20 38.90
CA VAL D 121 -25.59 0.74 40.21
C VAL D 121 -26.40 2.00 40.50
N ALA D 122 -26.55 2.84 39.48
CA ALA D 122 -27.32 4.08 39.61
C ALA D 122 -26.98 4.79 40.92
N LEU D 123 -25.68 4.95 41.17
CA LEU D 123 -25.20 5.50 42.43
C LEU D 123 -25.80 6.87 42.75
N ASN D 124 -26.27 7.00 43.99
CA ASN D 124 -26.78 8.27 44.50
C ASN D 124 -28.02 8.78 43.80
N THR D 125 -28.83 7.85 43.31
CA THR D 125 -30.17 8.16 42.84
C THR D 125 -31.14 7.27 43.60
N GLY D 126 -32.43 7.46 43.36
CA GLY D 126 -33.43 6.62 43.99
C GLY D 126 -33.28 5.17 43.57
N HIS D 127 -32.82 4.96 42.34
CA HIS D 127 -32.75 3.62 41.76
C HIS D 127 -31.58 2.80 42.27
N GLY D 128 -30.72 3.40 43.08
CA GLY D 128 -29.57 2.72 43.62
C GLY D 128 -29.85 2.03 44.95
N GLU D 129 -31.06 2.21 45.45
CA GLU D 129 -31.45 1.61 46.73
C GLU D 129 -32.01 0.21 46.53
N VAL D 130 -32.21 -0.16 45.26
CA VAL D 130 -32.84 -1.43 44.92
C VAL D 130 -32.00 -2.67 45.23
N ASP D 131 -30.71 -2.63 44.88
CA ASP D 131 -29.84 -3.78 45.05
C ASP D 131 -29.72 -4.21 46.50
N GLY D 132 -29.78 -3.23 47.41
CA GLY D 132 -29.71 -3.50 48.83
C GLY D 132 -30.99 -4.09 49.40
N LEU D 133 -32.11 -3.73 48.79
CA LEU D 133 -33.42 -4.22 49.25
C LEU D 133 -33.60 -5.71 49.02
N LEU D 134 -33.24 -6.18 47.83
CA LEU D 134 -33.31 -7.60 47.52
C LEU D 134 -32.27 -8.36 48.34
N GLU D 135 -31.14 -7.71 48.57
CA GLU D 135 -30.07 -8.30 49.37
C GLU D 135 -30.50 -8.43 50.83
N ARG D 136 -31.36 -7.53 51.27
CA ARG D 136 -31.86 -7.56 52.64
C ARG D 136 -33.00 -8.56 52.81
N ALA D 137 -33.75 -8.79 51.74
CA ALA D 137 -34.84 -9.76 51.78
C ALA D 137 -34.35 -11.15 51.41
N GLY D 138 -33.03 -11.30 51.30
CA GLY D 138 -32.41 -12.58 51.02
C GLY D 138 -32.66 -13.10 49.61
N ILE D 139 -32.85 -12.20 48.66
CA ILE D 139 -33.00 -12.59 47.27
C ILE D 139 -31.67 -12.43 46.53
N LYS D 140 -30.97 -13.55 46.36
CA LYS D 140 -29.66 -13.54 45.73
C LYS D 140 -29.78 -13.66 44.21
N ARG D 141 -28.88 -12.99 43.50
CA ARG D 141 -28.93 -12.97 42.04
C ARG D 141 -27.58 -13.32 41.41
N ARG D 142 -27.63 -14.02 40.28
CA ARG D 142 -26.44 -14.32 39.50
C ARG D 142 -26.06 -13.07 38.71
N MET D 143 -25.44 -12.11 39.39
CA MET D 143 -25.04 -10.87 38.73
C MET D 143 -23.96 -11.12 37.69
N ARG D 144 -24.40 -11.31 36.45
CA ARG D 144 -23.47 -11.60 35.37
CA ARG D 144 -23.48 -11.59 35.35
C ARG D 144 -22.74 -10.34 34.89
N LEU D 145 -23.47 -9.23 34.82
CA LEU D 145 -22.89 -7.96 34.40
C LEU D 145 -23.39 -6.83 35.29
N VAL D 146 -22.50 -5.90 35.61
CA VAL D 146 -22.87 -4.72 36.38
C VAL D 146 -22.40 -3.46 35.67
N VAL D 147 -23.32 -2.52 35.47
CA VAL D 147 -23.01 -1.28 34.77
C VAL D 147 -23.39 -0.06 35.60
N PRO D 148 -22.72 1.08 35.35
CA PRO D 148 -23.00 2.32 36.07
C PRO D 148 -24.38 2.89 35.75
N HIS D 149 -24.78 2.85 34.48
CA HIS D 149 -26.03 3.47 34.07
C HIS D 149 -26.81 2.66 33.03
N PHE D 150 -27.93 3.21 32.56
CA PHE D 150 -28.90 2.46 31.79
C PHE D 150 -28.68 2.45 30.27
N ILE D 151 -27.78 3.30 29.78
CA ILE D 151 -27.63 3.50 28.34
C ILE D 151 -27.54 2.21 27.52
N ALA D 152 -26.86 1.20 28.05
CA ALA D 152 -26.61 -0.03 27.30
C ALA D 152 -27.57 -1.16 27.63
N ILE D 153 -28.51 -0.90 28.54
CA ILE D 153 -29.41 -1.95 29.03
C ILE D 153 -30.29 -2.56 27.94
N GLY D 154 -30.80 -1.72 27.05
CA GLY D 154 -31.64 -2.20 25.95
C GLY D 154 -30.91 -3.15 25.02
N PRO D 155 -29.85 -2.66 24.37
CA PRO D 155 -29.02 -3.46 23.45
C PRO D 155 -28.54 -4.75 24.09
N ILE D 156 -28.25 -4.72 25.39
CA ILE D 156 -27.78 -5.90 26.10
C ILE D 156 -28.86 -6.97 26.18
N LEU D 157 -30.01 -6.59 26.73
CA LEU D 157 -31.13 -7.52 26.88
C LEU D 157 -31.56 -8.09 25.53
N HIS D 158 -31.37 -7.31 24.48
CA HIS D 158 -31.76 -7.74 23.13
C HIS D 158 -30.90 -8.89 22.62
N SER D 159 -29.62 -8.88 22.97
CA SER D 159 -28.68 -9.87 22.45
C SER D 159 -28.24 -10.91 23.48
N THR D 160 -28.94 -10.97 24.60
CA THR D 160 -28.61 -11.94 25.64
C THR D 160 -29.85 -12.53 26.30
N ASP D 161 -29.63 -13.47 27.21
CA ASP D 161 -30.71 -14.10 27.96
C ASP D 161 -30.74 -13.56 29.39
N LEU D 162 -30.10 -12.41 29.59
CA LEU D 162 -30.09 -11.76 30.89
C LEU D 162 -31.40 -11.03 31.13
N ILE D 163 -31.71 -10.79 32.41
CA ILE D 163 -32.87 -9.99 32.76
C ILE D 163 -32.42 -8.82 33.63
N ALA D 164 -33.26 -7.80 33.74
CA ALA D 164 -32.88 -6.60 34.48
C ALA D 164 -34.05 -6.04 35.30
N THR D 165 -33.73 -5.51 36.47
CA THR D 165 -34.69 -4.75 37.27
C THR D 165 -34.61 -3.30 36.83
N VAL D 166 -35.74 -2.74 36.41
CA VAL D 166 -35.76 -1.43 35.79
C VAL D 166 -37.05 -0.67 36.06
N PRO D 167 -36.96 0.66 36.18
CA PRO D 167 -38.15 1.50 36.27
C PRO D 167 -39.05 1.27 35.05
N GLN D 168 -40.37 1.25 35.26
CA GLN D 168 -41.30 0.93 34.17
C GLN D 168 -41.29 1.96 33.04
N ARG D 169 -41.24 3.24 33.39
CA ARG D 169 -41.15 4.30 32.38
C ARG D 169 -39.93 4.16 31.48
N PHE D 170 -38.89 3.51 31.98
CA PHE D 170 -37.70 3.25 31.16
C PHE D 170 -37.97 2.11 30.19
N ALA D 171 -38.77 1.14 30.64
CA ALA D 171 -39.12 0.00 29.83
C ALA D 171 -40.02 0.38 28.66
N VAL D 172 -40.95 1.29 28.91
CA VAL D 172 -41.88 1.73 27.88
C VAL D 172 -41.15 2.40 26.71
N ARG D 173 -39.98 2.96 27.00
CA ARG D 173 -39.16 3.61 25.99
C ARG D 173 -38.34 2.60 25.19
N CYS D 174 -38.21 1.38 25.74
CA CYS D 174 -37.30 0.39 25.17
C CYS D 174 -37.98 -0.81 24.53
N GLU D 175 -39.11 -1.22 25.10
CA GLU D 175 -39.78 -2.45 24.67
C GLU D 175 -39.79 -2.66 23.16
N VAL D 176 -40.44 -1.75 22.43
CA VAL D 176 -40.57 -1.88 20.99
C VAL D 176 -39.24 -1.74 20.24
N PRO D 177 -38.46 -0.69 20.54
CA PRO D 177 -37.17 -0.47 19.86
C PRO D 177 -36.21 -1.66 19.98
N PHE D 178 -36.10 -2.25 21.17
CA PHE D 178 -35.15 -3.33 21.40
C PHE D 178 -35.80 -4.70 21.50
N GLY D 179 -37.08 -4.78 21.12
CA GLY D 179 -37.80 -6.03 21.12
C GLY D 179 -37.82 -6.72 22.47
N LEU D 180 -38.01 -5.95 23.53
CA LEU D 180 -38.04 -6.47 24.88
C LEU D 180 -39.47 -6.57 25.40
N THR D 181 -39.63 -7.19 26.57
CA THR D 181 -40.92 -7.27 27.24
C THR D 181 -40.71 -7.28 28.75
N THR D 182 -41.76 -6.93 29.49
CA THR D 182 -41.63 -6.78 30.93
C THR D 182 -42.54 -7.72 31.73
N SER D 183 -42.28 -7.79 33.03
CA SER D 183 -43.11 -8.56 33.95
C SER D 183 -43.20 -7.82 35.27
N PRO D 184 -44.38 -7.83 35.91
CA PRO D 184 -44.49 -7.29 37.27
C PRO D 184 -43.43 -7.92 38.15
N HIS D 185 -42.73 -7.11 38.94
CA HIS D 185 -41.62 -7.61 39.73
C HIS D 185 -42.07 -8.56 40.83
N PRO D 186 -41.52 -9.79 40.84
CA PRO D 186 -41.82 -10.83 41.83
C PRO D 186 -41.44 -10.41 43.25
N ALA D 187 -40.46 -9.53 43.38
CA ALA D 187 -40.00 -9.09 44.68
C ALA D 187 -40.80 -7.89 45.16
N LYS D 188 -40.82 -7.67 46.48
CA LYS D 188 -41.56 -6.56 47.05
C LYS D 188 -40.70 -5.30 47.09
N LEU D 189 -40.90 -4.42 46.11
CA LEU D 189 -40.14 -3.19 46.02
C LEU D 189 -41.07 -1.96 46.09
N PRO D 190 -40.62 -0.90 46.75
CA PRO D 190 -41.38 0.35 46.90
C PRO D 190 -41.61 1.07 45.58
N ASP D 191 -42.49 2.07 45.59
CA ASP D 191 -42.76 2.88 44.41
C ASP D 191 -41.85 4.11 44.35
N ILE D 192 -41.35 4.42 43.16
CA ILE D 192 -40.49 5.58 42.97
C ILE D 192 -41.34 6.79 42.63
N ALA D 193 -41.27 7.82 43.48
CA ALA D 193 -42.06 9.03 43.27
C ALA D 193 -41.26 10.11 42.54
N ILE D 194 -41.63 10.36 41.30
CA ILE D 194 -40.96 11.37 40.49
C ILE D 194 -41.60 12.74 40.65
N ASN D 195 -40.81 13.70 41.15
CA ASN D 195 -41.33 15.03 41.45
C ASN D 195 -40.76 16.12 40.55
N LEU D 196 -41.42 17.27 40.55
CA LEU D 196 -40.94 18.45 39.82
C LEU D 196 -40.66 19.56 40.82
N PHE D 197 -39.41 20.00 40.88
CA PHE D 197 -38.99 21.00 41.86
C PHE D 197 -38.71 22.35 41.23
N TRP D 198 -38.81 23.40 42.05
CA TRP D 198 -38.38 24.75 41.66
C TRP D 198 -38.17 25.59 42.90
N HIS D 199 -37.19 26.49 42.86
CA HIS D 199 -36.85 27.30 44.02
C HIS D 199 -37.87 28.42 44.23
N ALA D 200 -37.90 28.95 45.46
CA ALA D 200 -38.88 29.96 45.85
C ALA D 200 -38.77 31.25 45.03
N LYS D 201 -37.55 31.65 44.72
CA LYS D 201 -37.31 32.93 44.05
C LYS D 201 -37.93 33.01 42.66
N TYR D 202 -38.17 31.87 42.05
CA TYR D 202 -38.71 31.83 40.69
C TYR D 202 -40.10 31.21 40.68
N ASN D 203 -40.75 31.25 41.84
CA ASN D 203 -42.10 30.73 41.99
C ASN D 203 -43.12 31.61 41.27
N ARG D 204 -42.86 32.90 41.23
CA ARG D 204 -43.75 33.85 40.58
C ARG D 204 -43.16 34.37 39.27
N ASP D 205 -42.18 33.64 38.73
CA ASP D 205 -41.55 34.00 37.47
C ASP D 205 -42.33 33.39 36.30
N PRO D 206 -42.95 34.25 35.49
CA PRO D 206 -43.79 33.83 34.36
C PRO D 206 -43.13 32.75 33.50
N GLY D 207 -41.87 32.95 33.13
CA GLY D 207 -41.15 31.99 32.32
C GLY D 207 -41.08 30.62 32.98
N ASN D 208 -40.64 30.61 34.24
CA ASN D 208 -40.55 29.38 35.01
C ASN D 208 -41.93 28.74 35.18
N MET D 209 -42.91 29.56 35.56
CA MET D 209 -44.29 29.11 35.74
C MET D 209 -44.81 28.40 34.50
N TRP D 210 -44.58 29.01 33.34
CA TRP D 210 -45.08 28.46 32.08
C TRP D 210 -44.53 27.06 31.81
N LEU D 211 -43.20 26.96 31.73
CA LEU D 211 -42.56 25.67 31.50
C LEU D 211 -42.95 24.69 32.60
N ARG D 212 -43.12 25.22 33.81
CA ARG D 212 -43.54 24.43 34.95
C ARG D 212 -44.88 23.76 34.68
N GLN D 213 -45.84 24.56 34.20
CA GLN D 213 -47.18 24.07 33.91
C GLN D 213 -47.20 23.12 32.72
N LEU D 214 -46.31 23.36 31.76
CA LEU D 214 -46.22 22.50 30.58
C LEU D 214 -45.79 21.09 30.97
N PHE D 215 -44.89 21.00 31.95
CA PHE D 215 -44.45 19.72 32.47
C PHE D 215 -45.59 18.97 33.14
N VAL D 216 -46.36 19.68 33.95
CA VAL D 216 -47.51 19.09 34.63
C VAL D 216 -48.54 18.61 33.61
N GLU D 217 -48.77 19.43 32.59
CA GLU D 217 -49.74 19.07 31.56
C GLU D 217 -49.38 17.77 30.85
N LEU D 218 -48.13 17.67 30.41
CA LEU D 218 -47.69 16.53 29.61
C LEU D 218 -47.50 15.25 30.42
N PHE D 219 -46.87 15.36 31.58
CA PHE D 219 -46.39 14.18 32.29
C PHE D 219 -47.12 13.84 33.60
N SER D 220 -48.02 14.70 34.04
CA SER D 220 -48.72 14.47 35.31
C SER D 220 -49.88 13.49 35.16
N GLU D 221 -50.11 12.69 36.19
CA GLU D 221 -51.20 11.72 36.19
C GLU D 221 -52.33 12.16 37.12
N SER E 10 18.74 -1.47 46.85
CA SER E 10 18.07 -2.49 46.06
C SER E 10 17.73 -1.96 44.67
N PHE E 11 17.17 -2.84 43.83
CA PHE E 11 16.76 -2.45 42.50
C PHE E 11 15.37 -2.99 42.16
N ASP E 12 14.44 -2.08 41.90
CA ASP E 12 13.10 -2.46 41.48
C ASP E 12 12.96 -2.16 39.99
N PRO E 13 13.19 -3.17 39.14
CA PRO E 13 13.17 -3.01 37.68
C PRO E 13 11.96 -2.21 37.20
N PHE E 14 10.83 -2.36 37.87
CA PHE E 14 9.60 -1.71 37.44
C PHE E 14 9.58 -0.22 37.80
N ALA E 15 9.96 0.10 39.04
CA ALA E 15 9.90 1.47 39.53
C ALA E 15 11.15 2.27 39.18
N SER E 16 12.16 1.59 38.65
CA SER E 16 13.44 2.23 38.37
C SER E 16 13.32 3.38 37.36
N THR E 17 14.05 4.45 37.63
CA THR E 17 14.10 5.63 36.76
C THR E 17 15.53 5.75 36.21
N ARG E 18 16.37 4.84 36.66
CA ARG E 18 17.80 4.83 36.35
C ARG E 18 18.12 4.68 34.86
N THR E 19 19.30 5.16 34.47
CA THR E 19 19.75 5.06 33.08
C THR E 19 20.95 4.12 32.96
N PHE E 20 20.88 3.19 32.00
CA PHE E 20 21.98 2.27 31.74
C PHE E 20 22.69 2.64 30.44
N ASN E 21 24.02 2.72 30.50
CA ASN E 21 24.82 3.02 29.33
C ASN E 21 25.51 1.78 28.80
N LEU E 22 25.09 1.32 27.62
CA LEU E 22 25.57 0.07 27.06
C LEU E 22 26.48 0.27 25.85
N ALA E 23 27.71 -0.22 25.94
CA ALA E 23 28.66 -0.12 24.84
C ALA E 23 28.53 -1.32 23.91
N MET E 24 28.39 -1.05 22.61
CA MET E 24 28.24 -2.11 21.63
C MET E 24 28.53 -1.59 20.22
N THR E 25 28.82 -2.50 19.31
CA THR E 25 29.08 -2.14 17.92
C THR E 25 27.76 -1.88 17.19
N ASP E 26 27.85 -1.53 15.91
CA ASP E 26 26.65 -1.24 15.13
C ASP E 26 25.88 -2.52 14.79
N ILE E 27 26.61 -3.62 14.65
CA ILE E 27 25.99 -4.92 14.42
C ILE E 27 25.23 -5.35 15.66
N GLY E 28 25.89 -5.25 16.81
CA GLY E 28 25.29 -5.62 18.07
C GLY E 28 24.15 -4.69 18.46
N GLU E 29 24.30 -3.41 18.16
CA GLU E 29 23.27 -2.42 18.45
C GLU E 29 22.01 -2.69 17.63
N MET E 30 22.21 -3.10 16.38
CA MET E 30 21.09 -3.39 15.50
C MET E 30 20.44 -4.70 15.87
N TYR E 31 21.17 -5.57 16.56
CA TYR E 31 20.66 -6.87 16.94
C TYR E 31 20.00 -6.87 18.31
N PHE E 32 20.69 -6.30 19.30
CA PHE E 32 20.21 -6.35 20.68
C PHE E 32 19.07 -5.39 20.98
N MET E 33 19.15 -4.18 20.44
CA MET E 33 18.25 -3.11 20.84
C MET E 33 16.76 -3.36 20.63
N PRO E 34 16.36 -3.81 19.43
CA PRO E 34 14.93 -4.06 19.24
C PRO E 34 14.34 -5.07 20.25
N PRO E 35 14.99 -6.23 20.43
CA PRO E 35 14.46 -7.21 21.39
C PRO E 35 14.53 -6.71 22.83
N LEU E 36 15.58 -5.96 23.16
CA LEU E 36 15.75 -5.44 24.52
C LEU E 36 14.68 -4.41 24.85
N MET E 37 14.47 -3.46 23.95
CA MET E 37 13.44 -2.44 24.14
C MET E 37 12.07 -3.11 24.23
N GLU E 38 11.91 -4.23 23.53
CA GLU E 38 10.68 -5.01 23.62
C GLU E 38 10.46 -5.56 25.02
N ALA E 39 11.50 -6.18 25.58
CA ALA E 39 11.40 -6.81 26.88
C ALA E 39 11.26 -5.78 28.01
N LEU E 40 11.95 -4.65 27.84
CA LEU E 40 11.92 -3.61 28.86
C LEU E 40 10.56 -2.92 28.94
N ALA E 41 9.76 -3.07 27.89
CA ALA E 41 8.45 -2.43 27.83
C ALA E 41 7.53 -2.88 28.96
N GLN E 42 7.64 -4.12 29.38
CA GLN E 42 6.79 -4.64 30.44
C GLN E 42 7.55 -4.81 31.75
N ARG E 43 8.86 -5.02 31.64
CA ARG E 43 9.69 -5.28 32.80
C ARG E 43 10.15 -4.00 33.49
N ALA E 44 10.59 -3.03 32.70
CA ALA E 44 11.14 -1.79 33.25
C ALA E 44 10.76 -0.59 32.39
N PRO E 45 9.48 -0.18 32.46
CA PRO E 45 8.93 0.88 31.60
C PRO E 45 9.49 2.28 31.85
N HIS E 46 10.19 2.48 32.97
CA HIS E 46 10.60 3.83 33.35
C HIS E 46 12.11 4.08 33.28
N ILE E 47 12.88 3.02 33.01
CA ILE E 47 14.33 3.17 32.89
C ILE E 47 14.69 3.74 31.51
N GLN E 48 15.91 4.24 31.40
CA GLN E 48 16.39 4.76 30.12
C GLN E 48 17.65 4.02 29.68
N ILE E 49 17.72 3.72 28.39
CA ILE E 49 18.89 3.06 27.82
C ILE E 49 19.63 4.02 26.89
N SER E 50 20.95 4.02 26.98
CA SER E 50 21.77 4.83 26.09
C SER E 50 22.98 4.01 25.65
N THR E 51 23.28 4.02 24.36
CA THR E 51 24.35 3.19 23.83
C THR E 51 25.51 4.01 23.29
N LEU E 52 26.68 3.40 23.27
CA LEU E 52 27.88 4.02 22.73
C LEU E 52 28.70 2.96 22.01
N ARG E 53 29.64 3.41 21.17
CA ARG E 53 30.58 2.49 20.55
C ARG E 53 31.70 2.21 21.54
N PRO E 54 32.18 0.96 21.57
CA PRO E 54 33.27 0.63 22.49
C PRO E 54 34.44 1.58 22.24
N ASN E 55 34.77 1.75 20.97
CA ASN E 55 35.87 2.60 20.55
C ASN E 55 35.64 4.09 20.83
N ALA E 56 34.43 4.45 21.24
CA ALA E 56 34.04 5.85 21.37
C ALA E 56 34.87 6.65 22.37
N GLY E 57 35.64 5.95 23.21
CA GLY E 57 36.44 6.63 24.21
C GLY E 57 37.27 5.67 25.03
N ASN E 58 37.10 5.74 26.35
CA ASN E 58 37.81 4.87 27.27
C ASN E 58 36.87 3.88 27.92
N LEU E 59 36.59 2.80 27.21
CA LEU E 59 35.69 1.77 27.72
C LEU E 59 36.17 1.24 29.07
N LYS E 60 37.38 0.68 29.10
CA LYS E 60 38.02 0.24 30.34
C LYS E 60 37.73 1.17 31.53
N GLU E 61 38.15 2.41 31.40
CA GLU E 61 38.11 3.37 32.51
C GLU E 61 36.68 3.81 32.85
N ASP E 62 35.81 3.81 31.85
CA ASP E 62 34.41 4.22 32.03
C ASP E 62 33.56 3.13 32.73
N MET E 63 33.61 1.89 32.24
CA MET E 63 32.92 0.77 32.89
C MET E 63 33.34 0.67 34.37
N GLU E 64 34.60 0.98 34.67
CA GLU E 64 35.16 0.89 36.02
C GLU E 64 34.61 2.00 36.93
N SER E 65 34.40 3.20 36.37
CA SER E 65 33.81 4.30 37.13
C SER E 65 32.30 4.25 37.13
N GLY E 66 31.70 3.33 36.38
CA GLY E 66 30.25 3.27 36.34
C GLY E 66 29.56 4.10 35.26
N ALA E 67 30.36 4.79 34.46
CA ALA E 67 29.79 5.53 33.32
C ALA E 67 29.20 4.58 32.26
N VAL E 68 29.86 3.45 32.08
CA VAL E 68 29.36 2.37 31.20
C VAL E 68 28.99 1.16 32.07
N ASP E 69 27.76 0.66 31.93
CA ASP E 69 27.32 -0.47 32.76
C ASP E 69 27.71 -1.85 32.17
N LEU E 70 27.59 -1.98 30.85
CA LEU E 70 27.90 -3.23 30.18
C LEU E 70 28.51 -3.00 28.79
N ALA E 71 29.37 -3.92 28.39
CA ALA E 71 29.97 -3.89 27.05
C ALA E 71 29.65 -5.19 26.33
N LEU E 72 29.46 -5.12 25.02
CA LEU E 72 29.04 -6.28 24.24
C LEU E 72 29.87 -6.43 22.96
N GLY E 73 30.27 -7.66 22.67
CA GLY E 73 31.07 -7.96 21.50
C GLY E 73 32.31 -8.77 21.82
N LEU E 74 33.33 -8.64 20.97
CA LEU E 74 34.61 -9.28 21.18
C LEU E 74 35.64 -8.22 21.58
N LEU E 75 36.05 -8.23 22.85
CA LEU E 75 36.84 -7.15 23.42
C LEU E 75 38.07 -7.68 24.18
N PRO E 76 39.06 -8.20 23.42
CA PRO E 76 40.29 -8.79 23.95
C PRO E 76 41.01 -7.87 24.93
N GLU E 77 40.77 -6.56 24.78
CA GLU E 77 41.40 -5.54 25.63
C GLU E 77 40.86 -5.51 27.08
N LEU E 78 39.61 -5.97 27.28
CA LEU E 78 39.04 -6.11 28.62
C LEU E 78 39.44 -7.45 29.26
N GLN E 79 40.56 -7.49 29.95
CA GLN E 79 41.00 -8.69 30.67
C GLN E 79 40.90 -8.52 32.18
N THR E 80 41.77 -7.69 32.74
CA THR E 80 41.95 -7.58 34.20
C THR E 80 41.04 -6.54 34.85
N GLY E 81 40.09 -7.02 35.65
CA GLY E 81 39.10 -6.15 36.29
C GLY E 81 37.72 -6.38 35.71
N PHE E 82 37.64 -7.26 34.72
CA PHE E 82 36.39 -7.49 34.00
C PHE E 82 35.94 -8.93 33.99
N PHE E 83 34.64 -9.14 34.22
CA PHE E 83 34.02 -10.44 34.03
C PHE E 83 33.46 -10.48 32.62
N GLN E 84 33.36 -11.66 32.04
CA GLN E 84 32.72 -11.80 30.74
C GLN E 84 31.89 -13.07 30.65
N ARG E 85 30.69 -12.93 30.11
CA ARG E 85 29.76 -14.04 29.98
C ARG E 85 29.41 -14.23 28.52
N ARG E 86 30.05 -15.20 27.87
CA ARG E 86 29.82 -15.44 26.45
C ARG E 86 28.35 -15.71 26.15
N LEU E 87 27.81 -14.98 25.18
CA LEU E 87 26.40 -15.11 24.83
C LEU E 87 26.19 -16.10 23.69
N PHE E 88 26.89 -15.87 22.58
CA PHE E 88 26.71 -16.71 21.41
C PHE E 88 27.85 -16.55 20.41
N ARG E 89 27.83 -17.39 19.38
CA ARG E 89 28.71 -17.25 18.24
C ARG E 89 27.88 -17.24 16.98
N HIS E 90 28.21 -16.33 16.07
CA HIS E 90 27.61 -16.33 14.75
C HIS E 90 28.72 -16.29 13.71
N ARG E 91 28.55 -17.02 12.63
CA ARG E 91 29.60 -17.13 11.62
C ARG E 91 29.36 -16.20 10.45
N TYR E 92 30.35 -16.07 9.57
CA TYR E 92 30.22 -15.18 8.43
C TYR E 92 29.47 -15.84 7.29
N VAL E 93 28.55 -15.08 6.68
CA VAL E 93 27.78 -15.56 5.55
C VAL E 93 27.99 -14.64 4.36
N CYS E 94 27.57 -15.10 3.19
CA CYS E 94 27.66 -14.29 1.99
C CYS E 94 26.29 -13.72 1.66
N MET E 95 26.19 -12.39 1.60
CA MET E 95 24.92 -11.74 1.30
C MET E 95 24.89 -11.06 -0.06
N PHE E 96 23.80 -11.30 -0.78
CA PHE E 96 23.56 -10.68 -2.07
C PHE E 96 22.06 -10.60 -2.27
N ARG E 97 21.62 -9.83 -3.26
CA ARG E 97 20.18 -9.64 -3.46
C ARG E 97 19.50 -10.91 -3.97
N LYS E 98 18.23 -11.04 -3.61
CA LYS E 98 17.42 -12.21 -3.92
C LYS E 98 17.49 -12.55 -5.42
N ASP E 99 17.14 -11.58 -6.25
CA ASP E 99 17.07 -11.80 -7.70
C ASP E 99 18.39 -11.51 -8.40
N HIS E 100 19.49 -11.88 -7.76
CA HIS E 100 20.82 -11.72 -8.36
C HIS E 100 20.93 -12.58 -9.61
N PRO E 101 21.53 -12.03 -10.68
CA PRO E 101 21.61 -12.74 -11.96
C PRO E 101 22.56 -13.93 -11.93
N SER E 102 23.64 -13.81 -11.17
CA SER E 102 24.67 -14.84 -11.13
C SER E 102 24.66 -15.65 -9.83
N ALA E 103 24.68 -14.95 -8.71
CA ALA E 103 24.85 -15.56 -7.40
C ALA E 103 23.94 -16.77 -7.13
N LYS E 104 24.51 -17.79 -6.52
CA LYS E 104 23.78 -18.99 -6.14
C LYS E 104 24.01 -19.30 -4.67
N SER E 105 23.20 -20.18 -4.11
CA SER E 105 23.39 -20.62 -2.73
C SER E 105 23.20 -22.12 -2.62
N PRO E 106 24.15 -22.80 -1.97
CA PRO E 106 25.38 -22.21 -1.41
C PRO E 106 26.37 -21.78 -2.48
N MET E 107 26.95 -20.60 -2.30
CA MET E 107 27.92 -20.07 -3.24
C MET E 107 29.24 -20.84 -3.16
N SER E 108 29.84 -21.09 -4.31
CA SER E 108 31.12 -21.77 -4.34
C SER E 108 32.26 -20.78 -4.13
N LEU E 109 33.40 -21.28 -3.68
CA LEU E 109 34.56 -20.43 -3.48
C LEU E 109 35.00 -19.83 -4.82
N LYS E 110 34.70 -20.55 -5.90
CA LYS E 110 35.06 -20.11 -7.24
C LYS E 110 34.29 -18.87 -7.67
N GLN E 111 32.98 -18.89 -7.45
CA GLN E 111 32.12 -17.77 -7.83
C GLN E 111 32.34 -16.57 -6.91
N PHE E 112 32.67 -16.86 -5.65
CA PHE E 112 32.90 -15.82 -4.66
C PHE E 112 33.96 -14.84 -5.15
N THR E 113 34.98 -15.35 -5.82
CA THR E 113 36.07 -14.52 -6.34
C THR E 113 35.78 -14.00 -7.75
N GLU E 114 34.74 -14.56 -8.37
CA GLU E 114 34.31 -14.11 -9.69
C GLU E 114 33.49 -12.83 -9.57
N LEU E 115 32.75 -12.71 -8.47
CA LEU E 115 31.84 -11.60 -8.28
C LEU E 115 32.53 -10.43 -7.59
N GLU E 116 31.93 -9.24 -7.72
CA GLU E 116 32.47 -8.05 -7.10
C GLU E 116 31.90 -7.85 -5.70
N HIS E 117 32.65 -7.18 -4.84
CA HIS E 117 32.30 -7.09 -3.42
C HIS E 117 32.17 -5.67 -2.90
N VAL E 118 31.47 -5.56 -1.77
CA VAL E 118 31.49 -4.34 -0.97
C VAL E 118 32.00 -4.72 0.42
N GLY E 119 33.18 -4.20 0.77
CA GLY E 119 33.83 -4.60 2.00
C GLY E 119 33.71 -3.60 3.13
N VAL E 120 33.48 -4.13 4.34
CA VAL E 120 33.43 -3.29 5.52
C VAL E 120 34.75 -3.37 6.28
N VAL E 121 35.42 -2.23 6.42
CA VAL E 121 36.68 -2.17 7.16
C VAL E 121 36.47 -2.71 8.57
N ALA E 122 35.35 -2.32 9.19
CA ALA E 122 35.02 -2.77 10.54
C ALA E 122 36.22 -2.63 11.47
N LEU E 123 37.00 -1.58 11.24
CA LEU E 123 38.22 -1.33 12.01
C LEU E 123 38.04 -1.54 13.51
N ASN E 124 38.98 -2.28 14.11
CA ASN E 124 39.02 -2.48 15.55
C ASN E 124 37.83 -3.21 16.16
N THR E 125 37.21 -4.09 15.38
CA THR E 125 36.18 -4.98 15.91
C THR E 125 36.52 -6.41 15.55
N GLY E 126 35.62 -7.34 15.85
CA GLY E 126 35.84 -8.73 15.51
C GLY E 126 35.73 -8.99 14.02
N HIS E 127 35.18 -8.02 13.29
CA HIS E 127 34.88 -8.21 11.89
C HIS E 127 35.89 -7.54 10.96
N GLY E 128 36.82 -6.79 11.52
CA GLY E 128 37.89 -6.21 10.72
C GLY E 128 38.95 -7.25 10.38
N GLU E 129 38.83 -8.42 11.00
CA GLU E 129 39.80 -9.52 10.84
C GLU E 129 39.64 -10.30 9.52
N VAL E 130 38.41 -10.38 9.02
CA VAL E 130 38.10 -11.16 7.80
C VAL E 130 38.88 -10.73 6.54
N ASP E 131 39.15 -9.43 6.40
CA ASP E 131 39.89 -8.92 5.25
C ASP E 131 41.28 -9.57 5.07
N GLY E 132 42.05 -9.65 6.15
CA GLY E 132 43.36 -10.31 6.09
C GLY E 132 43.32 -11.83 6.15
N LEU E 133 42.31 -12.38 6.83
CA LEU E 133 42.07 -13.82 6.87
C LEU E 133 41.89 -14.37 5.44
N LEU E 134 41.28 -13.56 4.57
CA LEU E 134 40.92 -13.96 3.20
C LEU E 134 42.07 -13.72 2.19
N GLU E 135 42.80 -12.61 2.35
CA GLU E 135 43.98 -12.31 1.52
C GLU E 135 45.19 -13.18 1.86
N ARG E 136 45.20 -13.74 3.08
CA ARG E 136 46.26 -14.68 3.49
C ARG E 136 45.93 -16.10 3.01
N ALA E 137 44.64 -16.36 2.81
CA ALA E 137 44.17 -17.66 2.31
C ALA E 137 44.32 -17.74 0.80
N GLY E 138 44.77 -16.65 0.20
CA GLY E 138 44.96 -16.59 -1.23
C GLY E 138 43.69 -16.24 -1.96
N ILE E 139 42.68 -15.80 -1.21
CA ILE E 139 41.39 -15.46 -1.78
C ILE E 139 41.34 -13.98 -2.15
N LYS E 140 41.51 -13.69 -3.43
CA LYS E 140 41.57 -12.32 -3.93
C LYS E 140 40.18 -11.84 -4.36
N ARG E 141 39.79 -10.66 -3.90
CA ARG E 141 38.47 -10.13 -4.21
C ARG E 141 38.52 -8.83 -4.99
N ARG E 142 37.41 -8.53 -5.67
CA ARG E 142 37.25 -7.26 -6.33
C ARG E 142 36.39 -6.36 -5.46
N MET E 143 37.03 -5.57 -4.61
CA MET E 143 36.32 -4.57 -3.84
C MET E 143 35.97 -3.40 -4.74
N ARG E 144 34.74 -3.37 -5.23
CA ARG E 144 34.28 -2.25 -6.03
C ARG E 144 34.06 -1.08 -5.08
N LEU E 145 33.72 -1.40 -3.85
CA LEU E 145 33.43 -0.40 -2.84
C LEU E 145 33.93 -0.85 -1.46
N VAL E 146 34.42 0.11 -0.69
CA VAL E 146 34.86 -0.15 0.69
C VAL E 146 34.32 0.91 1.64
N VAL E 147 33.54 0.48 2.62
CA VAL E 147 32.98 1.37 3.61
C VAL E 147 33.46 0.99 5.01
N PRO E 148 33.44 1.95 5.95
CA PRO E 148 33.94 1.69 7.30
C PRO E 148 32.98 0.84 8.13
N HIS E 149 31.68 1.04 7.95
CA HIS E 149 30.68 0.36 8.77
C HIS E 149 29.54 -0.26 7.96
N PHE E 150 28.53 -0.76 8.65
CA PHE E 150 27.53 -1.63 8.02
C PHE E 150 26.20 -0.97 7.64
N ILE E 151 26.01 0.28 8.02
CA ILE E 151 24.70 0.93 7.85
C ILE E 151 24.13 0.85 6.43
N ALA E 152 24.99 0.86 5.42
CA ALA E 152 24.53 0.95 4.03
C ALA E 152 24.62 -0.37 3.26
N ILE E 153 25.12 -1.41 3.92
CA ILE E 153 25.31 -2.70 3.25
C ILE E 153 24.00 -3.27 2.71
N GLY E 154 22.93 -3.13 3.49
CA GLY E 154 21.62 -3.59 3.08
C GLY E 154 21.15 -2.97 1.78
N PRO E 155 21.02 -1.64 1.75
CA PRO E 155 20.59 -0.90 0.56
C PRO E 155 21.49 -1.13 -0.65
N ILE E 156 22.81 -1.13 -0.42
CA ILE E 156 23.77 -1.32 -1.51
C ILE E 156 23.59 -2.67 -2.19
N LEU E 157 23.44 -3.72 -1.39
CA LEU E 157 23.22 -5.07 -1.93
C LEU E 157 21.90 -5.15 -2.69
N HIS E 158 20.94 -4.31 -2.30
CA HIS E 158 19.61 -4.34 -2.90
C HIS E 158 19.58 -3.76 -4.31
N SER E 159 20.44 -2.78 -4.57
CA SER E 159 20.41 -2.06 -5.85
C SER E 159 21.53 -2.46 -6.80
N THR E 160 22.42 -3.34 -6.36
CA THR E 160 23.57 -3.73 -7.17
C THR E 160 23.71 -5.24 -7.30
N ASP E 161 24.77 -5.66 -7.99
CA ASP E 161 25.09 -7.07 -8.10
C ASP E 161 26.32 -7.40 -7.27
N LEU E 162 26.62 -6.54 -6.31
CA LEU E 162 27.73 -6.75 -5.40
C LEU E 162 27.35 -7.77 -4.34
N ILE E 163 28.34 -8.51 -3.85
CA ILE E 163 28.12 -9.43 -2.74
C ILE E 163 28.94 -8.97 -1.54
N ALA E 164 28.53 -9.39 -0.35
CA ALA E 164 29.21 -8.95 0.86
C ALA E 164 29.43 -10.09 1.85
N THR E 165 30.47 -9.95 2.66
CA THR E 165 30.74 -10.89 3.74
C THR E 165 30.35 -10.25 5.07
N VAL E 166 29.26 -10.72 5.66
CA VAL E 166 28.72 -10.11 6.86
C VAL E 166 28.48 -11.14 7.96
N PRO E 167 28.43 -10.68 9.22
CA PRO E 167 28.04 -11.55 10.33
C PRO E 167 26.60 -12.05 10.13
N GLN E 168 26.36 -13.30 10.47
CA GLN E 168 25.05 -13.91 10.23
C GLN E 168 23.91 -13.22 10.99
N ARG E 169 24.23 -12.65 12.15
CA ARG E 169 23.25 -11.87 12.91
C ARG E 169 22.80 -10.64 12.13
N PHE E 170 23.71 -10.05 11.38
CA PHE E 170 23.41 -8.87 10.57
C PHE E 170 22.42 -9.23 9.47
N ALA E 171 22.63 -10.38 8.84
CA ALA E 171 21.74 -10.85 7.78
C ALA E 171 20.34 -11.12 8.33
N VAL E 172 20.28 -11.57 9.58
CA VAL E 172 19.01 -11.82 10.24
C VAL E 172 18.12 -10.58 10.22
N ARG E 173 18.74 -9.41 10.43
CA ARG E 173 18.03 -8.16 10.50
C ARG E 173 17.78 -7.54 9.13
N CYS E 174 18.45 -8.06 8.10
CA CYS E 174 18.45 -7.41 6.80
C CYS E 174 17.85 -8.22 5.65
N GLU E 175 17.75 -9.53 5.82
CA GLU E 175 17.25 -10.39 4.74
C GLU E 175 15.91 -9.92 4.18
N VAL E 176 14.89 -9.88 5.02
CA VAL E 176 13.55 -9.53 4.58
C VAL E 176 13.40 -8.06 4.17
N PRO E 177 13.86 -7.13 5.04
CA PRO E 177 13.72 -5.70 4.74
C PRO E 177 14.27 -5.30 3.38
N PHE E 178 15.45 -5.80 3.02
CA PHE E 178 16.10 -5.39 1.77
C PHE E 178 16.07 -6.47 0.69
N GLY E 179 15.23 -7.48 0.89
CA GLY E 179 15.06 -8.55 -0.08
C GLY E 179 16.37 -9.18 -0.51
N LEU E 180 17.10 -9.74 0.45
CA LEU E 180 18.41 -10.32 0.18
C LEU E 180 18.45 -11.81 0.51
N THR E 181 19.42 -12.50 -0.07
CA THR E 181 19.65 -13.91 0.21
C THR E 181 21.02 -14.08 0.86
N THR E 182 21.14 -15.06 1.75
CA THR E 182 22.43 -15.34 2.38
C THR E 182 22.89 -16.75 2.01
N SER E 183 24.20 -16.95 2.02
CA SER E 183 24.79 -18.24 1.70
C SER E 183 25.83 -18.61 2.72
N PRO E 184 26.02 -19.92 2.96
CA PRO E 184 27.13 -20.36 3.81
C PRO E 184 28.44 -19.88 3.18
N HIS E 185 29.30 -19.25 3.97
CA HIS E 185 30.52 -18.69 3.42
C HIS E 185 31.44 -19.80 2.90
N PRO E 186 31.77 -19.75 1.60
CA PRO E 186 32.64 -20.72 0.92
C PRO E 186 34.03 -20.77 1.52
N ALA E 187 34.43 -19.72 2.23
CA ALA E 187 35.77 -19.64 2.81
C ALA E 187 35.78 -20.24 4.21
N LYS E 188 36.96 -20.64 4.66
CA LYS E 188 37.13 -21.13 6.02
C LYS E 188 37.36 -19.96 6.97
N LEU E 189 36.29 -19.34 7.41
CA LEU E 189 36.37 -18.22 8.33
C LEU E 189 35.99 -18.65 9.75
N PRO E 190 36.80 -18.25 10.74
CA PRO E 190 36.54 -18.56 12.15
C PRO E 190 35.24 -17.94 12.64
N ASP E 191 34.66 -18.52 13.68
CA ASP E 191 33.48 -17.96 14.30
C ASP E 191 33.84 -16.74 15.13
N ILE E 192 32.92 -15.79 15.21
CA ILE E 192 33.14 -14.60 16.02
C ILE E 192 32.25 -14.63 17.26
N ALA E 193 32.88 -14.62 18.43
CA ALA E 193 32.16 -14.78 19.70
C ALA E 193 31.72 -13.46 20.30
N ILE E 194 30.46 -13.40 20.72
CA ILE E 194 29.93 -12.23 21.40
C ILE E 194 29.86 -12.48 22.91
N ASN E 195 30.43 -11.57 23.69
CA ASN E 195 30.48 -11.73 25.13
C ASN E 195 29.81 -10.60 25.90
N LEU E 196 29.33 -10.91 27.09
CA LEU E 196 28.76 -9.91 27.97
C LEU E 196 29.80 -9.47 28.99
N PHE E 197 30.16 -8.19 28.97
CA PHE E 197 31.20 -7.68 29.85
C PHE E 197 30.67 -6.75 30.93
N TRP E 198 31.18 -6.92 32.15
CA TRP E 198 30.91 -5.99 33.24
C TRP E 198 32.12 -5.93 34.16
N HIS E 199 32.31 -4.80 34.83
CA HIS E 199 33.45 -4.62 35.72
C HIS E 199 33.19 -5.29 37.06
N ALA E 200 34.27 -5.70 37.72
CA ALA E 200 34.18 -6.39 38.99
C ALA E 200 33.49 -5.54 40.06
N LYS E 201 33.65 -4.22 39.94
CA LYS E 201 33.10 -3.30 40.92
C LYS E 201 31.59 -3.42 40.98
N TYR E 202 30.98 -3.79 39.85
CA TYR E 202 29.53 -3.87 39.76
C TYR E 202 29.05 -5.29 39.54
N ASN E 203 29.85 -6.24 40.03
CA ASN E 203 29.51 -7.66 39.95
C ASN E 203 28.27 -7.97 40.78
N ARG E 204 28.18 -7.34 41.94
N ARG E 204 28.18 -7.35 41.95
CA ARG E 204 27.07 -7.57 42.86
CA ARG E 204 27.07 -7.58 42.86
C ARG E 204 26.24 -6.32 43.07
C ARG E 204 26.25 -6.31 43.07
N ASP E 205 26.25 -5.44 42.07
CA ASP E 205 25.39 -4.27 42.07
C ASP E 205 24.02 -4.70 41.55
N PRO E 206 22.98 -4.53 42.38
CA PRO E 206 21.62 -5.00 42.04
C PRO E 206 21.22 -4.69 40.60
N GLY E 207 21.31 -3.43 40.21
CA GLY E 207 20.90 -3.01 38.87
C GLY E 207 21.64 -3.74 37.77
N ASN E 208 22.96 -3.82 37.90
CA ASN E 208 23.81 -4.45 36.88
C ASN E 208 23.54 -5.94 36.74
N MET E 209 23.31 -6.62 37.86
CA MET E 209 22.99 -8.04 37.84
C MET E 209 21.67 -8.30 37.12
N TRP E 210 20.71 -7.40 37.33
CA TRP E 210 19.39 -7.54 36.72
C TRP E 210 19.46 -7.43 35.21
N LEU E 211 20.07 -6.36 34.72
CA LEU E 211 20.14 -6.11 33.28
C LEU E 211 20.94 -7.19 32.57
N ARG E 212 22.06 -7.59 33.18
CA ARG E 212 22.93 -8.58 32.55
C ARG E 212 22.31 -9.97 32.56
N GLN E 213 21.46 -10.23 33.56
CA GLN E 213 20.72 -11.49 33.61
C GLN E 213 19.69 -11.51 32.50
N LEU E 214 19.11 -10.34 32.21
CA LEU E 214 18.14 -10.21 31.13
C LEU E 214 18.79 -10.44 29.78
N PHE E 215 19.98 -9.88 29.59
CA PHE E 215 20.74 -10.09 28.36
C PHE E 215 21.02 -11.58 28.14
N VAL E 216 21.37 -12.27 29.22
CA VAL E 216 21.60 -13.71 29.16
C VAL E 216 20.31 -14.43 28.79
N GLU E 217 19.23 -14.09 29.49
CA GLU E 217 17.93 -14.70 29.25
C GLU E 217 17.49 -14.51 27.80
N LEU E 218 17.71 -13.30 27.26
CA LEU E 218 17.24 -12.95 25.94
C LEU E 218 18.12 -13.48 24.80
N PHE E 219 19.44 -13.50 25.02
CA PHE E 219 20.36 -13.72 23.91
C PHE E 219 21.34 -14.90 24.07
N SER E 220 21.31 -15.58 25.20
CA SER E 220 22.19 -16.72 25.39
C SER E 220 21.79 -17.90 24.52
N GLU E 221 22.77 -18.54 23.89
CA GLU E 221 22.52 -19.72 23.08
C GLU E 221 22.78 -21.00 23.88
N ASP F 9 -24.11 -29.29 29.66
CA ASP F 9 -23.01 -29.24 28.72
C ASP F 9 -22.88 -30.61 28.04
N SER F 10 -23.95 -31.04 27.39
CA SER F 10 -23.95 -32.30 26.66
C SER F 10 -22.74 -32.38 25.76
N PHE F 11 -22.63 -31.43 24.84
CA PHE F 11 -21.45 -31.33 24.00
C PHE F 11 -20.40 -30.47 24.70
N ASP F 12 -19.21 -31.03 24.89
CA ASP F 12 -18.13 -30.26 25.48
C ASP F 12 -17.06 -29.98 24.43
N PRO F 13 -17.08 -28.78 23.84
CA PRO F 13 -16.15 -28.40 22.78
C PRO F 13 -14.70 -28.70 23.14
N PHE F 14 -14.29 -28.35 24.36
CA PHE F 14 -12.89 -28.45 24.73
C PHE F 14 -12.41 -29.88 24.94
N ALA F 15 -13.26 -30.73 25.50
CA ALA F 15 -12.87 -32.12 25.76
C ALA F 15 -13.33 -33.06 24.66
N SER F 16 -14.12 -32.55 23.72
CA SER F 16 -14.59 -33.35 22.60
C SER F 16 -13.42 -33.96 21.84
N THR F 17 -13.54 -35.24 21.51
CA THR F 17 -12.53 -35.93 20.72
C THR F 17 -13.14 -36.31 19.37
N ARG F 18 -14.33 -35.79 19.13
CA ARG F 18 -15.14 -36.14 17.97
C ARG F 18 -14.50 -35.78 16.63
N THR F 19 -14.88 -36.53 15.61
CA THR F 19 -14.44 -36.24 14.25
C THR F 19 -15.63 -35.75 13.43
N PHE F 20 -15.42 -34.64 12.72
CA PHE F 20 -16.45 -34.10 11.85
C PHE F 20 -16.01 -34.19 10.41
N ASN F 21 -16.90 -34.69 9.55
CA ASN F 21 -16.63 -34.75 8.12
C ASN F 21 -17.33 -33.61 7.40
N LEU F 22 -16.55 -32.79 6.71
CA LEU F 22 -17.09 -31.59 6.07
C LEU F 22 -16.92 -31.64 4.56
N ALA F 23 -18.02 -31.42 3.83
CA ALA F 23 -17.98 -31.40 2.38
C ALA F 23 -17.77 -29.98 1.86
N MET F 24 -16.72 -29.79 1.05
CA MET F 24 -16.42 -28.47 0.50
C MET F 24 -15.52 -28.58 -0.74
N THR F 25 -15.52 -27.53 -1.55
CA THR F 25 -14.70 -27.50 -2.75
C THR F 25 -13.26 -27.11 -2.41
N ASP F 26 -12.42 -27.00 -3.43
CA ASP F 26 -11.03 -26.63 -3.22
C ASP F 26 -10.90 -25.14 -2.88
N ILE F 27 -11.86 -24.35 -3.34
CA ILE F 27 -11.91 -22.93 -2.99
C ILE F 27 -12.44 -22.76 -1.58
N GLY F 28 -13.50 -23.49 -1.26
CA GLY F 28 -14.09 -23.44 0.06
C GLY F 28 -13.15 -23.99 1.11
N GLU F 29 -12.46 -25.07 0.77
CA GLU F 29 -11.49 -25.66 1.67
C GLU F 29 -10.37 -24.68 1.97
N MET F 30 -9.89 -24.01 0.93
CA MET F 30 -8.83 -23.02 1.06
C MET F 30 -9.27 -21.83 1.91
N TYR F 31 -10.54 -21.46 1.81
CA TYR F 31 -11.07 -20.31 2.51
C TYR F 31 -11.51 -20.61 3.94
N PHE F 32 -12.20 -21.73 4.12
CA PHE F 32 -12.78 -22.06 5.43
C PHE F 32 -11.78 -22.63 6.43
N MET F 33 -10.84 -23.44 5.94
CA MET F 33 -9.98 -24.23 6.82
C MET F 33 -9.00 -23.44 7.69
N PRO F 34 -8.25 -22.50 7.09
CA PRO F 34 -7.30 -21.75 7.91
C PRO F 34 -7.94 -21.07 9.13
N PRO F 35 -9.03 -20.30 8.94
CA PRO F 35 -9.65 -19.64 10.09
C PRO F 35 -10.29 -20.64 11.07
N LEU F 36 -10.78 -21.76 10.54
CA LEU F 36 -11.43 -22.76 11.38
C LEU F 36 -10.43 -23.44 12.32
N MET F 37 -9.34 -23.95 11.75
CA MET F 37 -8.30 -24.60 12.54
C MET F 37 -7.70 -23.61 13.54
N GLU F 38 -7.64 -22.35 13.14
CA GLU F 38 -7.12 -21.29 13.99
C GLU F 38 -8.00 -21.10 15.22
N ALA F 39 -9.30 -21.34 15.04
CA ALA F 39 -10.27 -21.18 16.12
C ALA F 39 -10.35 -22.41 16.99
N LEU F 40 -10.22 -23.58 16.39
CA LEU F 40 -10.33 -24.84 17.12
C LEU F 40 -9.09 -25.10 17.99
N ALA F 41 -7.95 -24.61 17.54
CA ALA F 41 -6.71 -24.76 18.29
C ALA F 41 -6.91 -24.25 19.71
N GLN F 42 -7.89 -23.36 19.87
CA GLN F 42 -8.16 -22.71 21.15
C GLN F 42 -9.35 -23.31 21.88
N ARG F 43 -10.46 -23.49 21.16
CA ARG F 43 -11.74 -23.77 21.78
C ARG F 43 -12.19 -25.23 21.71
N ALA F 44 -11.61 -25.97 20.79
CA ALA F 44 -11.87 -27.41 20.69
C ALA F 44 -10.60 -28.11 20.23
N PRO F 45 -9.55 -28.07 21.06
CA PRO F 45 -8.21 -28.54 20.71
C PRO F 45 -8.11 -30.03 20.43
N HIS F 46 -9.16 -30.80 20.73
CA HIS F 46 -9.07 -32.25 20.67
C HIS F 46 -9.87 -32.92 19.55
N ILE F 47 -10.76 -32.17 18.91
CA ILE F 47 -11.56 -32.74 17.83
C ILE F 47 -10.72 -32.95 16.57
N GLN F 48 -11.20 -33.79 15.67
CA GLN F 48 -10.51 -34.02 14.41
C GLN F 48 -11.41 -33.66 13.24
N ILE F 49 -10.91 -32.80 12.35
CA ILE F 49 -11.67 -32.38 11.19
C ILE F 49 -11.19 -33.08 9.92
N SER F 50 -12.13 -33.62 9.16
CA SER F 50 -11.81 -34.27 7.89
C SER F 50 -12.67 -33.71 6.78
N THR F 51 -12.05 -33.38 5.66
CA THR F 51 -12.76 -32.77 4.54
C THR F 51 -12.84 -33.69 3.33
N LEU F 52 -13.83 -33.45 2.48
CA LEU F 52 -14.01 -34.20 1.25
C LEU F 52 -14.68 -33.32 0.20
N ARG F 53 -14.75 -33.82 -1.03
CA ARG F 53 -15.44 -33.12 -2.10
C ARG F 53 -16.90 -33.57 -2.19
N PRO F 54 -17.79 -32.63 -2.53
CA PRO F 54 -19.23 -32.92 -2.67
C PRO F 54 -19.51 -34.14 -3.54
N ASN F 55 -18.90 -34.21 -4.72
CA ASN F 55 -19.16 -35.31 -5.65
C ASN F 55 -18.67 -36.69 -5.18
N ALA F 56 -17.80 -36.72 -4.17
CA ALA F 56 -17.31 -37.98 -3.63
C ALA F 56 -18.45 -38.79 -3.01
N GLY F 57 -18.45 -40.10 -3.23
CA GLY F 57 -19.55 -40.95 -2.81
C GLY F 57 -20.85 -40.28 -3.22
N ASN F 58 -21.92 -40.50 -2.46
CA ASN F 58 -23.10 -39.68 -2.63
C ASN F 58 -23.35 -38.84 -1.39
N LEU F 59 -23.25 -37.53 -1.56
CA LEU F 59 -23.33 -36.59 -0.46
C LEU F 59 -24.65 -36.69 0.30
N LYS F 60 -25.75 -36.68 -0.44
CA LYS F 60 -27.09 -36.67 0.15
C LYS F 60 -27.30 -37.87 1.07
N GLU F 61 -26.88 -39.04 0.62
CA GLU F 61 -27.06 -40.27 1.39
C GLU F 61 -26.09 -40.38 2.55
N ASP F 62 -24.90 -39.81 2.37
CA ASP F 62 -23.89 -39.81 3.42
C ASP F 62 -24.27 -38.88 4.56
N MET F 63 -24.93 -37.78 4.22
CA MET F 63 -25.32 -36.80 5.24
C MET F 63 -26.52 -37.26 6.05
N GLU F 64 -27.32 -38.14 5.47
CA GLU F 64 -28.47 -38.69 6.19
C GLU F 64 -28.02 -39.78 7.15
N SER F 65 -27.00 -40.52 6.76
CA SER F 65 -26.42 -41.56 7.60
C SER F 65 -25.58 -40.97 8.73
N GLY F 66 -24.95 -39.83 8.46
CA GLY F 66 -24.11 -39.17 9.44
C GLY F 66 -22.63 -39.29 9.09
N ALA F 67 -22.35 -39.84 7.92
CA ALA F 67 -20.97 -39.96 7.44
C ALA F 67 -20.40 -38.58 7.18
N VAL F 68 -21.26 -37.67 6.70
CA VAL F 68 -20.87 -36.28 6.50
C VAL F 68 -21.69 -35.40 7.43
N ASP F 69 -21.02 -34.63 8.28
CA ASP F 69 -21.70 -33.80 9.26
C ASP F 69 -22.27 -32.51 8.64
N LEU F 70 -21.48 -31.88 7.78
CA LEU F 70 -21.90 -30.63 7.17
C LEU F 70 -21.41 -30.51 5.72
N ALA F 71 -22.09 -29.66 4.95
CA ALA F 71 -21.70 -29.38 3.57
C ALA F 71 -21.67 -27.87 3.33
N LEU F 72 -20.70 -27.42 2.53
CA LEU F 72 -20.49 -26.00 2.32
C LEU F 72 -20.36 -25.65 0.83
N GLY F 73 -21.00 -24.57 0.43
CA GLY F 73 -20.95 -24.11 -0.96
C GLY F 73 -22.32 -23.93 -1.57
N LEU F 74 -22.40 -24.11 -2.89
CA LEU F 74 -23.66 -24.00 -3.61
C LEU F 74 -24.09 -25.37 -4.13
N LEU F 75 -25.01 -26.00 -3.40
CA LEU F 75 -25.43 -27.35 -3.73
C LEU F 75 -26.95 -27.43 -3.90
N PRO F 76 -27.45 -27.22 -5.12
CA PRO F 76 -28.88 -27.26 -5.44
C PRO F 76 -29.47 -28.65 -5.20
N GLU F 77 -28.62 -29.68 -5.28
CA GLU F 77 -29.06 -31.05 -5.09
C GLU F 77 -29.52 -31.33 -3.67
N LEU F 78 -28.98 -30.59 -2.71
CA LEU F 78 -29.41 -30.71 -1.32
C LEU F 78 -30.69 -29.92 -1.09
N GLN F 79 -31.81 -30.63 -1.11
CA GLN F 79 -33.12 -29.99 -1.03
C GLN F 79 -33.90 -30.44 0.20
N THR F 80 -35.02 -31.11 -0.03
CA THR F 80 -35.89 -31.55 1.06
C THR F 80 -35.17 -32.50 2.02
N GLY F 81 -35.35 -32.25 3.32
CA GLY F 81 -34.70 -33.04 4.35
C GLY F 81 -33.44 -32.34 4.84
N PHE F 82 -33.06 -31.28 4.16
CA PHE F 82 -31.85 -30.53 4.51
C PHE F 82 -32.16 -29.12 4.97
N PHE F 83 -31.51 -28.72 6.06
CA PHE F 83 -31.57 -27.34 6.51
C PHE F 83 -30.37 -26.61 5.92
N GLN F 84 -30.53 -25.31 5.65
CA GLN F 84 -29.42 -24.51 5.20
C GLN F 84 -29.42 -23.11 5.78
N ARG F 85 -28.28 -22.45 5.68
CA ARG F 85 -28.07 -21.15 6.28
C ARG F 85 -27.08 -20.42 5.39
N ARG F 86 -27.45 -19.28 4.85
CA ARG F 86 -26.52 -18.56 4.01
C ARG F 86 -25.40 -17.96 4.83
N LEU F 87 -24.17 -18.14 4.36
CA LEU F 87 -23.02 -17.56 5.02
C LEU F 87 -22.67 -16.24 4.36
N PHE F 88 -22.52 -16.26 3.05
CA PHE F 88 -22.15 -15.06 2.30
C PHE F 88 -22.33 -15.25 0.80
N ARG F 89 -22.35 -14.13 0.08
CA ARG F 89 -22.28 -14.14 -1.36
C ARG F 89 -20.96 -13.50 -1.78
N HIS F 90 -20.31 -14.07 -2.78
CA HIS F 90 -19.11 -13.46 -3.34
C HIS F 90 -19.19 -13.47 -4.85
N ARG F 91 -18.46 -12.57 -5.49
CA ARG F 91 -18.55 -12.41 -6.93
C ARG F 91 -17.26 -12.79 -7.64
N TYR F 92 -17.35 -12.90 -8.96
CA TYR F 92 -16.17 -13.14 -9.78
C TYR F 92 -15.41 -11.84 -9.97
N VAL F 93 -14.10 -11.96 -10.08
CA VAL F 93 -13.24 -10.80 -10.33
C VAL F 93 -12.18 -11.20 -11.33
N CYS F 94 -11.40 -10.23 -11.79
CA CYS F 94 -10.28 -10.52 -12.67
C CYS F 94 -8.98 -10.46 -11.87
N MET F 95 -8.24 -11.55 -11.84
CA MET F 95 -6.99 -11.59 -11.11
C MET F 95 -5.79 -11.67 -12.04
N PHE F 96 -4.84 -10.75 -11.83
CA PHE F 96 -3.62 -10.69 -12.59
C PHE F 96 -2.53 -10.20 -11.65
N ARG F 97 -1.27 -10.32 -12.06
CA ARG F 97 -0.17 -9.92 -11.17
C ARG F 97 -0.11 -8.40 -11.03
N LYS F 98 0.52 -7.95 -9.95
CA LYS F 98 0.62 -6.52 -9.66
C LYS F 98 1.20 -5.73 -10.83
N ASP F 99 2.32 -6.19 -11.37
CA ASP F 99 3.08 -5.40 -12.32
C ASP F 99 2.66 -5.64 -13.76
N HIS F 100 1.47 -6.22 -13.95
CA HIS F 100 1.00 -6.50 -15.30
C HIS F 100 1.17 -5.26 -16.17
N PRO F 101 1.85 -5.40 -17.30
CA PRO F 101 2.16 -4.29 -18.21
C PRO F 101 0.94 -3.53 -18.72
N SER F 102 -0.19 -4.21 -18.87
CA SER F 102 -1.37 -3.57 -19.46
C SER F 102 -2.63 -3.64 -18.61
N ALA F 103 -2.82 -4.77 -17.93
CA ALA F 103 -4.04 -4.97 -17.14
C ALA F 103 -4.19 -3.94 -16.02
N LYS F 104 -5.41 -3.50 -15.79
CA LYS F 104 -5.69 -2.52 -14.75
C LYS F 104 -7.08 -2.66 -14.17
N SER F 105 -7.30 -2.03 -13.01
CA SER F 105 -8.60 -2.05 -12.37
C SER F 105 -9.22 -0.66 -12.33
N PRO F 106 -10.48 -0.53 -12.78
CA PRO F 106 -11.27 -1.65 -13.31
C PRO F 106 -10.97 -1.87 -14.78
N MET F 107 -10.69 -3.11 -15.19
CA MET F 107 -10.41 -3.38 -16.58
C MET F 107 -11.70 -3.37 -17.40
N SER F 108 -11.58 -2.97 -18.66
CA SER F 108 -12.74 -2.86 -19.54
C SER F 108 -13.08 -4.18 -20.21
N LEU F 109 -14.35 -4.33 -20.57
CA LEU F 109 -14.81 -5.48 -21.34
C LEU F 109 -13.94 -5.60 -22.58
N LYS F 110 -13.48 -4.44 -23.06
CA LYS F 110 -12.59 -4.34 -24.22
C LYS F 110 -11.25 -4.99 -23.96
N GLN F 111 -10.64 -4.68 -22.82
CA GLN F 111 -9.32 -5.20 -22.49
C GLN F 111 -9.37 -6.68 -22.12
N PHE F 112 -10.48 -7.09 -21.51
CA PHE F 112 -10.67 -8.48 -21.10
C PHE F 112 -10.58 -9.43 -22.29
N THR F 113 -10.85 -8.90 -23.47
CA THR F 113 -10.90 -9.72 -24.69
C THR F 113 -9.57 -9.71 -25.44
N GLU F 114 -8.77 -8.67 -25.23
CA GLU F 114 -7.49 -8.54 -25.91
C GLU F 114 -6.36 -9.17 -25.11
N LEU F 115 -6.66 -9.60 -23.89
CA LEU F 115 -5.66 -10.21 -23.03
C LEU F 115 -5.71 -11.73 -23.11
N GLU F 116 -4.60 -12.37 -22.75
CA GLU F 116 -4.53 -13.82 -22.71
C GLU F 116 -5.02 -14.33 -21.36
N HIS F 117 -5.50 -15.57 -21.34
CA HIS F 117 -6.16 -16.11 -20.16
C HIS F 117 -5.65 -17.47 -19.72
N VAL F 118 -5.90 -17.80 -18.45
CA VAL F 118 -5.81 -19.16 -17.96
C VAL F 118 -7.17 -19.51 -17.37
N GLY F 119 -7.81 -20.53 -17.91
CA GLY F 119 -9.16 -20.88 -17.51
C GLY F 119 -9.25 -22.13 -16.67
N VAL F 120 -10.14 -22.11 -15.68
CA VAL F 120 -10.40 -23.28 -14.86
C VAL F 120 -11.69 -23.96 -15.29
N VAL F 121 -11.57 -25.18 -15.81
CA VAL F 121 -12.75 -25.94 -16.22
C VAL F 121 -13.75 -26.04 -15.06
N ALA F 122 -13.22 -26.24 -13.87
CA ALA F 122 -14.05 -26.36 -12.68
C ALA F 122 -15.26 -27.24 -13.00
N LEU F 123 -15.00 -28.48 -13.38
CA LEU F 123 -16.04 -29.39 -13.81
C LEU F 123 -17.03 -29.71 -12.69
N ASN F 124 -18.31 -29.72 -13.05
CA ASN F 124 -19.37 -30.09 -12.10
C ASN F 124 -19.31 -29.31 -10.79
N THR F 125 -18.92 -28.04 -10.89
CA THR F 125 -18.99 -27.14 -9.75
C THR F 125 -19.86 -25.95 -10.13
N GLY F 126 -20.11 -25.07 -9.16
CA GLY F 126 -20.91 -23.88 -9.42
C GLY F 126 -20.22 -22.94 -10.38
N HIS F 127 -18.90 -23.00 -10.41
CA HIS F 127 -18.09 -22.08 -11.18
C HIS F 127 -17.94 -22.46 -12.66
N GLY F 128 -18.31 -23.69 -13.00
CA GLY F 128 -18.15 -24.17 -14.36
C GLY F 128 -19.05 -23.46 -15.36
N GLU F 129 -20.00 -22.68 -14.84
CA GLU F 129 -20.98 -22.00 -15.67
C GLU F 129 -20.40 -20.82 -16.43
N VAL F 130 -19.31 -20.26 -15.92
CA VAL F 130 -18.73 -19.04 -16.45
C VAL F 130 -18.17 -19.16 -17.88
N ASP F 131 -17.43 -20.23 -18.16
CA ASP F 131 -16.81 -20.39 -19.47
C ASP F 131 -17.84 -20.38 -20.60
N GLY F 132 -19.04 -20.86 -20.29
CA GLY F 132 -20.12 -20.87 -21.25
C GLY F 132 -20.91 -19.57 -21.27
N LEU F 133 -20.95 -18.89 -20.12
CA LEU F 133 -21.67 -17.63 -20.01
C LEU F 133 -21.02 -16.51 -20.81
N LEU F 134 -19.69 -16.45 -20.76
CA LEU F 134 -18.95 -15.42 -21.48
C LEU F 134 -19.06 -15.62 -22.98
N GLU F 135 -18.95 -16.87 -23.43
CA GLU F 135 -18.99 -17.16 -24.86
C GLU F 135 -20.38 -16.98 -25.45
N ARG F 136 -21.40 -17.09 -24.62
CA ARG F 136 -22.77 -16.83 -25.05
C ARG F 136 -23.02 -15.33 -25.16
N ALA F 137 -22.13 -14.55 -24.58
CA ALA F 137 -22.21 -13.10 -24.66
C ALA F 137 -21.36 -12.58 -25.82
N GLY F 138 -20.70 -13.49 -26.50
CA GLY F 138 -19.86 -13.15 -27.64
C GLY F 138 -18.44 -12.76 -27.23
N ILE F 139 -18.00 -13.23 -26.07
CA ILE F 139 -16.65 -12.95 -25.62
C ILE F 139 -15.77 -14.19 -25.74
N LYS F 140 -15.08 -14.30 -26.87
CA LYS F 140 -14.19 -15.43 -27.12
C LYS F 140 -12.80 -15.07 -26.62
N ARG F 141 -12.38 -15.72 -25.53
CA ARG F 141 -11.12 -15.39 -24.88
C ARG F 141 -9.96 -16.15 -25.51
N ARG F 142 -8.78 -15.54 -25.50
CA ARG F 142 -7.58 -16.23 -25.92
C ARG F 142 -7.14 -17.12 -24.76
N MET F 143 -7.51 -18.39 -24.83
CA MET F 143 -7.23 -19.30 -23.73
C MET F 143 -5.85 -19.92 -23.88
N ARG F 144 -4.84 -19.21 -23.40
CA ARG F 144 -3.46 -19.69 -23.46
C ARG F 144 -3.33 -21.04 -22.77
N LEU F 145 -3.91 -21.13 -21.58
CA LEU F 145 -3.81 -22.34 -20.77
C LEU F 145 -5.15 -22.70 -20.13
N VAL F 146 -5.46 -23.99 -20.08
CA VAL F 146 -6.67 -24.47 -19.44
C VAL F 146 -6.34 -25.55 -18.42
N VAL F 147 -6.74 -25.33 -17.17
CA VAL F 147 -6.47 -26.28 -16.09
C VAL F 147 -7.77 -26.73 -15.44
N PRO F 148 -7.78 -27.98 -14.93
CA PRO F 148 -8.98 -28.56 -14.33
C PRO F 148 -9.40 -27.87 -13.03
N HIS F 149 -8.42 -27.47 -12.22
CA HIS F 149 -8.71 -26.92 -10.90
C HIS F 149 -7.94 -25.63 -10.59
N PHE F 150 -8.17 -25.09 -9.40
CA PHE F 150 -7.69 -23.76 -9.03
C PHE F 150 -6.30 -23.73 -8.38
N ILE F 151 -5.76 -24.89 -8.06
CA ILE F 151 -4.54 -24.96 -7.25
C ILE F 151 -3.36 -24.14 -7.78
N ALA F 152 -3.18 -24.11 -9.10
CA ALA F 152 -1.98 -23.51 -9.68
C ALA F 152 -2.20 -22.10 -10.26
N ILE F 153 -3.41 -21.59 -10.14
CA ILE F 153 -3.72 -20.26 -10.69
C ILE F 153 -2.85 -19.16 -10.06
N GLY F 154 -2.68 -19.22 -8.74
CA GLY F 154 -1.87 -18.25 -8.03
C GLY F 154 -0.47 -18.11 -8.62
N PRO F 155 0.31 -19.21 -8.60
CA PRO F 155 1.68 -19.24 -9.14
C PRO F 155 1.73 -18.88 -10.62
N ILE F 156 0.80 -19.40 -11.42
CA ILE F 156 0.79 -19.12 -12.85
C ILE F 156 0.63 -17.63 -13.14
N LEU F 157 -0.35 -17.00 -12.51
CA LEU F 157 -0.56 -15.57 -12.66
C LEU F 157 0.66 -14.77 -12.24
N HIS F 158 1.44 -15.33 -11.32
CA HIS F 158 2.62 -14.65 -10.80
C HIS F 158 3.76 -14.59 -11.81
N SER F 159 3.93 -15.67 -12.57
CA SER F 159 5.06 -15.78 -13.49
C SER F 159 4.69 -15.50 -14.94
N THR F 160 3.47 -15.07 -15.19
CA THR F 160 3.03 -14.79 -16.55
C THR F 160 2.23 -13.49 -16.67
N ASP F 161 1.82 -13.18 -17.90
CA ASP F 161 0.98 -12.01 -18.16
C ASP F 161 -0.46 -12.45 -18.41
N LEU F 162 -0.80 -13.65 -17.95
CA LEU F 162 -2.14 -14.18 -18.11
C LEU F 162 -3.08 -13.62 -17.04
N ILE F 163 -4.35 -13.46 -17.40
CA ILE F 163 -5.36 -13.04 -16.44
C ILE F 163 -6.35 -14.18 -16.24
N ALA F 164 -7.07 -14.15 -15.12
CA ALA F 164 -8.01 -15.22 -14.80
C ALA F 164 -9.31 -14.71 -14.22
N THR F 165 -10.40 -15.42 -14.49
CA THR F 165 -11.68 -15.14 -13.86
C THR F 165 -11.78 -16.02 -12.62
N VAL F 166 -11.90 -15.38 -11.46
CA VAL F 166 -11.80 -16.08 -10.19
C VAL F 166 -12.74 -15.54 -9.13
N PRO F 167 -13.33 -16.44 -8.33
CA PRO F 167 -14.15 -16.06 -7.18
C PRO F 167 -13.34 -15.22 -6.18
N GLN F 168 -13.90 -14.09 -5.77
CA GLN F 168 -13.19 -13.14 -4.91
C GLN F 168 -12.69 -13.75 -3.60
N ARG F 169 -13.31 -14.85 -3.18
CA ARG F 169 -12.92 -15.49 -1.93
C ARG F 169 -11.65 -16.32 -2.13
N PHE F 170 -11.37 -16.64 -3.39
CA PHE F 170 -10.14 -17.35 -3.75
C PHE F 170 -9.02 -16.36 -4.00
N ALA F 171 -9.39 -15.12 -4.30
CA ALA F 171 -8.42 -14.08 -4.58
C ALA F 171 -7.78 -13.54 -3.31
N VAL F 172 -8.57 -13.49 -2.23
CA VAL F 172 -8.05 -13.01 -0.96
C VAL F 172 -6.97 -13.96 -0.45
N ARG F 173 -7.13 -15.23 -0.75
CA ARG F 173 -6.17 -16.25 -0.33
C ARG F 173 -4.93 -16.23 -1.20
N CYS F 174 -4.99 -15.50 -2.31
CA CYS F 174 -3.89 -15.47 -3.27
C CYS F 174 -3.27 -14.08 -3.39
N GLU F 175 -4.11 -13.06 -3.30
CA GLU F 175 -3.71 -11.68 -3.57
C GLU F 175 -2.32 -11.30 -3.06
N VAL F 176 -2.04 -11.53 -1.78
CA VAL F 176 -0.75 -11.13 -1.22
C VAL F 176 0.37 -12.17 -1.34
N PRO F 177 0.07 -13.44 -1.04
CA PRO F 177 1.12 -14.47 -1.15
C PRO F 177 1.80 -14.49 -2.51
N PHE F 178 1.03 -14.31 -3.59
CA PHE F 178 1.58 -14.39 -4.93
C PHE F 178 1.71 -13.03 -5.62
N GLY F 179 1.52 -11.96 -4.86
CA GLY F 179 1.65 -10.62 -5.40
C GLY F 179 0.70 -10.36 -6.55
N LEU F 180 -0.60 -10.47 -6.28
CA LEU F 180 -1.62 -10.27 -7.30
C LEU F 180 -2.60 -9.19 -6.90
N THR F 181 -3.36 -8.70 -7.87
CA THR F 181 -4.41 -7.72 -7.63
C THR F 181 -5.66 -8.09 -8.42
N THR F 182 -6.80 -7.55 -8.00
CA THR F 182 -8.07 -7.87 -8.64
C THR F 182 -8.74 -6.65 -9.25
N SER F 183 -9.71 -6.91 -10.12
CA SER F 183 -10.55 -5.87 -10.71
C SER F 183 -11.97 -6.42 -10.77
N PRO F 184 -12.97 -5.53 -10.59
CA PRO F 184 -14.35 -5.97 -10.79
C PRO F 184 -14.51 -6.54 -12.20
N HIS F 185 -15.24 -7.63 -12.33
CA HIS F 185 -15.37 -8.28 -13.63
C HIS F 185 -16.20 -7.41 -14.58
N PRO F 186 -15.63 -7.08 -15.76
CA PRO F 186 -16.30 -6.26 -16.78
C PRO F 186 -17.53 -6.94 -17.35
N ALA F 187 -17.56 -8.27 -17.32
CA ALA F 187 -18.66 -9.02 -17.90
C ALA F 187 -19.84 -9.12 -16.95
N LYS F 188 -21.00 -9.47 -17.49
CA LYS F 188 -22.20 -9.64 -16.68
C LYS F 188 -22.24 -11.05 -16.07
N LEU F 189 -21.62 -11.18 -14.91
CA LEU F 189 -21.55 -12.48 -14.23
C LEU F 189 -22.31 -12.45 -12.90
N PRO F 190 -23.16 -13.47 -12.68
CA PRO F 190 -23.91 -13.62 -11.43
C PRO F 190 -22.97 -13.84 -10.25
N ASP F 191 -23.43 -13.53 -9.04
CA ASP F 191 -22.62 -13.83 -7.88
C ASP F 191 -22.94 -15.24 -7.38
N ILE F 192 -22.16 -15.70 -6.41
CA ILE F 192 -22.21 -17.08 -5.98
C ILE F 192 -22.57 -17.18 -4.50
N ALA F 193 -23.70 -17.80 -4.20
CA ALA F 193 -24.17 -17.92 -2.83
C ALA F 193 -23.60 -19.16 -2.14
N ILE F 194 -22.87 -18.92 -1.04
CA ILE F 194 -22.31 -20.01 -0.25
C ILE F 194 -23.16 -20.28 0.99
N ASN F 195 -23.79 -21.46 1.01
CA ASN F 195 -24.65 -21.83 2.13
C ASN F 195 -24.06 -22.90 3.02
N LEU F 196 -24.54 -22.97 4.26
CA LEU F 196 -24.15 -24.01 5.20
C LEU F 196 -25.25 -25.06 5.28
N PHE F 197 -24.89 -26.31 5.00
CA PHE F 197 -25.87 -27.38 4.93
C PHE F 197 -25.73 -28.41 6.05
N TRP F 198 -26.86 -28.82 6.61
CA TRP F 198 -26.90 -29.94 7.55
C TRP F 198 -28.23 -30.66 7.43
N HIS F 199 -28.24 -31.95 7.74
CA HIS F 199 -29.45 -32.75 7.60
C HIS F 199 -30.40 -32.54 8.78
N ALA F 200 -31.67 -32.79 8.55
CA ALA F 200 -32.70 -32.58 9.57
C ALA F 200 -32.47 -33.42 10.82
N LYS F 201 -31.99 -34.64 10.64
CA LYS F 201 -31.76 -35.55 11.76
C LYS F 201 -30.81 -34.96 12.79
N TYR F 202 -29.82 -34.20 12.31
CA TYR F 202 -28.79 -33.65 13.18
C TYR F 202 -29.02 -32.17 13.47
N ASN F 203 -30.23 -31.72 13.19
CA ASN F 203 -30.62 -30.34 13.49
C ASN F 203 -30.53 -30.06 14.99
N ARG F 204 -30.70 -31.10 15.79
CA ARG F 204 -30.68 -30.96 17.24
C ARG F 204 -29.50 -31.68 17.88
N ASP F 205 -28.55 -32.10 17.05
CA ASP F 205 -27.34 -32.76 17.54
C ASP F 205 -26.37 -31.71 18.10
N PRO F 206 -26.11 -31.78 19.42
CA PRO F 206 -25.28 -30.82 20.14
C PRO F 206 -23.98 -30.47 19.41
N GLY F 207 -23.16 -31.47 19.12
CA GLY F 207 -21.90 -31.24 18.43
C GLY F 207 -22.10 -30.62 17.07
N ASN F 208 -23.18 -31.04 16.40
CA ASN F 208 -23.52 -30.51 15.09
C ASN F 208 -23.86 -29.02 15.19
N MET F 209 -24.68 -28.67 16.17
CA MET F 209 -25.12 -27.29 16.35
C MET F 209 -23.95 -26.40 16.73
N TRP F 210 -23.01 -26.93 17.51
CA TRP F 210 -21.86 -26.14 17.97
C TRP F 210 -20.92 -25.81 16.83
N LEU F 211 -20.67 -26.79 15.97
CA LEU F 211 -19.72 -26.61 14.87
C LEU F 211 -20.24 -25.64 13.81
N ARG F 212 -21.54 -25.75 13.49
CA ARG F 212 -22.12 -24.85 12.50
C ARG F 212 -22.39 -23.46 13.08
N GLN F 213 -22.57 -23.39 14.40
CA GLN F 213 -22.69 -22.10 15.07
C GLN F 213 -21.35 -21.38 14.98
N LEU F 214 -20.28 -22.17 14.94
CA LEU F 214 -18.93 -21.64 14.80
C LEU F 214 -18.71 -21.13 13.37
N PHE F 215 -19.24 -21.87 12.39
CA PHE F 215 -19.16 -21.46 10.99
C PHE F 215 -19.91 -20.16 10.75
N VAL F 216 -21.06 -20.01 11.39
CA VAL F 216 -21.85 -18.79 11.27
C VAL F 216 -21.14 -17.63 11.95
N GLU F 217 -20.46 -17.92 13.05
CA GLU F 217 -19.71 -16.91 13.78
C GLU F 217 -18.48 -16.46 13.01
N LEU F 218 -17.83 -17.41 12.35
CA LEU F 218 -16.57 -17.16 11.65
C LEU F 218 -16.72 -16.59 10.23
N PHE F 219 -17.69 -17.10 9.46
CA PHE F 219 -17.74 -16.78 8.04
C PHE F 219 -19.03 -16.11 7.57
N SER F 220 -20.02 -15.99 8.45
CA SER F 220 -21.28 -15.37 8.07
C SER F 220 -21.07 -13.89 7.77
N GLU F 221 -21.68 -13.41 6.69
CA GLU F 221 -21.42 -12.05 6.22
C GLU F 221 -22.63 -11.13 6.37
N ALA F 222 -23.71 -11.68 6.92
CA ALA F 222 -24.94 -10.92 7.16
C ALA F 222 -25.08 -9.68 6.26
N SER G 10 9.93 -30.06 -39.05
CA SER G 10 8.99 -29.16 -39.71
C SER G 10 7.89 -28.72 -38.74
N PHE G 11 8.29 -28.42 -37.51
CA PHE G 11 7.39 -27.86 -36.51
C PHE G 11 7.92 -26.49 -36.11
N ASP G 12 7.10 -25.46 -36.34
CA ASP G 12 7.50 -24.10 -36.00
C ASP G 12 6.90 -23.67 -34.67
N PRO G 13 7.66 -23.85 -33.59
CA PRO G 13 7.20 -23.53 -32.23
C PRO G 13 6.60 -22.12 -32.16
N PHE G 14 7.18 -21.20 -32.93
CA PHE G 14 6.74 -19.81 -32.89
C PHE G 14 5.44 -19.57 -33.66
N ALA G 15 5.27 -20.28 -34.78
CA ALA G 15 4.09 -20.10 -35.61
C ALA G 15 2.99 -21.10 -35.29
N SER G 16 3.34 -22.14 -34.52
CA SER G 16 2.40 -23.20 -34.19
C SER G 16 1.15 -22.66 -33.50
N THR G 17 0.00 -23.22 -33.87
CA THR G 17 -1.28 -22.86 -33.27
C THR G 17 -1.83 -24.07 -32.51
N ARG G 18 -1.07 -25.15 -32.58
CA ARG G 18 -1.42 -26.45 -32.00
C ARG G 18 -1.77 -26.42 -30.52
N THR G 19 -2.61 -27.35 -30.10
CA THR G 19 -2.98 -27.52 -28.69
C THR G 19 -2.42 -28.82 -28.13
N PHE G 20 -1.66 -28.72 -27.06
CA PHE G 20 -1.11 -29.89 -26.38
C PHE G 20 -1.92 -30.22 -25.13
N ASN G 21 -2.04 -31.50 -24.83
CA ASN G 21 -2.76 -31.95 -23.63
C ASN G 21 -1.82 -32.70 -22.69
N LEU G 22 -1.57 -32.12 -21.52
CA LEU G 22 -0.57 -32.66 -20.61
C LEU G 22 -1.20 -33.19 -19.32
N ALA G 23 -1.00 -34.49 -19.07
CA ALA G 23 -1.50 -35.11 -17.84
C ALA G 23 -0.52 -34.93 -16.69
N MET G 24 -1.01 -34.47 -15.56
CA MET G 24 -0.17 -34.24 -14.39
C MET G 24 -1.03 -34.08 -13.13
N THR G 25 -0.42 -34.29 -11.98
CA THR G 25 -1.12 -34.17 -10.70
C THR G 25 -1.23 -32.70 -10.30
N ASP G 26 -1.91 -32.45 -9.18
CA ASP G 26 -2.09 -31.08 -8.70
C ASP G 26 -0.77 -30.47 -8.23
N ILE G 27 0.15 -31.33 -7.80
CA ILE G 27 1.47 -30.90 -7.40
C ILE G 27 2.32 -30.64 -8.64
N GLY G 28 2.22 -31.53 -9.62
CA GLY G 28 2.93 -31.38 -10.87
C GLY G 28 2.48 -30.15 -11.63
N GLU G 29 1.17 -29.91 -11.62
CA GLU G 29 0.59 -28.76 -12.30
C GLU G 29 1.12 -27.46 -11.71
N MET G 30 1.29 -27.44 -10.40
CA MET G 30 1.74 -26.25 -9.69
C MET G 30 3.24 -25.96 -9.93
N TYR G 31 4.00 -27.00 -10.20
CA TYR G 31 5.44 -26.88 -10.34
C TYR G 31 5.90 -26.66 -11.79
N PHE G 32 5.25 -27.34 -12.73
CA PHE G 32 5.66 -27.28 -14.12
C PHE G 32 5.10 -26.06 -14.87
N MET G 33 3.84 -25.74 -14.60
CA MET G 33 3.13 -24.73 -15.40
C MET G 33 3.73 -23.33 -15.38
N PRO G 34 4.00 -22.78 -14.19
CA PRO G 34 4.56 -21.43 -14.15
C PRO G 34 5.84 -21.27 -14.99
N PRO G 35 6.85 -22.14 -14.79
CA PRO G 35 8.06 -22.03 -15.60
C PRO G 35 7.80 -22.34 -17.08
N LEU G 36 6.85 -23.23 -17.35
CA LEU G 36 6.54 -23.61 -18.72
C LEU G 36 5.86 -22.48 -19.49
N MET G 37 4.82 -21.90 -18.88
CA MET G 37 4.09 -20.80 -19.50
C MET G 37 4.99 -19.60 -19.73
N GLU G 38 5.96 -19.40 -18.84
CA GLU G 38 6.90 -18.30 -18.95
C GLU G 38 7.87 -18.52 -20.11
N ALA G 39 8.23 -19.78 -20.33
CA ALA G 39 9.15 -20.14 -21.40
C ALA G 39 8.44 -20.15 -22.75
N LEU G 40 7.14 -20.47 -22.73
CA LEU G 40 6.36 -20.54 -23.96
C LEU G 40 5.99 -19.15 -24.48
N ALA G 41 6.01 -18.16 -23.60
CA ALA G 41 5.70 -16.79 -23.99
C ALA G 41 6.69 -16.30 -25.04
N GLN G 42 7.96 -16.69 -24.90
CA GLN G 42 9.00 -16.28 -25.82
C GLN G 42 9.17 -17.27 -26.97
N ARG G 43 8.86 -18.54 -26.72
CA ARG G 43 9.18 -19.60 -27.68
C ARG G 43 7.99 -20.09 -28.51
N ALA G 44 6.79 -20.07 -27.94
CA ALA G 44 5.61 -20.54 -28.65
C ALA G 44 4.35 -19.77 -28.26
N PRO G 45 4.28 -18.49 -28.66
CA PRO G 45 3.21 -17.58 -28.25
C PRO G 45 1.80 -18.00 -28.70
N HIS G 46 1.70 -18.87 -29.70
CA HIS G 46 0.41 -19.14 -30.32
C HIS G 46 -0.18 -20.52 -30.06
N ILE G 47 0.59 -21.40 -29.44
CA ILE G 47 0.09 -22.73 -29.10
C ILE G 47 -0.85 -22.64 -27.90
N GLN G 48 -1.59 -23.71 -27.63
CA GLN G 48 -2.46 -23.75 -26.47
C GLN G 48 -2.12 -24.96 -25.60
N ILE G 49 -2.06 -24.73 -24.29
CA ILE G 49 -1.77 -25.80 -23.35
C ILE G 49 -3.00 -26.14 -22.52
N SER G 50 -3.30 -27.43 -22.42
CA SER G 50 -4.42 -27.89 -21.60
C SER G 50 -3.97 -29.07 -20.75
N THR G 51 -4.19 -28.98 -19.44
CA THR G 51 -3.74 -30.02 -18.52
C THR G 51 -4.90 -30.86 -18.00
N LEU G 52 -4.59 -32.06 -17.53
CA LEU G 52 -5.58 -32.96 -16.97
C LEU G 52 -4.96 -33.86 -15.92
N ARG G 53 -5.80 -34.59 -15.18
CA ARG G 53 -5.32 -35.54 -14.20
C ARG G 53 -5.15 -36.91 -14.83
N PRO G 54 -4.08 -37.62 -14.46
CA PRO G 54 -3.81 -38.96 -14.99
C PRO G 54 -4.95 -39.92 -14.68
N ASN G 55 -5.72 -39.60 -13.63
CA ASN G 55 -6.84 -40.44 -13.22
C ASN G 55 -8.14 -40.08 -13.93
N ALA G 56 -8.12 -38.98 -14.68
CA ALA G 56 -9.28 -38.57 -15.46
C ALA G 56 -9.31 -39.31 -16.79
N GLY G 57 -10.36 -40.09 -17.02
CA GLY G 57 -10.47 -40.88 -18.23
C GLY G 57 -9.44 -41.99 -18.29
N ASN G 58 -9.26 -42.57 -19.48
CA ASN G 58 -8.27 -43.63 -19.66
C ASN G 58 -6.97 -43.08 -20.21
N LEU G 59 -6.09 -42.64 -19.32
CA LEU G 59 -4.82 -42.02 -19.70
C LEU G 59 -4.05 -42.81 -20.75
N LYS G 60 -3.99 -44.12 -20.58
CA LYS G 60 -3.20 -44.97 -21.47
C LYS G 60 -3.74 -44.99 -22.90
N GLU G 61 -5.05 -45.14 -23.03
CA GLU G 61 -5.69 -45.14 -24.35
C GLU G 61 -5.60 -43.78 -25.01
N ASP G 62 -5.78 -42.73 -24.22
CA ASP G 62 -5.75 -41.36 -24.73
C ASP G 62 -4.38 -40.99 -25.27
N MET G 63 -3.33 -41.45 -24.61
CA MET G 63 -1.97 -41.15 -25.04
C MET G 63 -1.63 -41.82 -26.37
N GLU G 64 -2.14 -43.03 -26.57
CA GLU G 64 -1.90 -43.74 -27.82
C GLU G 64 -2.64 -43.10 -28.99
N SER G 65 -3.89 -42.75 -28.78
CA SER G 65 -4.70 -42.13 -29.82
C SER G 65 -4.17 -40.74 -30.20
N GLY G 66 -3.71 -40.01 -29.20
CA GLY G 66 -3.17 -38.67 -29.42
C GLY G 66 -3.96 -37.60 -28.71
N ALA G 67 -5.00 -38.01 -28.00
CA ALA G 67 -5.81 -37.07 -27.21
C ALA G 67 -4.96 -36.44 -26.13
N VAL G 68 -3.98 -37.19 -25.64
CA VAL G 68 -3.02 -36.69 -24.65
C VAL G 68 -1.62 -36.80 -25.22
N ASP G 69 -0.87 -35.70 -25.20
CA ASP G 69 0.46 -35.67 -25.78
C ASP G 69 1.53 -36.19 -24.82
N LEU G 70 1.50 -35.71 -23.59
CA LEU G 70 2.51 -36.10 -22.60
C LEU G 70 1.89 -36.37 -21.23
N ALA G 71 2.61 -37.14 -20.41
CA ALA G 71 2.19 -37.41 -19.05
C ALA G 71 3.35 -37.20 -18.09
N LEU G 72 3.05 -36.70 -16.90
CA LEU G 72 4.08 -36.39 -15.91
C LEU G 72 3.76 -37.00 -14.54
N GLY G 73 4.78 -37.57 -13.91
CA GLY G 73 4.61 -38.18 -12.60
C GLY G 73 5.29 -39.53 -12.51
N LEU G 74 4.93 -40.30 -11.49
CA LEU G 74 5.47 -41.64 -11.32
C LEU G 74 4.85 -42.59 -12.35
N LEU G 75 3.53 -42.71 -12.32
CA LEU G 75 2.78 -43.48 -13.31
C LEU G 75 3.44 -44.82 -13.64
N PRO G 76 3.48 -45.74 -12.66
CA PRO G 76 4.06 -47.08 -12.84
C PRO G 76 3.29 -47.93 -13.86
N GLU G 77 2.11 -47.46 -14.27
CA GLU G 77 1.24 -48.23 -15.15
C GLU G 77 1.75 -48.23 -16.60
N LEU G 78 2.32 -47.11 -17.00
CA LEU G 78 2.76 -46.92 -18.38
C LEU G 78 4.01 -47.75 -18.69
N GLN G 79 3.81 -48.88 -19.37
CA GLN G 79 4.88 -49.82 -19.63
C GLN G 79 5.28 -49.89 -21.10
N THR G 80 4.74 -50.88 -21.80
CA THR G 80 5.09 -51.12 -23.19
C THR G 80 4.34 -50.17 -24.13
N GLY G 81 5.06 -49.67 -25.14
CA GLY G 81 4.49 -48.73 -26.07
C GLY G 81 4.69 -47.30 -25.60
N PHE G 82 5.24 -47.16 -24.39
CA PHE G 82 5.50 -45.84 -23.82
C PHE G 82 6.99 -45.61 -23.61
N PHE G 83 7.42 -44.38 -23.87
CA PHE G 83 8.78 -43.97 -23.55
C PHE G 83 8.74 -43.13 -22.28
N GLN G 84 9.87 -42.99 -21.61
CA GLN G 84 9.92 -42.18 -20.41
C GLN G 84 11.28 -41.53 -20.17
N ARG G 85 11.29 -40.49 -19.37
CA ARG G 85 12.49 -39.72 -19.06
C ARG G 85 12.52 -39.36 -17.59
N ARG G 86 13.66 -39.56 -16.94
CA ARG G 86 13.82 -39.12 -15.57
C ARG G 86 14.09 -37.61 -15.55
N LEU G 87 13.13 -36.86 -15.04
CA LEU G 87 13.30 -35.41 -14.91
C LEU G 87 14.02 -35.10 -13.61
N PHE G 88 13.50 -35.64 -12.51
CA PHE G 88 14.12 -35.46 -11.20
C PHE G 88 13.51 -36.38 -10.14
N ARG G 89 14.13 -36.39 -8.98
CA ARG G 89 13.66 -37.17 -7.84
C ARG G 89 13.66 -36.24 -6.65
N HIS G 90 12.53 -36.13 -5.95
CA HIS G 90 12.47 -35.21 -4.82
C HIS G 90 11.99 -35.87 -3.52
N ARG G 91 12.41 -35.29 -2.40
CA ARG G 91 12.18 -35.86 -1.08
C ARG G 91 10.87 -35.41 -0.46
N TYR G 92 10.49 -36.08 0.63
CA TYR G 92 9.40 -35.61 1.47
C TYR G 92 9.99 -34.69 2.53
N VAL G 93 9.20 -33.73 2.98
CA VAL G 93 9.71 -32.65 3.82
C VAL G 93 8.70 -32.21 4.88
N CYS G 94 9.20 -31.66 5.98
CA CYS G 94 8.35 -31.04 6.99
C CYS G 94 8.17 -29.56 6.71
N MET G 95 6.94 -29.09 6.77
CA MET G 95 6.64 -27.69 6.50
C MET G 95 5.77 -27.06 7.58
N PHE G 96 6.13 -25.84 7.96
CA PHE G 96 5.44 -25.11 9.02
C PHE G 96 5.75 -23.62 8.89
N ARG G 97 4.90 -22.77 9.46
CA ARG G 97 5.12 -21.33 9.37
C ARG G 97 6.46 -20.93 9.97
N LYS G 98 7.03 -19.84 9.47
CA LYS G 98 8.36 -19.42 9.86
C LYS G 98 8.48 -19.03 11.32
N ASP G 99 7.38 -18.59 11.91
CA ASP G 99 7.38 -18.14 13.29
C ASP G 99 6.78 -19.19 14.23
N HIS G 100 6.75 -20.44 13.79
CA HIS G 100 6.24 -21.52 14.62
C HIS G 100 7.00 -21.55 15.95
N PRO G 101 6.26 -21.48 17.06
CA PRO G 101 6.83 -21.37 18.41
C PRO G 101 7.67 -22.57 18.82
N SER G 102 7.30 -23.76 18.37
CA SER G 102 7.92 -24.99 18.86
C SER G 102 8.79 -25.69 17.81
N ALA G 103 8.31 -25.71 16.58
CA ALA G 103 8.99 -26.44 15.51
C ALA G 103 10.40 -25.92 15.23
N LYS G 104 11.35 -26.83 15.11
CA LYS G 104 12.73 -26.46 14.83
C LYS G 104 13.28 -27.25 13.64
N SER G 105 14.31 -26.71 13.00
CA SER G 105 14.94 -27.38 11.87
C SER G 105 16.42 -27.65 12.16
N PRO G 106 16.84 -28.91 12.01
CA PRO G 106 15.99 -30.01 11.56
C PRO G 106 15.09 -30.53 12.68
N MET G 107 13.91 -31.03 12.30
CA MET G 107 12.99 -31.62 13.27
C MET G 107 13.41 -33.05 13.56
N SER G 108 13.19 -33.50 14.80
CA SER G 108 13.52 -34.87 15.20
C SER G 108 12.26 -35.71 15.26
N LEU G 109 12.42 -37.03 15.19
CA LEU G 109 11.29 -37.94 15.30
C LEU G 109 10.43 -37.62 16.52
N LYS G 110 11.07 -37.46 17.66
CA LYS G 110 10.38 -37.15 18.91
C LYS G 110 9.40 -36.00 18.73
N GLN G 111 9.91 -34.83 18.37
CA GLN G 111 9.10 -33.64 18.18
C GLN G 111 8.05 -33.85 17.10
N PHE G 112 8.45 -34.46 15.99
CA PHE G 112 7.55 -34.72 14.87
C PHE G 112 6.34 -35.53 15.32
N THR G 113 6.53 -36.35 16.36
CA THR G 113 5.49 -37.24 16.83
C THR G 113 4.56 -36.57 17.85
N GLU G 114 5.05 -35.51 18.48
CA GLU G 114 4.28 -34.83 19.53
C GLU G 114 3.64 -33.53 19.05
N LEU G 115 3.87 -33.18 17.79
CA LEU G 115 3.26 -31.99 17.21
C LEU G 115 1.96 -32.32 16.49
N GLU G 116 1.17 -31.29 16.21
CA GLU G 116 -0.10 -31.45 15.50
C GLU G 116 0.14 -31.50 14.00
N HIS G 117 -0.71 -32.23 13.28
CA HIS G 117 -0.51 -32.44 11.85
C HIS G 117 -1.74 -32.12 11.00
N VAL G 118 -1.49 -31.67 9.77
CA VAL G 118 -2.51 -31.62 8.74
C VAL G 118 -2.10 -32.60 7.65
N GLY G 119 -2.98 -33.52 7.32
CA GLY G 119 -2.65 -34.58 6.39
C GLY G 119 -3.34 -34.51 5.05
N VAL G 120 -2.61 -34.89 4.00
CA VAL G 120 -3.17 -34.94 2.67
C VAL G 120 -3.29 -36.39 2.20
N VAL G 121 -4.52 -36.84 1.97
CA VAL G 121 -4.76 -38.19 1.49
C VAL G 121 -4.04 -38.44 0.18
N ALA G 122 -4.12 -37.49 -0.75
CA ALA G 122 -3.48 -37.62 -2.05
C ALA G 122 -3.71 -39.02 -2.62
N LEU G 123 -4.98 -39.43 -2.66
CA LEU G 123 -5.35 -40.78 -3.04
C LEU G 123 -4.87 -41.17 -4.45
N ASN G 124 -4.32 -42.37 -4.55
CA ASN G 124 -3.94 -42.96 -5.83
C ASN G 124 -2.82 -42.24 -6.58
N THR G 125 -2.05 -41.43 -5.86
CA THR G 125 -0.83 -40.86 -6.39
C THR G 125 0.33 -41.29 -5.50
N GLY G 126 1.55 -41.19 -6.01
CA GLY G 126 2.72 -41.62 -5.26
C GLY G 126 2.82 -41.01 -3.87
N HIS G 127 2.05 -39.95 -3.64
CA HIS G 127 2.07 -39.25 -2.36
C HIS G 127 1.02 -39.79 -1.39
N GLY G 128 0.34 -40.85 -1.78
CA GLY G 128 -0.76 -41.39 -0.99
C GLY G 128 -0.40 -42.59 -0.14
N GLU G 129 0.78 -43.16 -0.37
CA GLU G 129 1.22 -44.31 0.40
C GLU G 129 1.97 -43.88 1.64
N VAL G 130 2.06 -42.57 1.84
CA VAL G 130 2.86 -41.99 2.91
C VAL G 130 2.40 -42.36 4.33
N ASP G 131 1.09 -42.43 4.53
CA ASP G 131 0.55 -42.70 5.87
C ASP G 131 0.96 -44.06 6.39
N GLY G 132 0.90 -45.07 5.52
CA GLY G 132 1.24 -46.43 5.90
C GLY G 132 2.70 -46.56 6.32
N LEU G 133 3.58 -45.96 5.53
CA LEU G 133 5.01 -46.00 5.83
C LEU G 133 5.28 -45.30 7.16
N LEU G 134 4.39 -44.39 7.53
CA LEU G 134 4.47 -43.74 8.83
C LEU G 134 3.79 -44.61 9.89
N GLU G 135 2.74 -45.32 9.49
CA GLU G 135 2.05 -46.24 10.38
C GLU G 135 2.95 -47.44 10.69
N ARG G 136 3.51 -48.04 9.64
CA ARG G 136 4.34 -49.22 9.77
C ARG G 136 5.60 -48.98 10.60
N ALA G 137 6.08 -47.75 10.62
CA ALA G 137 7.26 -47.43 11.41
C ALA G 137 6.87 -47.22 12.86
N GLY G 138 5.58 -47.39 13.15
CA GLY G 138 5.07 -47.11 14.48
C GLY G 138 5.38 -45.67 14.85
N ILE G 139 5.08 -44.75 13.93
CA ILE G 139 5.09 -43.32 14.22
C ILE G 139 3.65 -42.85 14.47
N LYS G 140 3.44 -42.10 15.56
CA LYS G 140 2.11 -41.59 15.91
C LYS G 140 1.95 -40.15 15.47
N ARG G 141 0.82 -39.82 14.83
CA ARG G 141 0.55 -38.46 14.40
C ARG G 141 -0.85 -38.04 14.82
N ARG G 142 -0.94 -36.92 15.53
CA ARG G 142 -2.21 -36.34 15.92
C ARG G 142 -2.73 -35.61 14.69
N MET G 143 -3.49 -36.32 13.85
CA MET G 143 -4.04 -35.74 12.64
C MET G 143 -5.20 -34.85 13.00
N ARG G 144 -4.89 -33.58 13.20
CA ARG G 144 -5.90 -32.58 13.52
CA ARG G 144 -5.92 -32.59 13.53
C ARG G 144 -6.85 -32.39 12.35
N LEU G 145 -6.27 -32.33 11.16
CA LEU G 145 -7.04 -32.13 9.94
C LEU G 145 -6.55 -33.03 8.82
N VAL G 146 -7.49 -33.57 8.05
CA VAL G 146 -7.15 -34.40 6.89
C VAL G 146 -7.87 -33.90 5.66
N VAL G 147 -7.10 -33.52 4.64
CA VAL G 147 -7.65 -33.01 3.39
C VAL G 147 -7.31 -33.93 2.23
N PRO G 148 -8.15 -33.96 1.19
CA PRO G 148 -7.93 -34.80 0.02
C PRO G 148 -6.73 -34.36 -0.81
N HIS G 149 -6.54 -33.06 -0.96
CA HIS G 149 -5.49 -32.54 -1.84
C HIS G 149 -4.63 -31.46 -1.17
N PHE G 150 -3.73 -30.87 -1.94
CA PHE G 150 -2.72 -29.97 -1.39
C PHE G 150 -3.05 -28.48 -1.48
N ILE G 151 -4.18 -28.15 -2.12
CA ILE G 151 -4.47 -26.75 -2.46
C ILE G 151 -4.44 -25.78 -1.27
N ALA G 152 -4.83 -26.26 -0.09
CA ALA G 152 -5.00 -25.38 1.06
C ALA G 152 -3.89 -25.49 2.11
N ILE G 153 -2.93 -26.39 1.87
CA ILE G 153 -1.86 -26.62 2.83
C ILE G 153 -1.08 -25.33 3.13
N GLY G 154 -0.82 -24.54 2.10
CA GLY G 154 -0.10 -23.29 2.26
C GLY G 154 -0.71 -22.35 3.28
N PRO G 155 -1.93 -21.86 3.00
CA PRO G 155 -2.66 -20.96 3.90
C PRO G 155 -2.97 -21.57 5.26
N ILE G 156 -3.13 -22.89 5.32
CA ILE G 156 -3.43 -23.56 6.59
C ILE G 156 -2.25 -23.44 7.55
N LEU G 157 -1.07 -23.80 7.08
CA LEU G 157 0.14 -23.73 7.90
C LEU G 157 0.44 -22.29 8.29
N HIS G 158 0.07 -21.36 7.43
CA HIS G 158 0.32 -19.94 7.66
C HIS G 158 -0.41 -19.41 8.90
N SER G 159 -1.60 -19.95 9.15
CA SER G 159 -2.46 -19.44 10.21
C SER G 159 -2.50 -20.35 11.43
N THR G 160 -1.81 -21.48 11.37
CA THR G 160 -1.85 -22.46 12.46
C THR G 160 -0.47 -22.92 12.89
N ASP G 161 -0.44 -23.79 13.90
CA ASP G 161 0.81 -24.37 14.39
C ASP G 161 0.94 -25.81 13.90
N LEU G 162 0.14 -26.17 12.91
CA LEU G 162 0.17 -27.52 12.34
C LEU G 162 1.38 -27.67 11.41
N ILE G 163 1.90 -28.90 11.35
CA ILE G 163 2.97 -29.21 10.41
C ILE G 163 2.46 -30.20 9.36
N ALA G 164 3.14 -30.24 8.22
CA ALA G 164 2.71 -31.11 7.12
C ALA G 164 3.85 -31.88 6.50
N THR G 165 3.57 -33.12 6.10
CA THR G 165 4.52 -33.91 5.32
C THR G 165 4.27 -33.62 3.85
N VAL G 166 5.27 -33.10 3.17
CA VAL G 166 5.08 -32.54 1.84
C VAL G 166 6.27 -32.76 0.91
N PRO G 167 6.00 -32.99 -0.38
CA PRO G 167 7.04 -33.09 -1.41
C PRO G 167 7.83 -31.79 -1.55
N GLN G 168 9.16 -31.90 -1.65
CA GLN G 168 10.04 -30.75 -1.74
C GLN G 168 9.63 -29.73 -2.80
N ARG G 169 9.29 -30.20 -3.99
CA ARG G 169 8.90 -29.31 -5.09
C ARG G 169 7.64 -28.51 -4.80
N PHE G 170 6.75 -29.06 -3.97
CA PHE G 170 5.56 -28.34 -3.54
C PHE G 170 5.96 -27.29 -2.51
N ALA G 171 7.04 -27.57 -1.79
CA ALA G 171 7.57 -26.64 -0.80
C ALA G 171 8.19 -25.42 -1.48
N VAL G 172 8.92 -25.66 -2.55
CA VAL G 172 9.55 -24.59 -3.31
C VAL G 172 8.54 -23.53 -3.72
N ARG G 173 7.35 -23.97 -4.08
CA ARG G 173 6.29 -23.08 -4.55
C ARG G 173 5.62 -22.30 -3.42
N CYS G 174 5.61 -22.88 -2.22
CA CYS G 174 4.82 -22.34 -1.12
C CYS G 174 5.59 -21.57 -0.06
N GLU G 175 6.86 -21.91 0.15
CA GLU G 175 7.65 -21.34 1.24
C GLU G 175 7.49 -19.83 1.39
N VAL G 176 8.05 -19.08 0.45
CA VAL G 176 8.06 -17.62 0.54
C VAL G 176 6.67 -16.95 0.45
N PRO G 177 5.79 -17.44 -0.43
CA PRO G 177 4.46 -16.84 -0.53
C PRO G 177 3.66 -16.91 0.76
N PHE G 178 3.79 -18.00 1.51
CA PHE G 178 3.02 -18.19 2.73
C PHE G 178 3.86 -18.08 4.00
N GLY G 179 5.08 -17.54 3.87
CA GLY G 179 5.97 -17.42 4.99
C GLY G 179 6.18 -18.75 5.70
N LEU G 180 6.67 -19.73 4.94
CA LEU G 180 6.87 -21.08 5.48
C LEU G 180 8.34 -21.44 5.59
N THR G 181 8.59 -22.61 6.19
CA THR G 181 9.95 -23.11 6.37
C THR G 181 9.96 -24.63 6.23
N THR G 182 11.07 -25.18 5.77
CA THR G 182 11.19 -26.62 5.61
C THR G 182 12.27 -27.21 6.52
N SER G 183 12.25 -28.53 6.66
CA SER G 183 13.25 -29.26 7.42
C SER G 183 13.32 -30.67 6.83
N PRO G 184 14.53 -31.21 6.68
CA PRO G 184 14.65 -32.59 6.22
C PRO G 184 13.76 -33.48 7.07
N HIS G 185 13.01 -34.38 6.43
CA HIS G 185 12.07 -35.20 7.15
C HIS G 185 12.77 -36.21 8.06
N PRO G 186 12.47 -36.14 9.37
CA PRO G 186 13.07 -37.03 10.38
C PRO G 186 12.83 -38.50 10.05
N ALA G 187 11.73 -38.81 9.38
CA ALA G 187 11.37 -40.20 9.09
C ALA G 187 12.04 -40.71 7.82
N LYS G 188 12.18 -42.03 7.74
CA LYS G 188 12.73 -42.66 6.54
C LYS G 188 11.66 -42.80 5.46
N LEU G 189 11.66 -41.88 4.51
CA LEU G 189 10.68 -41.88 3.43
C LEU G 189 11.31 -42.00 2.03
N PRO G 190 10.59 -42.68 1.11
CA PRO G 190 11.06 -42.92 -0.27
C PRO G 190 11.27 -41.63 -1.06
N ASP G 191 12.01 -41.70 -2.16
CA ASP G 191 12.10 -40.58 -3.10
C ASP G 191 11.02 -40.75 -4.19
N ILE G 192 10.23 -39.72 -4.43
CA ILE G 192 9.24 -39.74 -5.50
C ILE G 192 9.97 -39.37 -6.78
N ALA G 193 10.16 -40.33 -7.68
CA ALA G 193 10.84 -40.04 -8.93
C ALA G 193 9.82 -39.61 -9.95
N ILE G 194 10.06 -38.47 -10.60
CA ILE G 194 9.10 -37.95 -11.57
C ILE G 194 9.63 -38.16 -13.00
N ASN G 195 8.78 -38.71 -13.87
CA ASN G 195 9.19 -39.06 -15.22
C ASN G 195 8.34 -38.36 -16.27
N LEU G 196 8.84 -38.31 -17.49
CA LEU G 196 8.12 -37.72 -18.61
C LEU G 196 7.78 -38.82 -19.60
N PHE G 197 6.49 -39.13 -19.71
CA PHE G 197 6.04 -40.23 -20.56
C PHE G 197 5.45 -39.72 -21.87
N TRP G 198 5.56 -40.55 -22.90
CA TRP G 198 4.89 -40.32 -24.17
C TRP G 198 4.80 -41.64 -24.93
N HIS G 199 3.79 -41.78 -25.78
CA HIS G 199 3.59 -43.03 -26.49
C HIS G 199 4.58 -43.19 -27.64
N ALA G 200 4.98 -44.43 -27.91
CA ALA G 200 5.92 -44.74 -28.97
C ALA G 200 5.42 -44.19 -30.30
N LYS G 201 4.11 -44.20 -30.47
CA LYS G 201 3.47 -43.70 -31.68
C LYS G 201 3.89 -42.26 -31.98
N TYR G 202 4.28 -41.54 -30.94
CA TYR G 202 4.67 -40.14 -31.09
C TYR G 202 6.12 -39.90 -30.69
N ASN G 203 6.93 -40.95 -30.77
CA ASN G 203 8.35 -40.86 -30.43
C ASN G 203 9.09 -39.93 -31.39
N ARG G 204 8.68 -39.93 -32.65
CA ARG G 204 9.36 -39.12 -33.66
C ARG G 204 8.45 -38.07 -34.29
N ASP G 205 7.47 -37.62 -33.51
CA ASP G 205 6.63 -36.49 -33.89
C ASP G 205 7.33 -35.19 -33.49
N PRO G 206 7.61 -34.34 -34.49
CA PRO G 206 8.36 -33.09 -34.28
C PRO G 206 7.81 -32.23 -33.15
N GLY G 207 6.49 -32.07 -33.11
CA GLY G 207 5.86 -31.26 -32.08
C GLY G 207 6.04 -31.86 -30.70
N ASN G 208 5.93 -33.18 -30.62
CA ASN G 208 6.09 -33.89 -29.35
C ASN G 208 7.55 -33.84 -28.90
N MET G 209 8.45 -34.07 -29.85
CA MET G 209 9.88 -34.01 -29.59
C MET G 209 10.29 -32.64 -29.05
N TRP G 210 9.67 -31.59 -29.58
CA TRP G 210 10.00 -30.23 -29.18
C TRP G 210 9.57 -29.89 -27.77
N LEU G 211 8.36 -30.31 -27.40
CA LEU G 211 7.82 -29.97 -26.09
C LEU G 211 8.51 -30.74 -24.97
N ARG G 212 8.76 -32.03 -25.20
CA ARG G 212 9.38 -32.84 -24.17
C ARG G 212 10.86 -32.50 -24.03
N GLN G 213 11.44 -31.94 -25.09
CA GLN G 213 12.83 -31.48 -25.02
C GLN G 213 12.89 -30.21 -24.19
N LEU G 214 11.80 -29.45 -24.21
CA LEU G 214 11.71 -28.24 -23.40
C LEU G 214 11.57 -28.59 -21.93
N PHE G 215 10.76 -29.62 -21.65
CA PHE G 215 10.59 -30.10 -20.28
C PHE G 215 11.95 -30.53 -19.69
N VAL G 216 12.73 -31.22 -20.50
CA VAL G 216 14.06 -31.65 -20.08
C VAL G 216 14.93 -30.45 -19.77
N GLU G 217 14.86 -29.42 -20.61
CA GLU G 217 15.68 -28.23 -20.42
C GLU G 217 15.33 -27.49 -19.13
N LEU G 218 14.04 -27.34 -18.86
CA LEU G 218 13.59 -26.53 -17.73
C LEU G 218 13.58 -27.28 -16.40
N PHE G 219 13.29 -28.57 -16.44
CA PHE G 219 13.01 -29.31 -15.21
C PHE G 219 13.89 -30.53 -14.96
N SER G 220 14.82 -30.83 -15.86
CA SER G 220 15.70 -31.98 -15.66
C SER G 220 16.92 -31.61 -14.83
N GLU G 221 17.31 -32.52 -13.93
CA GLU G 221 18.44 -32.30 -13.06
C GLU G 221 19.23 -33.59 -12.89
N ALA G 222 20.45 -33.48 -12.38
CA ALA G 222 21.26 -34.65 -12.09
C ALA G 222 20.81 -35.31 -10.79
N PHE H 11 -16.67 38.97 -49.16
CA PHE H 11 -15.78 38.62 -48.06
C PHE H 11 -15.45 39.82 -47.19
N ASP H 12 -15.78 39.72 -45.91
CA ASP H 12 -15.43 40.75 -44.95
C ASP H 12 -14.59 40.15 -43.83
N PRO H 13 -13.28 40.48 -43.84
CA PRO H 13 -12.32 39.94 -42.86
C PRO H 13 -12.85 40.00 -41.43
N PHE H 14 -13.57 41.06 -41.08
CA PHE H 14 -13.95 41.29 -39.69
C PHE H 14 -15.24 40.59 -39.29
N ALA H 15 -16.05 40.22 -40.27
CA ALA H 15 -17.31 39.53 -40.00
C ALA H 15 -17.22 38.06 -40.44
N SER H 16 -16.13 37.74 -41.15
CA SER H 16 -15.95 36.42 -41.72
C SER H 16 -15.97 35.31 -40.68
N THR H 17 -16.56 34.18 -41.04
CA THR H 17 -16.62 32.99 -40.20
C THR H 17 -15.92 31.85 -40.93
N ARG H 18 -15.44 32.17 -42.13
CA ARG H 18 -14.83 31.20 -43.02
C ARG H 18 -13.59 30.52 -42.45
N THR H 19 -13.37 29.28 -42.85
CA THR H 19 -12.19 28.51 -42.44
C THR H 19 -11.22 28.35 -43.61
N PHE H 20 -9.97 28.72 -43.38
CA PHE H 20 -8.94 28.60 -44.40
C PHE H 20 -8.02 27.41 -44.10
N ASN H 21 -7.85 26.52 -45.06
CA ASN H 21 -6.92 25.41 -44.92
C ASN H 21 -5.58 25.69 -45.56
N LEU H 22 -4.54 25.75 -44.72
CA LEU H 22 -3.21 26.11 -45.18
C LEU H 22 -2.25 24.92 -45.15
N ALA H 23 -1.61 24.64 -46.28
CA ALA H 23 -0.65 23.55 -46.38
C ALA H 23 0.77 24.05 -46.16
N MET H 24 1.40 23.62 -45.07
CA MET H 24 2.76 24.03 -44.75
C MET H 24 3.53 22.91 -44.06
N THR H 25 4.86 22.96 -44.17
CA THR H 25 5.70 21.97 -43.53
C THR H 25 5.67 22.19 -42.02
N ASP H 26 6.37 21.34 -41.29
CA ASP H 26 6.37 21.44 -39.83
C ASP H 26 7.25 22.60 -39.37
N ILE H 27 8.11 23.06 -40.26
CA ILE H 27 8.95 24.23 -39.96
C ILE H 27 8.22 25.51 -40.34
N GLY H 28 7.57 25.51 -41.50
CA GLY H 28 6.81 26.65 -41.94
C GLY H 28 5.69 26.94 -40.97
N GLU H 29 5.09 25.88 -40.43
CA GLU H 29 4.02 26.01 -39.47
C GLU H 29 4.50 26.64 -38.17
N MET H 30 5.68 26.21 -37.72
CA MET H 30 6.26 26.73 -36.49
C MET H 30 6.60 28.21 -36.65
N TYR H 31 6.97 28.60 -37.87
CA TYR H 31 7.37 29.97 -38.17
C TYR H 31 6.18 30.88 -38.51
N PHE H 32 5.27 30.38 -39.33
CA PHE H 32 4.16 31.20 -39.83
C PHE H 32 3.03 31.41 -38.82
N MET H 33 2.62 30.32 -38.16
CA MET H 33 1.41 30.34 -37.35
C MET H 33 1.34 31.37 -36.22
N PRO H 34 2.40 31.48 -35.40
CA PRO H 34 2.31 32.44 -34.30
C PRO H 34 2.09 33.89 -34.77
N PRO H 35 2.94 34.41 -35.68
CA PRO H 35 2.73 35.75 -36.23
C PRO H 35 1.37 35.91 -36.87
N LEU H 36 0.92 34.87 -37.54
CA LEU H 36 -0.32 34.92 -38.31
C LEU H 36 -1.54 34.94 -37.41
N MET H 37 -1.54 34.06 -36.41
CA MET H 37 -2.66 33.96 -35.49
C MET H 37 -2.75 35.26 -34.69
N GLU H 38 -1.60 35.89 -34.49
CA GLU H 38 -1.51 37.16 -33.77
C GLU H 38 -2.02 38.31 -34.62
N ALA H 39 -1.73 38.27 -35.92
CA ALA H 39 -2.24 39.28 -36.84
C ALA H 39 -3.74 39.13 -37.01
N LEU H 40 -4.21 37.89 -36.97
CA LEU H 40 -5.63 37.58 -37.12
C LEU H 40 -6.45 38.03 -35.91
N ALA H 41 -5.84 37.97 -34.73
CA ALA H 41 -6.53 38.35 -33.50
C ALA H 41 -7.17 39.73 -33.61
N GLN H 42 -6.61 40.57 -34.47
CA GLN H 42 -7.07 41.94 -34.63
C GLN H 42 -7.78 42.17 -35.97
N ARG H 43 -7.32 41.47 -37.00
CA ARG H 43 -7.85 41.64 -38.34
C ARG H 43 -9.10 40.81 -38.61
N ALA H 44 -8.99 39.49 -38.40
CA ALA H 44 -10.11 38.58 -38.67
C ALA H 44 -10.35 37.65 -37.48
N PRO H 45 -10.94 38.18 -36.41
CA PRO H 45 -11.16 37.48 -35.14
C PRO H 45 -12.07 36.25 -35.22
N HIS H 46 -12.85 36.12 -36.29
CA HIS H 46 -13.87 35.07 -36.34
C HIS H 46 -13.61 33.94 -37.33
N ILE H 47 -12.64 34.13 -38.23
CA ILE H 47 -12.28 33.07 -39.17
C ILE H 47 -11.70 31.88 -38.41
N GLN H 48 -11.40 30.81 -39.13
CA GLN H 48 -10.79 29.64 -38.52
C GLN H 48 -9.63 29.14 -39.39
N ILE H 49 -8.51 28.84 -38.74
CA ILE H 49 -7.33 28.37 -39.45
C ILE H 49 -7.10 26.88 -39.20
N SER H 50 -6.89 26.13 -40.27
CA SER H 50 -6.56 24.72 -40.16
C SER H 50 -5.37 24.42 -41.07
N THR H 51 -4.36 23.74 -40.53
CA THR H 51 -3.16 23.45 -41.29
C THR H 51 -3.00 21.96 -41.55
N LEU H 52 -2.26 21.63 -42.61
CA LEU H 52 -1.95 20.25 -42.92
C LEU H 52 -0.62 20.20 -43.66
N ARG H 53 -0.03 19.01 -43.74
CA ARG H 53 1.22 18.83 -44.47
C ARG H 53 0.92 18.63 -45.94
N PRO H 54 1.71 19.25 -46.81
CA PRO H 54 1.57 19.04 -48.26
C PRO H 54 1.80 17.55 -48.53
N ASN H 55 2.48 16.93 -47.59
CA ASN H 55 2.86 15.53 -47.65
C ASN H 55 1.69 14.59 -47.38
N ALA H 56 0.54 15.16 -47.04
CA ALA H 56 -0.61 14.39 -46.57
C ALA H 56 -1.35 13.62 -47.66
N GLY H 57 -1.88 14.32 -48.65
CA GLY H 57 -2.67 13.67 -49.68
C GLY H 57 -2.48 14.28 -51.06
N ASN H 58 -3.55 14.33 -51.83
CA ASN H 58 -3.52 14.98 -53.13
C ASN H 58 -3.60 16.49 -52.99
N LEU H 59 -2.53 17.08 -52.44
CA LEU H 59 -2.44 18.53 -52.31
C LEU H 59 -3.01 19.21 -53.56
N LYS H 60 -2.48 18.86 -54.73
CA LYS H 60 -2.80 19.55 -55.98
C LYS H 60 -4.30 19.49 -56.30
N GLU H 61 -4.88 18.30 -56.18
CA GLU H 61 -6.32 18.10 -56.37
C GLU H 61 -7.18 18.79 -55.28
N ASP H 62 -6.60 18.99 -54.09
CA ASP H 62 -7.30 19.66 -52.98
C ASP H 62 -7.24 21.18 -53.15
N MET H 63 -6.04 21.70 -53.43
CA MET H 63 -5.85 23.10 -53.78
C MET H 63 -6.81 23.56 -54.87
N GLU H 64 -7.08 22.68 -55.83
CA GLU H 64 -7.92 22.95 -57.00
C GLU H 64 -9.42 22.77 -56.72
N SER H 65 -9.80 21.73 -55.99
CA SER H 65 -11.19 21.57 -55.56
C SER H 65 -11.51 22.66 -54.53
N GLY H 66 -10.48 23.20 -53.88
CA GLY H 66 -10.71 24.24 -52.88
C GLY H 66 -10.63 23.76 -51.43
N ALA H 67 -10.29 22.49 -51.24
CA ALA H 67 -10.10 21.95 -49.90
C ALA H 67 -8.93 22.62 -49.20
N VAL H 68 -7.91 22.95 -49.99
CA VAL H 68 -6.75 23.67 -49.49
C VAL H 68 -6.68 25.04 -50.17
N ASP H 69 -6.66 26.10 -49.37
CA ASP H 69 -6.67 27.47 -49.91
C ASP H 69 -5.28 27.94 -50.32
N LEU H 70 -4.28 27.64 -49.49
CA LEU H 70 -2.92 28.09 -49.75
C LEU H 70 -1.88 27.03 -49.43
N ALA H 71 -0.72 27.14 -50.08
CA ALA H 71 0.39 26.23 -49.82
C ALA H 71 1.68 27.01 -49.67
N LEU H 72 2.55 26.57 -48.77
CA LEU H 72 3.79 27.27 -48.47
C LEU H 72 4.97 26.31 -48.40
N GLY H 73 5.97 26.53 -49.25
CA GLY H 73 7.15 25.70 -49.28
C GLY H 73 7.81 25.66 -50.65
N LEU H 74 8.73 24.73 -50.84
CA LEU H 74 9.39 24.57 -52.13
C LEU H 74 8.42 24.01 -53.16
N LEU H 75 7.78 22.89 -52.80
CA LEU H 75 6.73 22.30 -53.62
C LEU H 75 6.96 22.42 -55.12
N PRO H 76 7.97 21.69 -55.63
CA PRO H 76 8.31 21.72 -57.06
C PRO H 76 7.22 21.10 -57.94
N GLU H 77 6.37 20.26 -57.36
CA GLU H 77 5.35 19.56 -58.13
C GLU H 77 4.29 20.50 -58.68
N LEU H 78 4.05 21.61 -57.98
CA LEU H 78 3.08 22.59 -58.41
C LEU H 78 3.64 23.49 -59.51
N GLN H 79 3.21 23.25 -60.75
CA GLN H 79 3.68 24.04 -61.89
C GLN H 79 2.58 24.84 -62.57
N THR H 80 1.81 24.17 -63.42
CA THR H 80 0.78 24.84 -64.22
C THR H 80 -0.61 24.72 -63.61
N GLY H 81 -1.36 25.82 -63.67
CA GLY H 81 -2.65 25.90 -63.02
C GLY H 81 -2.47 26.46 -61.63
N PHE H 82 -1.23 26.76 -61.28
CA PHE H 82 -0.88 27.29 -59.97
C PHE H 82 -0.15 28.62 -60.06
N PHE H 83 -0.43 29.50 -59.11
CA PHE H 83 0.24 30.79 -59.06
C PHE H 83 1.30 30.81 -57.95
N GLN H 84 2.34 31.60 -58.15
CA GLN H 84 3.47 31.65 -57.23
C GLN H 84 3.73 33.06 -56.69
N ARG H 85 4.28 33.10 -55.49
CA ARG H 85 4.73 34.34 -54.88
C ARG H 85 5.81 34.04 -53.86
N ARG H 86 7.05 34.32 -54.21
CA ARG H 86 8.17 34.05 -53.32
C ARG H 86 8.09 34.96 -52.10
N LEU H 87 8.28 34.37 -50.93
CA LEU H 87 8.31 35.14 -49.69
C LEU H 87 9.74 35.43 -49.29
N PHE H 88 10.58 34.39 -49.28
CA PHE H 88 11.96 34.55 -48.85
C PHE H 88 12.78 33.28 -49.08
N ARG H 89 14.05 33.36 -48.71
CA ARG H 89 14.90 32.18 -48.62
C ARG H 89 15.52 32.15 -47.24
N HIS H 90 15.48 31.00 -46.56
CA HIS H 90 16.30 30.84 -45.37
C HIS H 90 17.50 29.96 -45.67
N ARG H 91 18.64 30.34 -45.11
CA ARG H 91 19.87 29.60 -45.28
C ARG H 91 20.05 28.67 -44.10
N TYR H 92 20.97 27.71 -44.22
CA TYR H 92 21.20 26.76 -43.14
C TYR H 92 22.29 27.23 -42.19
N VAL H 93 22.10 26.92 -40.92
CA VAL H 93 23.03 27.31 -39.88
C VAL H 93 23.31 26.11 -38.98
N CYS H 94 24.33 26.23 -38.14
CA CYS H 94 24.68 25.16 -37.23
C CYS H 94 24.15 25.49 -35.84
N MET H 95 23.36 24.58 -35.27
CA MET H 95 22.78 24.84 -33.95
C MET H 95 23.30 23.88 -32.88
N PHE H 96 23.77 24.45 -31.79
CA PHE H 96 24.26 23.70 -30.65
C PHE H 96 23.97 24.50 -29.39
N ARG H 97 24.00 23.85 -28.23
CA ARG H 97 23.72 24.55 -26.98
C ARG H 97 24.79 25.59 -26.70
N LYS H 98 24.41 26.64 -25.98
CA LYS H 98 25.31 27.77 -25.72
C LYS H 98 26.50 27.39 -24.86
N ASP H 99 26.30 26.46 -23.93
CA ASP H 99 27.36 26.06 -23.01
C ASP H 99 28.14 24.87 -23.55
N HIS H 100 28.02 24.63 -24.84
CA HIS H 100 28.75 23.53 -25.48
C HIS H 100 30.25 23.70 -25.18
N PRO H 101 30.90 22.61 -24.74
CA PRO H 101 32.32 22.63 -24.38
C PRO H 101 33.25 22.96 -25.53
N SER H 102 32.90 22.58 -26.76
CA SER H 102 33.81 22.71 -27.89
C SER H 102 33.28 23.66 -28.97
N ALA H 103 32.02 23.48 -29.33
CA ALA H 103 31.41 24.22 -30.43
C ALA H 103 31.66 25.73 -30.37
N LYS H 104 32.13 26.28 -31.49
CA LYS H 104 32.38 27.71 -31.59
C LYS H 104 31.56 28.33 -32.72
N SER H 105 31.35 29.63 -32.64
CA SER H 105 30.66 30.36 -33.70
C SER H 105 31.49 31.57 -34.10
N PRO H 106 31.86 31.67 -35.38
CA PRO H 106 31.52 30.71 -36.44
C PRO H 106 32.29 29.40 -36.33
N MET H 107 31.60 28.29 -36.58
CA MET H 107 32.22 26.97 -36.56
C MET H 107 32.96 26.73 -37.87
N SER H 108 34.12 26.09 -37.78
CA SER H 108 34.90 25.75 -38.96
C SER H 108 34.42 24.41 -39.51
N LEU H 109 34.53 24.23 -40.82
CA LEU H 109 34.11 22.99 -41.45
C LEU H 109 34.86 21.80 -40.84
N LYS H 110 36.03 22.08 -40.28
CA LYS H 110 36.83 21.03 -39.65
C LYS H 110 36.20 20.54 -38.34
N GLN H 111 35.79 21.47 -37.48
CA GLN H 111 35.15 21.11 -36.23
C GLN H 111 33.78 20.50 -36.49
N PHE H 112 33.13 20.98 -37.55
CA PHE H 112 31.82 20.46 -37.94
C PHE H 112 31.90 18.96 -38.18
N THR H 113 33.00 18.52 -38.79
CA THR H 113 33.19 17.12 -39.11
C THR H 113 33.61 16.31 -37.88
N GLU H 114 34.17 16.99 -36.88
CA GLU H 114 34.63 16.32 -35.68
C GLU H 114 33.48 16.04 -34.71
N LEU H 115 32.64 17.05 -34.50
CA LEU H 115 31.52 16.93 -33.56
C LEU H 115 30.48 15.93 -34.02
N GLU H 116 29.61 15.53 -33.09
CA GLU H 116 28.56 14.57 -33.41
C GLU H 116 27.25 15.27 -33.75
N HIS H 117 26.42 14.61 -34.56
CA HIS H 117 25.26 15.26 -35.14
C HIS H 117 23.94 14.57 -34.83
N VAL H 118 22.87 15.36 -34.83
CA VAL H 118 21.51 14.83 -34.88
C VAL H 118 20.89 15.33 -36.19
N GLY H 119 20.58 14.39 -37.08
CA GLY H 119 20.09 14.75 -38.40
C GLY H 119 18.63 14.52 -38.62
N VAL H 120 17.97 15.50 -39.23
CA VAL H 120 16.56 15.37 -39.58
C VAL H 120 16.43 14.92 -41.03
N VAL H 121 15.80 13.77 -41.23
CA VAL H 121 15.61 13.23 -42.58
C VAL H 121 14.80 14.18 -43.45
N ALA H 122 13.69 14.68 -42.91
CA ALA H 122 12.83 15.60 -43.65
C ALA H 122 12.54 15.09 -45.05
N LEU H 123 12.07 13.85 -45.13
CA LEU H 123 11.77 13.22 -46.41
C LEU H 123 10.78 14.04 -47.24
N ASN H 124 11.02 14.10 -48.54
CA ASN H 124 10.13 14.80 -49.46
C ASN H 124 9.84 16.22 -48.98
N THR H 125 10.91 16.96 -48.71
CA THR H 125 10.85 18.34 -48.26
C THR H 125 12.11 19.06 -48.71
N GLY H 126 12.05 20.38 -48.80
CA GLY H 126 13.18 21.17 -49.25
C GLY H 126 14.44 20.93 -48.43
N HIS H 127 14.28 20.36 -47.24
CA HIS H 127 15.38 20.16 -46.32
C HIS H 127 15.88 18.73 -46.31
N GLY H 128 15.28 17.89 -47.17
CA GLY H 128 15.72 16.51 -47.30
C GLY H 128 16.90 16.40 -48.23
N GLU H 129 17.20 17.50 -48.93
CA GLU H 129 18.31 17.54 -49.87
C GLU H 129 19.64 17.65 -49.14
N VAL H 130 19.60 18.25 -47.95
CA VAL H 130 20.79 18.52 -47.15
C VAL H 130 21.73 17.32 -47.03
N ASP H 131 21.22 16.20 -46.53
CA ASP H 131 22.05 15.03 -46.27
C ASP H 131 22.80 14.58 -47.52
N GLY H 132 22.15 14.71 -48.67
CA GLY H 132 22.76 14.33 -49.93
C GLY H 132 23.81 15.33 -50.38
N LEU H 133 23.51 16.61 -50.17
CA LEU H 133 24.42 17.68 -50.55
C LEU H 133 25.74 17.58 -49.78
N LEU H 134 25.64 17.43 -48.47
CA LEU H 134 26.82 17.33 -47.61
C LEU H 134 27.62 16.09 -47.95
N GLU H 135 26.93 14.97 -48.16
CA GLU H 135 27.58 13.72 -48.50
C GLU H 135 28.30 13.83 -49.83
N ARG H 136 27.68 14.55 -50.77
CA ARG H 136 28.24 14.73 -52.11
C ARG H 136 29.47 15.64 -52.13
N ALA H 137 29.62 16.46 -51.08
CA ALA H 137 30.76 17.36 -50.99
C ALA H 137 31.92 16.67 -50.27
N GLY H 138 31.72 15.42 -49.87
CA GLY H 138 32.73 14.66 -49.18
C GLY H 138 32.78 14.98 -47.70
N ILE H 139 31.78 15.71 -47.22
CA ILE H 139 31.70 16.10 -45.82
C ILE H 139 31.24 14.94 -44.94
N LYS H 140 32.08 14.57 -43.98
CA LYS H 140 31.80 13.46 -43.09
C LYS H 140 31.03 13.92 -41.85
N ARG H 141 29.97 13.20 -41.52
CA ARG H 141 29.15 13.55 -40.36
C ARG H 141 28.93 12.35 -39.44
N ARG H 142 29.11 12.57 -38.15
CA ARG H 142 28.89 11.54 -37.15
C ARG H 142 27.49 11.68 -36.56
N MET H 143 26.57 10.87 -37.07
CA MET H 143 25.16 10.93 -36.68
C MET H 143 24.84 9.92 -35.60
N ARG H 144 24.84 10.36 -34.34
CA ARG H 144 24.44 9.50 -33.24
C ARG H 144 22.93 9.27 -33.28
N LEU H 145 22.20 10.30 -33.70
CA LEU H 145 20.74 10.23 -33.74
C LEU H 145 20.20 10.78 -35.06
N VAL H 146 19.30 10.03 -35.68
CA VAL H 146 18.62 10.49 -36.89
C VAL H 146 17.12 10.47 -36.68
N VAL H 147 16.49 11.63 -36.82
CA VAL H 147 15.05 11.76 -36.61
C VAL H 147 14.32 12.15 -37.88
N PRO H 148 13.08 11.69 -38.05
CA PRO H 148 12.25 11.99 -39.23
C PRO H 148 11.91 13.48 -39.35
N HIS H 149 11.70 14.16 -38.24
CA HIS H 149 11.27 15.57 -38.28
C HIS H 149 12.00 16.45 -37.28
N PHE H 150 11.50 17.67 -37.09
CA PHE H 150 12.21 18.70 -36.34
C PHE H 150 11.74 18.92 -34.91
N ILE H 151 10.65 18.27 -34.52
CA ILE H 151 9.99 18.58 -33.25
C ILE H 151 10.90 18.52 -32.02
N ALA H 152 11.84 17.59 -32.00
CA ALA H 152 12.64 17.35 -30.80
C ALA H 152 14.06 17.92 -30.86
N ILE H 153 14.42 18.55 -31.98
CA ILE H 153 15.77 19.07 -32.17
C ILE H 153 16.18 20.11 -31.13
N GLY H 154 15.27 21.01 -30.78
CA GLY H 154 15.55 22.00 -29.76
C GLY H 154 15.93 21.38 -28.44
N PRO H 155 15.04 20.57 -27.86
CA PRO H 155 15.26 19.86 -26.59
C PRO H 155 16.50 18.96 -26.63
N ILE H 156 16.74 18.31 -27.76
CA ILE H 156 17.88 17.39 -27.89
C ILE H 156 19.21 18.14 -27.79
N LEU H 157 19.35 19.19 -28.61
CA LEU H 157 20.57 20.01 -28.58
C LEU H 157 20.82 20.59 -27.20
N HIS H 158 19.74 20.90 -26.49
CA HIS H 158 19.83 21.47 -25.15
C HIS H 158 20.55 20.54 -24.18
N SER H 159 20.17 19.27 -24.20
CA SER H 159 20.62 18.31 -23.20
C SER H 159 21.81 17.46 -23.64
N THR H 160 22.36 17.75 -24.81
CA THR H 160 23.48 16.98 -25.33
C THR H 160 24.58 17.86 -25.89
N ASP H 161 25.64 17.22 -26.38
CA ASP H 161 26.71 17.92 -27.07
C ASP H 161 26.58 17.71 -28.58
N LEU H 162 25.36 17.37 -29.00
CA LEU H 162 25.07 17.19 -30.42
C LEU H 162 24.92 18.53 -31.12
N ILE H 163 25.18 18.54 -32.42
CA ILE H 163 24.97 19.73 -33.24
C ILE H 163 24.05 19.37 -34.40
N ALA H 164 23.36 20.37 -34.95
CA ALA H 164 22.38 20.12 -35.99
C ALA H 164 22.44 21.13 -37.14
N THR H 165 22.20 20.64 -38.35
CA THR H 165 22.07 21.50 -39.51
C THR H 165 20.60 21.83 -39.70
N VAL H 166 20.24 23.08 -39.43
CA VAL H 166 18.84 23.49 -39.46
C VAL H 166 18.62 24.78 -40.23
N PRO H 167 17.41 24.95 -40.80
CA PRO H 167 17.03 26.21 -41.43
C PRO H 167 17.11 27.36 -40.44
N GLN H 168 17.55 28.53 -40.92
CA GLN H 168 17.78 29.67 -40.05
C GLN H 168 16.52 30.16 -39.33
N ARG H 169 15.36 29.91 -39.94
CA ARG H 169 14.09 30.33 -39.33
C ARG H 169 13.52 29.30 -38.36
N PHE H 170 14.16 28.13 -38.30
CA PHE H 170 13.84 27.17 -37.26
C PHE H 170 14.60 27.58 -36.00
N ALA H 171 15.85 27.98 -36.19
CA ALA H 171 16.68 28.46 -35.10
C ALA H 171 16.08 29.73 -34.49
N VAL H 172 15.46 30.54 -35.34
CA VAL H 172 14.80 31.76 -34.88
C VAL H 172 13.79 31.46 -33.78
N ARG H 173 13.03 30.39 -33.95
CA ARG H 173 12.01 29.99 -32.99
C ARG H 173 12.61 29.30 -31.78
N CYS H 174 13.72 28.60 -31.98
CA CYS H 174 14.26 27.71 -30.95
C CYS H 174 15.50 28.21 -30.22
N GLU H 175 16.23 29.13 -30.84
CA GLU H 175 17.51 29.58 -30.28
C GLU H 175 17.42 30.05 -28.84
N VAL H 176 16.48 30.94 -28.56
CA VAL H 176 16.34 31.51 -27.22
C VAL H 176 15.64 30.59 -26.23
N PRO H 177 14.48 30.03 -26.60
CA PRO H 177 13.72 29.17 -25.69
C PRO H 177 14.52 28.00 -25.13
N PHE H 178 15.48 27.49 -25.89
CA PHE H 178 16.23 26.30 -25.47
C PHE H 178 17.70 26.59 -25.17
N GLY H 179 18.03 27.87 -25.03
CA GLY H 179 19.38 28.27 -24.70
C GLY H 179 20.41 27.75 -25.70
N LEU H 180 20.15 28.00 -26.98
CA LEU H 180 21.01 27.50 -28.05
C LEU H 180 21.80 28.63 -28.72
N THR H 181 22.73 28.23 -29.58
CA THR H 181 23.54 29.17 -30.35
C THR H 181 23.60 28.71 -31.80
N THR H 182 23.63 29.67 -32.72
CA THR H 182 23.70 29.34 -34.14
C THR H 182 24.97 29.90 -34.77
N SER H 183 25.49 29.20 -35.77
CA SER H 183 26.66 29.65 -36.50
C SER H 183 26.41 29.55 -38.00
N PRO H 184 26.91 30.52 -38.78
CA PRO H 184 26.83 30.39 -40.24
C PRO H 184 27.40 29.05 -40.65
N HIS H 185 26.69 28.32 -41.50
CA HIS H 185 27.10 26.96 -41.85
C HIS H 185 28.42 26.93 -42.61
N PRO H 186 29.40 26.20 -42.07
CA PRO H 186 30.73 26.09 -42.68
C PRO H 186 30.71 25.25 -43.95
N ALA H 187 29.58 24.59 -44.20
CA ALA H 187 29.44 23.71 -45.35
C ALA H 187 29.19 24.48 -46.64
N LYS H 188 28.74 25.74 -46.50
CA LYS H 188 28.41 26.57 -47.66
C LYS H 188 27.31 25.94 -48.51
N LEU H 189 26.19 25.60 -47.89
CA LEU H 189 25.06 25.02 -48.59
C LEU H 189 24.29 26.08 -49.36
N PRO H 190 23.52 25.66 -50.37
CA PRO H 190 22.61 26.57 -51.10
C PRO H 190 21.47 27.05 -50.22
N ASP H 191 20.91 28.20 -50.54
CA ASP H 191 19.72 28.68 -49.84
C ASP H 191 18.49 27.92 -50.32
N ILE H 192 17.39 28.03 -49.57
CA ILE H 192 16.14 27.40 -49.97
C ILE H 192 15.01 28.42 -49.99
N ALA H 193 14.29 28.47 -51.09
CA ALA H 193 13.23 29.46 -51.27
C ALA H 193 11.87 28.94 -50.83
N ILE H 194 11.18 29.75 -50.02
CA ILE H 194 9.82 29.44 -49.60
C ILE H 194 8.84 30.28 -50.40
N ASN H 195 7.97 29.61 -51.15
CA ASN H 195 7.01 30.31 -52.00
C ASN H 195 5.58 30.17 -51.51
N LEU H 196 4.74 31.12 -51.90
CA LEU H 196 3.32 31.09 -51.57
C LEU H 196 2.54 30.63 -52.79
N PHE H 197 1.84 29.51 -52.66
CA PHE H 197 1.13 28.91 -53.78
C PHE H 197 -0.39 29.03 -53.64
N TRP H 198 -1.05 29.26 -54.77
CA TRP H 198 -2.50 29.22 -54.85
C TRP H 198 -2.94 28.89 -56.27
N HIS H 199 -4.08 28.21 -56.39
CA HIS H 199 -4.55 27.76 -57.69
C HIS H 199 -5.09 28.90 -58.53
N ALA H 200 -5.09 28.71 -59.85
CA ALA H 200 -5.55 29.72 -60.79
C ALA H 200 -7.03 30.05 -60.57
N LYS H 201 -7.79 29.05 -60.17
CA LYS H 201 -9.23 29.20 -59.97
C LYS H 201 -9.55 30.28 -58.95
N TYR H 202 -8.69 30.42 -57.94
CA TYR H 202 -8.95 31.33 -56.83
C TYR H 202 -8.08 32.58 -56.85
N ASN H 203 -7.49 32.85 -58.01
CA ASN H 203 -6.69 34.06 -58.20
C ASN H 203 -7.47 35.33 -57.90
N ARG H 204 -8.73 35.38 -58.29
CA ARG H 204 -9.56 36.56 -58.03
C ARG H 204 -10.42 36.42 -56.79
N ASP H 205 -10.53 35.21 -56.26
CA ASP H 205 -11.31 34.98 -55.05
C ASP H 205 -10.88 35.97 -53.96
N PRO H 206 -11.83 36.76 -53.45
CA PRO H 206 -11.57 37.84 -52.48
C PRO H 206 -10.91 37.36 -51.20
N GLY H 207 -11.49 36.33 -50.57
CA GLY H 207 -10.96 35.82 -49.33
C GLY H 207 -9.53 35.31 -49.47
N ASN H 208 -9.31 34.48 -50.49
CA ASN H 208 -7.98 33.96 -50.76
C ASN H 208 -7.00 35.10 -51.00
N MET H 209 -7.45 36.11 -51.73
CA MET H 209 -6.62 37.28 -52.02
C MET H 209 -6.24 38.04 -50.74
N TRP H 210 -7.18 38.15 -49.82
CA TRP H 210 -6.93 38.88 -48.58
C TRP H 210 -5.92 38.17 -47.70
N LEU H 211 -6.07 36.85 -47.59
CA LEU H 211 -5.20 36.06 -46.72
C LEU H 211 -3.77 36.00 -47.24
N ARG H 212 -3.61 35.88 -48.56
CA ARG H 212 -2.29 35.77 -49.15
C ARG H 212 -1.60 37.12 -49.25
N GLN H 213 -2.38 38.19 -49.29
CA GLN H 213 -1.84 39.53 -49.21
C GLN H 213 -1.27 39.76 -47.82
N LEU H 214 -1.89 39.09 -46.84
CA LEU H 214 -1.45 39.17 -45.46
C LEU H 214 -0.16 38.38 -45.25
N PHE H 215 -0.04 37.25 -45.93
CA PHE H 215 1.18 36.46 -45.88
C PHE H 215 2.37 37.23 -46.43
N VAL H 216 2.17 37.89 -47.57
CA VAL H 216 3.21 38.69 -48.19
C VAL H 216 3.60 39.86 -47.28
N GLU H 217 2.58 40.56 -46.77
CA GLU H 217 2.82 41.70 -45.88
C GLU H 217 3.64 41.29 -44.66
N LEU H 218 3.25 40.18 -44.04
CA LEU H 218 3.91 39.71 -42.82
C LEU H 218 5.28 39.07 -43.06
N PHE H 219 5.34 38.15 -44.03
CA PHE H 219 6.50 37.28 -44.15
C PHE H 219 7.42 37.53 -45.34
N SER H 220 6.98 38.34 -46.29
CA SER H 220 7.81 38.61 -47.47
C SER H 220 9.11 39.31 -47.08
N GLU H 221 10.17 39.02 -47.81
CA GLU H 221 11.50 39.51 -47.50
C GLU H 221 12.22 40.03 -48.75
#